data_6YC2
#
_entry.id   6YC2
#
_cell.length_a   135.540
_cell.length_b   240.130
_cell.length_c   138.580
_cell.angle_alpha   90.000
_cell.angle_beta   90.000
_cell.angle_gamma   90.000
#
_symmetry.space_group_name_H-M   'C 2 2 21'
#
loop_
_entity.id
_entity.type
_entity.pdbx_description
1 polymer 'Sodium pumping rhodopsin'
2 non-polymer 'SODIUM ION'
3 non-polymer EICOSANE
4 non-polymer '(2R)-2,3-dihydroxypropyl (9Z)-octadec-9-enoate'
5 non-polymer 'OLEIC ACID'
6 non-polymer ALANINE
7 water water
#
_entity_poly.entity_id   1
_entity_poly.type   'polypeptide(L)'
_entity_poly.pdbx_seq_one_letter_code
;QELGNANFENFIGATEGFSEIAYQFTSHILTLGYAVMLAGLLYFILTIKNVDKKFQMSNILSAVVMVSAFLLLYAQAQNW
TSSFTFNEEVGRYFLDPSGDLFNNGYRYLNWLIDVPMLLFQILFVVSLTTSKFSSVRNQFWFSGAMMIITGYIGQFYEVS
NLTAFLVWGAISSAFFFHILWVMKKVINEGKEGISPAGQKILSNIWILFLISWTLYPGAYLMPYLTGVDGFLYSEDGVMA
RQLVYTIADVSS(LYR)VIYGVLLGNLAITLSKNKEL
;
_entity_poly.pdbx_strand_id   A,B,C,D,E
#
# COMPACT_ATOMS: atom_id res chain seq x y z
N GLN A 1 -0.67 -23.50 -31.73
CA GLN A 1 -0.10 -22.44 -30.86
C GLN A 1 1.20 -22.96 -30.24
N GLU A 2 2.25 -22.13 -30.21
CA GLU A 2 3.60 -22.49 -29.67
C GLU A 2 3.80 -21.85 -28.30
N LEU A 3 3.95 -22.67 -27.25
CA LEU A 3 4.09 -22.22 -25.84
C LEU A 3 5.53 -22.43 -25.35
N GLY A 4 6.19 -23.49 -25.81
CA GLY A 4 7.58 -23.82 -25.47
C GLY A 4 7.72 -24.42 -24.08
N ASN A 5 8.67 -23.92 -23.28
CA ASN A 5 8.99 -24.42 -21.93
C ASN A 5 8.09 -23.73 -20.90
N ALA A 6 6.79 -24.02 -20.95
CA ALA A 6 5.74 -23.39 -20.13
C ALA A 6 5.10 -24.45 -19.22
N ASN A 7 4.52 -24.00 -18.10
CA ASN A 7 3.82 -24.85 -17.10
C ASN A 7 2.55 -25.41 -17.76
N PHE A 8 2.07 -26.55 -17.28
CA PHE A 8 0.96 -27.32 -17.89
C PHE A 8 -0.36 -26.52 -17.76
N GLU A 9 -0.46 -25.60 -16.80
CA GLU A 9 -1.68 -24.77 -16.60
C GLU A 9 -2.01 -24.07 -17.93
N ASN A 10 -0.98 -23.60 -18.64
CA ASN A 10 -1.10 -22.86 -19.92
C ASN A 10 -1.62 -23.78 -21.04
N PHE A 11 -1.20 -25.05 -21.05
CA PHE A 11 -1.60 -26.06 -22.07
C PHE A 11 -3.08 -26.40 -21.90
N ILE A 12 -3.53 -26.62 -20.66
CA ILE A 12 -4.95 -26.87 -20.34
C ILE A 12 -5.75 -25.62 -20.73
N GLY A 13 -5.25 -24.44 -20.35
CA GLY A 13 -5.90 -23.14 -20.59
C GLY A 13 -6.03 -22.82 -22.07
N ALA A 14 -5.08 -23.30 -22.89
CA ALA A 14 -5.00 -23.02 -24.34
C ALA A 14 -5.85 -24.02 -25.14
N THR A 15 -6.06 -25.24 -24.64
CA THR A 15 -6.77 -26.34 -25.35
C THR A 15 -8.20 -26.50 -24.82
N GLU A 16 -8.36 -27.04 -23.62
CA GLU A 16 -9.70 -27.31 -22.99
C GLU A 16 -10.30 -26.02 -22.42
N GLY A 17 -9.46 -25.13 -21.87
CA GLY A 17 -9.92 -23.95 -21.13
C GLY A 17 -10.37 -24.35 -19.74
N PHE A 18 -10.78 -23.38 -18.91
CA PHE A 18 -11.20 -23.62 -17.51
C PHE A 18 -12.67 -23.27 -17.33
N SER A 19 -13.41 -24.16 -16.66
CA SER A 19 -14.79 -23.93 -16.20
C SER A 19 -14.76 -22.81 -15.16
N GLU A 20 -15.91 -22.19 -14.89
CA GLU A 20 -16.10 -21.13 -13.87
C GLU A 20 -15.53 -21.61 -12.53
N ILE A 21 -15.90 -22.82 -12.09
CA ILE A 21 -15.48 -23.40 -10.79
C ILE A 21 -13.95 -23.49 -10.71
N ALA A 22 -13.30 -24.08 -11.73
CA ALA A 22 -11.85 -24.28 -11.78
C ALA A 22 -11.12 -22.92 -11.71
N TYR A 23 -11.55 -21.96 -12.53
CA TYR A 23 -10.94 -20.60 -12.60
C TYR A 23 -11.14 -19.84 -11.28
N GLN A 24 -12.38 -19.81 -10.79
CA GLN A 24 -12.76 -19.07 -9.56
C GLN A 24 -12.06 -19.69 -8.35
N PHE A 25 -12.10 -21.02 -8.22
CA PHE A 25 -11.49 -21.74 -7.08
C PHE A 25 -10.01 -21.40 -6.98
N THR A 26 -9.29 -21.49 -8.09
CA THR A 26 -7.83 -21.20 -8.15
C THR A 26 -7.60 -19.75 -7.69
N SER A 27 -8.46 -18.82 -8.13
N SER A 27 -8.45 -18.82 -8.14
CA SER A 27 -8.41 -17.38 -7.78
CA SER A 27 -8.42 -17.37 -7.78
C SER A 27 -8.66 -17.20 -6.27
C SER A 27 -8.66 -17.20 -6.27
N HIS A 28 -9.63 -17.92 -5.73
CA HIS A 28 -10.03 -17.86 -4.29
C HIS A 28 -8.91 -18.40 -3.39
N ILE A 29 -8.35 -19.56 -3.73
CA ILE A 29 -7.35 -20.27 -2.90
C ILE A 29 -6.05 -19.42 -2.84
N LEU A 30 -5.67 -18.79 -3.95
CA LEU A 30 -4.47 -17.92 -4.01
C LEU A 30 -4.74 -16.63 -3.21
N THR A 31 -5.97 -16.12 -3.23
CA THR A 31 -6.38 -14.89 -2.49
C THR A 31 -6.33 -15.19 -0.99
N LEU A 32 -6.91 -16.32 -0.56
CA LEU A 32 -6.86 -16.81 0.84
C LEU A 32 -5.38 -16.91 1.24
N GLY A 33 -4.55 -17.45 0.35
CA GLY A 33 -3.10 -17.62 0.55
C GLY A 33 -2.44 -16.35 1.06
N TYR A 34 -2.52 -15.25 0.31
CA TYR A 34 -1.81 -13.98 0.65
C TYR A 34 -2.48 -13.32 1.86
N ALA A 35 -3.80 -13.49 2.03
CA ALA A 35 -4.55 -12.94 3.17
C ALA A 35 -4.03 -13.54 4.48
N VAL A 36 -3.79 -14.86 4.48
CA VAL A 36 -3.27 -15.62 5.66
C VAL A 36 -1.89 -15.09 6.03
N MET A 37 -1.04 -14.80 5.04
CA MET A 37 0.36 -14.35 5.27
C MET A 37 0.37 -12.95 5.91
N LEU A 38 -0.50 -12.04 5.46
CA LEU A 38 -0.54 -10.66 6.01
C LEU A 38 -1.12 -10.71 7.43
N ALA A 39 -2.09 -11.58 7.68
CA ALA A 39 -2.70 -11.80 9.01
C ALA A 39 -1.63 -12.36 9.96
N GLY A 40 -0.85 -13.33 9.46
CA GLY A 40 0.27 -13.95 10.22
C GLY A 40 1.32 -12.93 10.58
N LEU A 41 1.68 -12.06 9.63
CA LEU A 41 2.67 -10.97 9.84
C LEU A 41 2.27 -10.17 11.08
N LEU A 42 0.99 -9.77 11.14
CA LEU A 42 0.41 -8.96 12.24
C LEU A 42 0.53 -9.75 13.56
N TYR A 43 0.18 -11.04 13.53
CA TYR A 43 0.21 -11.92 14.72
C TYR A 43 1.65 -12.03 15.28
N PHE A 44 2.64 -12.26 14.43
CA PHE A 44 4.05 -12.48 14.85
C PHE A 44 4.64 -11.20 15.43
N ILE A 45 4.31 -10.04 14.86
CA ILE A 45 4.80 -8.72 15.36
C ILE A 45 4.15 -8.42 16.71
N LEU A 46 2.83 -8.62 16.83
CA LEU A 46 2.04 -8.24 18.03
C LEU A 46 2.35 -9.14 19.23
N THR A 47 2.93 -10.34 19.03
CA THR A 47 3.21 -11.33 20.12
C THR A 47 4.71 -11.42 20.42
N ILE A 48 5.51 -10.51 19.87
N ILE A 48 5.51 -10.53 19.85
CA ILE A 48 7.00 -10.50 20.01
CA ILE A 48 7.00 -10.50 20.01
C ILE A 48 7.37 -10.41 21.49
C ILE A 48 7.37 -10.43 21.50
N LYS A 49 6.67 -9.58 22.26
CA LYS A 49 6.96 -9.32 23.70
C LYS A 49 6.39 -10.43 24.61
N ASN A 50 5.89 -11.53 24.05
CA ASN A 50 5.29 -12.66 24.82
C ASN A 50 6.36 -13.70 25.16
N VAL A 51 7.59 -13.54 24.67
CA VAL A 51 8.69 -14.53 24.88
C VAL A 51 9.95 -13.77 25.34
N ASP A 52 10.87 -14.49 26.00
CA ASP A 52 12.16 -13.94 26.49
C ASP A 52 12.94 -13.40 25.30
N LYS A 53 13.72 -12.33 25.52
CA LYS A 53 14.54 -11.63 24.49
C LYS A 53 15.24 -12.64 23.56
N LYS A 54 15.81 -13.72 24.12
CA LYS A 54 16.66 -14.68 23.36
C LYS A 54 15.84 -15.43 22.31
N PHE A 55 14.52 -15.52 22.46
CA PHE A 55 13.62 -16.29 21.56
C PHE A 55 12.93 -15.38 20.53
N GLN A 56 13.03 -14.06 20.68
CA GLN A 56 12.30 -13.06 19.86
C GLN A 56 12.74 -13.11 18.40
N MET A 57 13.97 -13.58 18.12
CA MET A 57 14.50 -13.70 16.74
C MET A 57 13.59 -14.64 15.94
N SER A 58 12.94 -15.60 16.60
CA SER A 58 12.00 -16.56 15.96
C SER A 58 10.79 -15.80 15.39
N ASN A 59 10.17 -14.94 16.20
CA ASN A 59 9.02 -14.09 15.78
C ASN A 59 9.46 -13.22 14.59
N ILE A 60 10.65 -12.62 14.69
CA ILE A 60 11.20 -11.69 13.66
C ILE A 60 11.36 -12.42 12.32
N LEU A 61 11.93 -13.63 12.35
CA LEU A 61 12.17 -14.44 11.11
C LEU A 61 10.83 -14.93 10.56
N SER A 62 9.86 -15.24 11.42
CA SER A 62 8.48 -15.61 10.99
C SER A 62 7.89 -14.42 10.22
N ALA A 63 8.03 -13.21 10.76
CA ALA A 63 7.56 -11.95 10.15
C ALA A 63 8.22 -11.77 8.79
N VAL A 64 9.54 -11.97 8.72
CA VAL A 64 10.33 -11.86 7.47
C VAL A 64 9.74 -12.80 6.40
N VAL A 65 9.46 -14.05 6.78
CA VAL A 65 8.89 -15.08 5.87
C VAL A 65 7.49 -14.63 5.43
N MET A 66 6.68 -14.09 6.34
CA MET A 66 5.30 -13.62 6.04
C MET A 66 5.33 -12.55 4.94
N VAL A 67 6.28 -11.60 5.02
CA VAL A 67 6.44 -10.50 4.04
C VAL A 67 6.70 -11.12 2.66
N SER A 68 7.68 -12.03 2.58
CA SER A 68 8.05 -12.81 1.37
C SER A 68 6.80 -13.47 0.79
N ALA A 69 6.11 -14.28 1.60
CA ALA A 69 4.94 -15.09 1.21
C ALA A 69 3.81 -14.18 0.73
N PHE A 70 3.51 -13.10 1.46
CA PHE A 70 2.42 -12.15 1.11
C PHE A 70 2.67 -11.58 -0.29
N LEU A 71 3.84 -10.98 -0.50
CA LEU A 71 4.21 -10.31 -1.78
C LEU A 71 4.11 -11.30 -2.94
N LEU A 72 4.62 -12.52 -2.76
CA LEU A 72 4.68 -13.55 -3.83
C LEU A 72 3.27 -14.04 -4.15
N LEU A 73 2.50 -14.44 -3.13
CA LEU A 73 1.14 -15.00 -3.32
C LEU A 73 0.23 -13.91 -3.90
N TYR A 74 0.43 -12.65 -3.53
CA TYR A 74 -0.33 -11.51 -4.08
C TYR A 74 -0.03 -11.39 -5.58
N ALA A 75 1.25 -11.39 -5.95
CA ALA A 75 1.74 -11.32 -7.34
C ALA A 75 1.16 -12.51 -8.12
N GLN A 76 1.24 -13.71 -7.56
CA GLN A 76 0.79 -14.98 -8.23
C GLN A 76 -0.72 -14.94 -8.45
N ALA A 77 -1.49 -14.40 -7.50
CA ALA A 77 -2.96 -14.23 -7.62
C ALA A 77 -3.29 -13.32 -8.81
N GLN A 78 -2.56 -12.21 -8.97
CA GLN A 78 -2.76 -11.25 -10.10
C GLN A 78 -2.37 -11.92 -11.42
N ASN A 79 -1.28 -12.70 -11.41
CA ASN A 79 -0.76 -13.42 -12.60
C ASN A 79 -1.84 -14.38 -13.11
N TRP A 80 -2.50 -15.08 -12.20
CA TRP A 80 -3.55 -16.08 -12.54
C TRP A 80 -4.71 -15.40 -13.29
N THR A 81 -5.26 -14.31 -12.72
CA THR A 81 -6.46 -13.63 -13.25
C THR A 81 -6.17 -12.93 -14.58
N SER A 82 -4.93 -12.51 -14.82
CA SER A 82 -4.54 -11.76 -16.03
C SER A 82 -4.21 -12.71 -17.19
N SER A 83 -3.90 -13.98 -16.90
CA SER A 83 -3.44 -15.00 -17.88
C SER A 83 -4.59 -15.77 -18.51
N PHE A 84 -5.78 -15.76 -17.91
CA PHE A 84 -6.97 -16.52 -18.41
C PHE A 84 -8.18 -15.58 -18.45
N THR A 85 -8.81 -15.52 -19.63
CA THR A 85 -9.93 -14.62 -19.96
C THR A 85 -11.13 -15.45 -20.41
N PHE A 86 -12.33 -15.02 -20.01
CA PHE A 86 -13.61 -15.69 -20.31
C PHE A 86 -13.95 -15.54 -21.80
N ASN A 87 -14.35 -16.65 -22.40
CA ASN A 87 -14.87 -16.73 -23.79
C ASN A 87 -16.38 -16.93 -23.68
N GLU A 88 -17.17 -15.91 -24.03
CA GLU A 88 -18.65 -15.88 -23.84
C GLU A 88 -19.36 -16.90 -24.76
N GLU A 89 -18.75 -17.29 -25.88
CA GLU A 89 -19.34 -18.25 -26.85
C GLU A 89 -19.40 -19.66 -26.26
N VAL A 90 -18.37 -20.08 -25.53
CA VAL A 90 -18.24 -21.48 -24.98
C VAL A 90 -18.42 -21.47 -23.45
N GLY A 91 -18.24 -20.31 -22.80
CA GLY A 91 -18.41 -20.14 -21.35
C GLY A 91 -17.28 -20.77 -20.54
N ARG A 92 -16.04 -20.61 -21.02
CA ARG A 92 -14.82 -21.12 -20.35
C ARG A 92 -13.73 -20.06 -20.44
N TYR A 93 -12.76 -20.10 -19.53
CA TYR A 93 -11.59 -19.19 -19.50
C TYR A 93 -10.46 -19.84 -20.27
N PHE A 94 -9.91 -19.11 -21.26
CA PHE A 94 -8.82 -19.59 -22.14
C PHE A 94 -7.57 -18.71 -21.93
N LEU A 95 -6.40 -19.30 -22.21
CA LEU A 95 -5.10 -18.59 -22.14
C LEU A 95 -5.24 -17.26 -22.87
N ASP A 96 -4.93 -16.16 -22.17
CA ASP A 96 -4.84 -14.79 -22.73
C ASP A 96 -3.37 -14.40 -22.73
N PRO A 97 -2.66 -14.57 -23.86
CA PRO A 97 -1.21 -14.37 -23.91
C PRO A 97 -0.74 -12.94 -23.57
N SER A 98 -1.61 -11.94 -23.73
CA SER A 98 -1.32 -10.51 -23.44
C SER A 98 -1.05 -10.33 -21.94
N GLY A 99 -1.51 -11.27 -21.11
CA GLY A 99 -1.32 -11.25 -19.64
C GLY A 99 -0.08 -12.03 -19.23
N ASP A 100 0.68 -12.52 -20.21
CA ASP A 100 1.86 -13.39 -20.01
C ASP A 100 1.38 -14.82 -19.74
N LEU A 101 2.26 -15.80 -19.92
CA LEU A 101 1.97 -17.21 -19.55
C LEU A 101 2.03 -17.30 -18.03
N PHE A 102 1.25 -18.20 -17.42
CA PHE A 102 1.28 -18.46 -15.96
C PHE A 102 2.52 -19.32 -15.69
N ASN A 103 3.22 -19.04 -14.60
CA ASN A 103 4.44 -19.78 -14.20
C ASN A 103 4.50 -19.85 -12.67
N ASN A 104 4.74 -21.05 -12.13
CA ASN A 104 4.84 -21.34 -10.69
C ASN A 104 6.23 -20.94 -10.18
N GLY A 105 7.16 -20.64 -11.10
CA GLY A 105 8.56 -20.26 -10.83
C GLY A 105 8.69 -19.12 -9.83
N TYR A 106 7.72 -18.21 -9.79
CA TYR A 106 7.67 -17.09 -8.82
C TYR A 106 7.89 -17.65 -7.40
N ARG A 107 7.11 -18.67 -7.03
CA ARG A 107 7.19 -19.37 -5.72
C ARG A 107 8.62 -19.84 -5.45
N TYR A 108 9.20 -20.56 -6.40
CA TYR A 108 10.53 -21.22 -6.28
C TYR A 108 11.58 -20.22 -5.82
N LEU A 109 11.74 -19.11 -6.54
CA LEU A 109 12.80 -18.10 -6.26
C LEU A 109 12.57 -17.44 -4.90
N ASN A 110 11.32 -17.28 -4.47
CA ASN A 110 11.00 -16.68 -3.15
C ASN A 110 11.28 -17.69 -2.03
N TRP A 111 11.38 -18.98 -2.36
CA TRP A 111 11.77 -20.05 -1.39
C TRP A 111 13.22 -19.83 -0.95
N LEU A 112 14.01 -19.10 -1.75
CA LEU A 112 15.40 -18.72 -1.43
C LEU A 112 15.40 -17.83 -0.17
N ILE A 113 14.25 -17.26 0.16
CA ILE A 113 14.05 -16.51 1.44
C ILE A 113 13.48 -17.49 2.47
N ASP A 114 12.32 -18.06 2.16
CA ASP A 114 11.49 -18.89 3.07
C ASP A 114 12.30 -20.04 3.65
N VAL A 115 12.84 -20.93 2.80
CA VAL A 115 13.52 -22.20 3.21
C VAL A 115 14.68 -21.90 4.17
N PRO A 116 15.67 -21.06 3.79
CA PRO A 116 16.78 -20.75 4.68
C PRO A 116 16.35 -20.19 6.05
N MET A 117 15.35 -19.31 6.05
CA MET A 117 14.86 -18.61 7.27
C MET A 117 14.07 -19.60 8.15
N LEU A 118 13.23 -20.44 7.54
CA LEU A 118 12.38 -21.44 8.26
C LEU A 118 13.29 -22.45 8.98
N LEU A 119 14.37 -22.87 8.32
CA LEU A 119 15.35 -23.86 8.87
C LEU A 119 16.19 -23.19 9.95
N PHE A 120 16.61 -21.95 9.71
CA PHE A 120 17.48 -21.15 10.61
C PHE A 120 16.77 -20.86 11.93
N GLN A 121 15.48 -20.47 11.88
CA GLN A 121 14.74 -19.91 13.05
C GLN A 121 14.61 -20.93 14.18
N ILE A 122 14.51 -22.23 13.89
CA ILE A 122 14.35 -23.28 14.94
C ILE A 122 15.60 -23.31 15.83
N LEU A 123 16.76 -22.94 15.27
CA LEU A 123 18.08 -22.95 15.96
C LEU A 123 18.16 -21.85 17.02
N PHE A 124 17.16 -20.97 17.10
CA PHE A 124 17.10 -19.85 18.07
C PHE A 124 16.21 -20.22 19.26
N VAL A 125 15.54 -21.38 19.17
CA VAL A 125 14.57 -21.85 20.19
C VAL A 125 15.13 -23.10 20.88
N VAL A 126 15.64 -24.07 20.10
CA VAL A 126 16.20 -25.34 20.64
C VAL A 126 17.69 -25.16 20.92
N SER A 127 18.22 -25.98 21.82
CA SER A 127 19.66 -26.07 22.17
C SER A 127 20.23 -27.37 21.59
N LEU A 128 21.23 -27.26 20.72
CA LEU A 128 21.95 -28.42 20.13
C LEU A 128 22.85 -29.02 21.22
N THR A 129 23.12 -30.32 21.15
CA THR A 129 23.97 -31.05 22.14
C THR A 129 25.29 -31.42 21.43
N THR A 130 25.27 -32.39 20.54
CA THR A 130 26.46 -32.93 19.84
C THR A 130 26.79 -32.08 18.60
N SER A 131 25.77 -31.59 17.88
CA SER A 131 25.91 -30.84 16.61
C SER A 131 26.32 -29.38 16.85
N LYS A 132 27.09 -28.79 15.94
CA LYS A 132 27.55 -27.38 16.00
C LYS A 132 26.52 -26.50 15.24
N PHE A 133 26.12 -25.39 15.86
CA PHE A 133 25.14 -24.41 15.33
C PHE A 133 25.48 -24.03 13.89
N SER A 134 26.71 -23.53 13.67
CA SER A 134 27.22 -23.01 12.37
C SER A 134 27.21 -24.12 11.31
N SER A 135 27.54 -25.35 11.71
CA SER A 135 27.60 -26.53 10.82
C SER A 135 26.20 -26.87 10.29
N VAL A 136 25.22 -26.97 11.20
CA VAL A 136 23.79 -27.30 10.87
C VAL A 136 23.25 -26.19 9.96
N ARG A 137 23.46 -24.92 10.34
CA ARG A 137 23.01 -23.73 9.56
C ARG A 137 23.51 -23.85 8.12
N ASN A 138 24.81 -24.07 7.93
CA ASN A 138 25.51 -24.13 6.62
C ASN A 138 24.93 -25.28 5.77
N GLN A 139 24.67 -26.44 6.39
CA GLN A 139 24.11 -27.63 5.69
C GLN A 139 22.70 -27.30 5.21
N PHE A 140 21.87 -26.72 6.09
CA PHE A 140 20.49 -26.29 5.78
C PHE A 140 20.49 -25.33 4.58
N TRP A 141 21.34 -24.31 4.63
CA TRP A 141 21.42 -23.21 3.63
C TRP A 141 21.93 -23.73 2.28
N PHE A 142 22.98 -24.57 2.27
CA PHE A 142 23.54 -25.14 1.02
C PHE A 142 22.53 -26.09 0.37
N SER A 143 22.04 -27.08 1.12
CA SER A 143 21.08 -28.09 0.62
C SER A 143 19.76 -27.42 0.23
N GLY A 144 19.32 -26.43 1.01
CA GLY A 144 18.10 -25.65 0.72
C GLY A 144 18.20 -24.98 -0.64
N ALA A 145 19.29 -24.25 -0.87
CA ALA A 145 19.56 -23.50 -2.12
C ALA A 145 19.58 -24.45 -3.31
N MET A 146 20.34 -25.56 -3.21
CA MET A 146 20.50 -26.56 -4.31
C MET A 146 19.15 -27.23 -4.61
N MET A 147 18.38 -27.53 -3.58
CA MET A 147 17.03 -28.16 -3.70
C MET A 147 16.14 -27.26 -4.56
N ILE A 148 16.11 -25.96 -4.23
CA ILE A 148 15.25 -24.93 -4.88
C ILE A 148 15.69 -24.71 -6.34
N ILE A 149 16.98 -24.42 -6.54
CA ILE A 149 17.56 -24.07 -7.88
C ILE A 149 17.33 -25.24 -8.86
N THR A 150 17.60 -26.48 -8.46
CA THR A 150 17.45 -27.68 -9.33
C THR A 150 15.96 -27.87 -9.67
N GLY A 151 15.07 -27.71 -8.69
CA GLY A 151 13.61 -27.81 -8.88
C GLY A 151 13.10 -26.72 -9.80
N TYR A 152 13.64 -25.51 -9.67
CA TYR A 152 13.28 -24.31 -10.46
C TYR A 152 13.53 -24.61 -11.95
N ILE A 153 14.70 -25.16 -12.26
CA ILE A 153 15.12 -25.55 -13.64
C ILE A 153 14.15 -26.62 -14.15
N GLY A 154 13.86 -27.63 -13.32
CA GLY A 154 13.03 -28.78 -13.67
C GLY A 154 11.62 -28.40 -14.11
N GLN A 155 10.96 -27.50 -13.37
CA GLN A 155 9.52 -27.16 -13.55
C GLN A 155 9.27 -26.48 -14.90
N PHE A 156 10.29 -25.90 -15.52
CA PHE A 156 10.19 -25.24 -16.86
C PHE A 156 9.95 -26.28 -17.95
N TYR A 157 10.23 -27.55 -17.65
CA TYR A 157 10.22 -28.67 -18.63
C TYR A 157 9.12 -29.67 -18.30
N GLU A 158 8.20 -29.33 -17.39
CA GLU A 158 7.15 -30.26 -16.91
C GLU A 158 6.27 -30.73 -18.08
N VAL A 159 6.28 -30.02 -19.21
CA VAL A 159 5.51 -30.42 -20.43
C VAL A 159 6.45 -30.64 -21.62
N SER A 160 7.37 -29.71 -21.87
CA SER A 160 8.26 -29.68 -23.06
C SER A 160 9.26 -30.84 -23.04
N ASN A 161 9.62 -31.37 -21.87
CA ASN A 161 10.68 -32.41 -21.74
C ASN A 161 10.54 -33.15 -20.40
N LEU A 162 9.71 -34.19 -20.37
CA LEU A 162 9.37 -34.99 -19.17
C LEU A 162 10.64 -35.57 -18.53
N THR A 163 11.64 -35.92 -19.34
CA THR A 163 12.91 -36.55 -18.89
C THR A 163 13.67 -35.56 -17.99
N ALA A 164 13.99 -34.36 -18.52
CA ALA A 164 14.67 -33.28 -17.79
C ALA A 164 13.91 -32.98 -16.49
N PHE A 165 12.58 -32.86 -16.60
CA PHE A 165 11.64 -32.60 -15.48
C PHE A 165 11.91 -33.58 -14.33
N LEU A 166 11.99 -34.88 -14.64
CA LEU A 166 12.16 -35.97 -13.63
C LEU A 166 13.61 -36.01 -13.10
N VAL A 167 14.60 -35.83 -13.96
CA VAL A 167 16.05 -35.87 -13.58
C VAL A 167 16.32 -34.75 -12.57
N TRP A 168 16.00 -33.51 -12.92
CA TRP A 168 16.19 -32.32 -12.04
C TRP A 168 15.40 -32.53 -10.74
N GLY A 169 14.19 -33.09 -10.84
CA GLY A 169 13.34 -33.39 -9.67
C GLY A 169 14.02 -34.39 -8.74
N ALA A 170 14.65 -35.41 -9.31
CA ALA A 170 15.36 -36.50 -8.60
C ALA A 170 16.57 -35.91 -7.85
N ILE A 171 17.40 -35.14 -8.56
CA ILE A 171 18.60 -34.44 -7.98
C ILE A 171 18.12 -33.58 -6.80
N SER A 172 17.04 -32.82 -7.00
CA SER A 172 16.43 -31.93 -5.99
C SER A 172 16.05 -32.75 -4.74
N SER A 173 15.42 -33.91 -4.94
CA SER A 173 14.95 -34.83 -3.87
C SER A 173 16.12 -35.28 -2.99
N ALA A 174 17.30 -35.50 -3.57
CA ALA A 174 18.54 -35.88 -2.85
C ALA A 174 18.80 -34.85 -1.75
N PHE A 175 18.80 -33.56 -2.10
CA PHE A 175 19.06 -32.43 -1.17
C PHE A 175 17.94 -32.35 -0.13
N PHE A 176 16.70 -32.67 -0.53
CA PHE A 176 15.51 -32.68 0.35
C PHE A 176 15.73 -33.71 1.47
N PHE A 177 16.14 -34.93 1.11
CA PHE A 177 16.40 -36.05 2.05
C PHE A 177 17.47 -35.63 3.06
N HIS A 178 18.52 -34.93 2.60
CA HIS A 178 19.61 -34.42 3.47
C HIS A 178 19.02 -33.46 4.51
N ILE A 179 18.16 -32.53 4.08
CA ILE A 179 17.50 -31.54 4.97
C ILE A 179 16.69 -32.30 6.04
N LEU A 180 15.88 -33.28 5.62
CA LEU A 180 15.04 -34.10 6.53
C LEU A 180 15.94 -34.77 7.57
N TRP A 181 17.08 -35.30 7.13
CA TRP A 181 18.10 -35.97 7.97
C TRP A 181 18.56 -35.00 9.08
N VAL A 182 19.10 -33.85 8.69
CA VAL A 182 19.66 -32.81 9.61
C VAL A 182 18.55 -32.33 10.56
N MET A 183 17.34 -32.08 10.05
CA MET A 183 16.21 -31.57 10.86
C MET A 183 15.87 -32.60 11.95
N LYS A 184 15.86 -33.89 11.60
CA LYS A 184 15.58 -35.01 12.55
C LYS A 184 16.58 -34.93 13.71
N LYS A 185 17.87 -34.78 13.41
CA LYS A 185 18.96 -34.63 14.42
C LYS A 185 18.65 -33.44 15.33
N VAL A 186 18.36 -32.28 14.73
CA VAL A 186 18.08 -31.00 15.47
C VAL A 186 16.92 -31.23 16.45
N ILE A 187 15.86 -31.89 15.99
CA ILE A 187 14.63 -32.17 16.82
C ILE A 187 15.03 -33.05 18.01
N ASN A 188 15.79 -34.12 17.76
CA ASN A 188 16.25 -35.10 18.78
C ASN A 188 17.10 -34.40 19.84
N GLU A 189 18.14 -33.67 19.43
CA GLU A 189 19.03 -32.90 20.34
C GLU A 189 18.20 -31.84 21.08
N GLY A 190 17.20 -31.26 20.40
CA GLY A 190 16.31 -30.23 20.98
C GLY A 190 15.47 -30.79 22.12
N LYS A 191 15.02 -32.04 21.98
CA LYS A 191 14.18 -32.76 22.97
C LYS A 191 14.97 -33.06 24.25
N GLU A 192 16.28 -33.28 24.12
CA GLU A 192 17.19 -33.61 25.26
C GLU A 192 17.22 -32.47 26.26
N GLY A 193 16.83 -32.75 27.51
CA GLY A 193 16.96 -31.85 28.68
C GLY A 193 15.92 -30.75 28.75
N ILE A 194 14.72 -30.97 28.19
CA ILE A 194 13.60 -29.97 28.28
C ILE A 194 12.34 -30.67 28.81
N SER A 195 11.38 -29.88 29.29
CA SER A 195 10.12 -30.32 29.92
C SER A 195 9.31 -31.22 28.99
N PRO A 196 8.44 -32.09 29.56
CA PRO A 196 7.55 -32.93 28.76
C PRO A 196 6.74 -32.13 27.74
N ALA A 197 6.27 -30.95 28.16
CA ALA A 197 5.47 -30.00 27.35
C ALA A 197 6.26 -29.61 26.11
N GLY A 198 7.53 -29.21 26.30
CA GLY A 198 8.44 -28.82 25.22
C GLY A 198 8.67 -29.96 24.24
N GLN A 199 8.83 -31.18 24.76
CA GLN A 199 9.10 -32.40 23.95
C GLN A 199 7.87 -32.71 23.09
N LYS A 200 6.67 -32.57 23.66
CA LYS A 200 5.39 -32.81 22.96
C LYS A 200 5.31 -31.88 21.74
N ILE A 201 5.58 -30.59 21.93
CA ILE A 201 5.51 -29.54 20.87
C ILE A 201 6.52 -29.86 19.77
N LEU A 202 7.76 -30.22 20.13
CA LEU A 202 8.84 -30.56 19.16
C LEU A 202 8.41 -31.78 18.33
N SER A 203 7.68 -32.72 18.94
CA SER A 203 7.17 -33.94 18.25
C SER A 203 6.17 -33.51 17.18
N ASN A 204 5.24 -32.61 17.55
CA ASN A 204 4.22 -32.02 16.65
C ASN A 204 4.92 -31.27 15.51
N ILE A 205 5.93 -30.47 15.83
CA ILE A 205 6.71 -29.67 14.85
C ILE A 205 7.31 -30.62 13.79
N TRP A 206 7.87 -31.75 14.23
CA TRP A 206 8.53 -32.74 13.32
C TRP A 206 7.51 -33.33 12.35
N ILE A 207 6.33 -33.72 12.83
CA ILE A 207 5.24 -34.28 12.00
C ILE A 207 4.79 -33.23 10.98
N LEU A 208 4.46 -32.02 11.45
CA LEU A 208 4.05 -30.87 10.61
C LEU A 208 5.11 -30.63 9.52
N PHE A 209 6.38 -30.52 9.92
CA PHE A 209 7.51 -30.27 9.00
C PHE A 209 7.52 -31.35 7.90
N LEU A 210 7.47 -32.62 8.31
CA LEU A 210 7.57 -33.80 7.42
C LEU A 210 6.46 -33.77 6.37
N ILE A 211 5.21 -33.70 6.79
CA ILE A 211 4.01 -33.72 5.90
C ILE A 211 3.99 -32.46 5.01
N SER A 212 4.07 -31.28 5.60
CA SER A 212 3.93 -29.97 4.90
C SER A 212 5.01 -29.79 3.83
N TRP A 213 6.25 -30.18 4.10
CA TRP A 213 7.41 -30.01 3.17
C TRP A 213 7.32 -31.03 2.03
N THR A 214 6.71 -32.18 2.28
CA THR A 214 6.55 -33.28 1.29
C THR A 214 5.50 -32.88 0.26
N LEU A 215 4.53 -32.05 0.65
CA LEU A 215 3.42 -31.57 -0.24
C LEU A 215 4.00 -30.83 -1.46
N TYR A 216 5.13 -30.11 -1.29
CA TYR A 216 5.76 -29.30 -2.35
C TYR A 216 6.17 -30.18 -3.53
N PRO A 217 6.98 -31.24 -3.33
CA PRO A 217 7.28 -32.19 -4.41
C PRO A 217 5.99 -32.83 -4.96
N GLY A 218 4.98 -33.00 -4.11
CA GLY A 218 3.65 -33.50 -4.53
C GLY A 218 3.05 -32.58 -5.59
N ALA A 219 3.08 -31.27 -5.34
CA ALA A 219 2.59 -30.21 -6.26
C ALA A 219 3.39 -30.24 -7.56
N TYR A 220 4.70 -30.48 -7.47
CA TYR A 220 5.63 -30.60 -8.62
C TYR A 220 5.14 -31.69 -9.58
N LEU A 221 4.84 -32.89 -9.05
CA LEU A 221 4.45 -34.10 -9.84
C LEU A 221 2.95 -34.10 -10.17
N MET A 222 2.16 -33.28 -9.47
CA MET A 222 0.66 -33.30 -9.51
C MET A 222 0.11 -33.69 -10.87
N PRO A 223 0.45 -33.00 -11.98
CA PRO A 223 -0.17 -33.28 -13.27
C PRO A 223 0.00 -34.71 -13.77
N TYR A 224 0.99 -35.45 -13.26
CA TYR A 224 1.37 -36.80 -13.73
C TYR A 224 1.16 -37.88 -12.67
N LEU A 225 0.55 -37.54 -11.52
CA LEU A 225 0.35 -38.51 -10.40
C LEU A 225 -0.69 -39.58 -10.78
N THR A 226 -1.41 -39.38 -11.88
CA THR A 226 -2.38 -40.37 -12.45
C THR A 226 -1.91 -40.75 -13.85
N GLY A 227 -0.59 -40.65 -14.10
CA GLY A 227 0.07 -40.97 -15.38
C GLY A 227 -0.24 -39.93 -16.45
N VAL A 228 0.45 -40.02 -17.60
CA VAL A 228 0.22 -39.17 -18.80
C VAL A 228 -1.25 -39.34 -19.23
N ASP A 229 -1.92 -38.25 -19.58
CA ASP A 229 -3.35 -38.24 -20.01
C ASP A 229 -4.22 -38.92 -18.94
N GLY A 230 -3.90 -38.68 -17.66
CA GLY A 230 -4.70 -39.17 -16.50
C GLY A 230 -5.72 -38.13 -16.06
N PHE A 231 -6.55 -38.48 -15.07
CA PHE A 231 -7.60 -37.62 -14.48
C PHE A 231 -7.03 -36.24 -14.10
N LEU A 232 -5.80 -36.20 -13.59
CA LEU A 232 -5.16 -34.99 -13.02
C LEU A 232 -4.50 -34.13 -14.11
N TYR A 233 -4.29 -34.66 -15.32
CA TYR A 233 -3.78 -33.85 -16.46
C TYR A 233 -4.97 -33.13 -17.09
N SER A 234 -5.55 -32.21 -16.31
CA SER A 234 -6.79 -31.46 -16.62
C SER A 234 -6.88 -30.23 -15.70
N GLU A 235 -8.02 -29.55 -15.72
CA GLU A 235 -8.30 -28.37 -14.84
C GLU A 235 -8.35 -28.86 -13.38
N ASP A 236 -8.70 -30.13 -13.18
CA ASP A 236 -8.77 -30.78 -11.84
C ASP A 236 -7.36 -30.80 -11.23
N GLY A 237 -6.34 -31.12 -12.02
CA GLY A 237 -4.94 -31.12 -11.59
C GLY A 237 -4.46 -29.71 -11.29
N VAL A 238 -4.92 -28.75 -12.09
CA VAL A 238 -4.58 -27.29 -11.91
C VAL A 238 -5.11 -26.87 -10.54
N MET A 239 -6.37 -27.17 -10.24
CA MET A 239 -7.03 -26.85 -8.94
C MET A 239 -6.24 -27.52 -7.81
N ALA A 240 -5.97 -28.81 -7.94
CA ALA A 240 -5.29 -29.66 -6.93
C ALA A 240 -3.90 -29.09 -6.60
N ARG A 241 -3.13 -28.72 -7.63
CA ARG A 241 -1.76 -28.18 -7.48
C ARG A 241 -1.78 -26.93 -6.60
N GLN A 242 -2.62 -25.93 -6.93
CA GLN A 242 -2.67 -24.63 -6.21
C GLN A 242 -3.24 -24.86 -4.80
N LEU A 243 -4.20 -25.78 -4.65
CA LEU A 243 -4.78 -26.13 -3.32
C LEU A 243 -3.67 -26.67 -2.43
N VAL A 244 -2.93 -27.67 -2.93
CA VAL A 244 -1.82 -28.34 -2.20
C VAL A 244 -0.76 -27.29 -1.80
N TYR A 245 -0.37 -26.42 -2.73
CA TYR A 245 0.60 -25.32 -2.45
C TYR A 245 0.11 -24.48 -1.27
N THR A 246 -1.17 -24.09 -1.29
CA THR A 246 -1.76 -23.20 -0.26
C THR A 246 -1.75 -23.91 1.10
N ILE A 247 -2.15 -25.18 1.14
CA ILE A 247 -2.15 -25.99 2.38
C ILE A 247 -0.71 -26.08 2.91
N ALA A 248 0.25 -26.32 2.02
CA ALA A 248 1.70 -26.45 2.36
C ALA A 248 2.22 -25.09 2.88
N ASP A 249 1.89 -24.00 2.20
CA ASP A 249 2.34 -22.63 2.57
C ASP A 249 1.87 -22.28 3.98
N VAL A 250 0.59 -22.47 4.29
CA VAL A 250 0.00 -22.11 5.62
C VAL A 250 0.63 -22.98 6.70
N SER A 251 0.77 -24.29 6.45
CA SER A 251 1.31 -25.29 7.40
C SER A 251 2.79 -25.02 7.68
N SER A 252 3.60 -24.92 6.62
CA SER A 252 5.08 -24.82 6.69
C SER A 252 5.55 -23.47 7.23
N VAL A 254 3.07 -20.50 8.59
CA VAL A 254 2.26 -19.87 9.62
C VAL A 254 2.17 -20.80 10.84
N ILE A 255 1.64 -22.00 10.65
CA ILE A 255 1.37 -22.96 11.77
C ILE A 255 2.71 -23.35 12.41
N TYR A 256 3.75 -23.62 11.60
CA TYR A 256 5.13 -23.91 12.05
C TYR A 256 5.60 -22.77 12.96
N GLY A 257 5.44 -21.52 12.52
CA GLY A 257 5.83 -20.31 13.27
C GLY A 257 5.12 -20.21 14.60
N VAL A 258 3.82 -20.52 14.61
CA VAL A 258 2.97 -20.46 15.83
C VAL A 258 3.49 -21.50 16.83
N LEU A 259 3.74 -22.73 16.39
CA LEU A 259 4.24 -23.84 17.24
C LEU A 259 5.58 -23.44 17.85
N LEU A 260 6.50 -22.90 17.06
CA LEU A 260 7.82 -22.43 17.55
C LEU A 260 7.60 -21.37 18.63
N GLY A 261 6.66 -20.46 18.41
CA GLY A 261 6.31 -19.39 19.38
C GLY A 261 5.84 -19.99 20.69
N ASN A 262 4.96 -20.99 20.62
CA ASN A 262 4.40 -21.72 21.78
C ASN A 262 5.53 -22.44 22.53
N LEU A 263 6.47 -23.04 21.78
CA LEU A 263 7.66 -23.72 22.37
C LEU A 263 8.48 -22.69 23.15
N ALA A 264 8.74 -21.54 22.52
CA ALA A 264 9.50 -20.41 23.10
C ALA A 264 8.85 -19.99 24.42
N ILE A 265 7.52 -19.92 24.47
CA ILE A 265 6.74 -19.54 25.68
C ILE A 265 6.98 -20.58 26.79
N THR A 266 6.88 -21.88 26.47
CA THR A 266 7.04 -22.99 27.44
C THR A 266 8.47 -22.97 28.01
N LEU A 267 9.46 -22.57 27.22
CA LEU A 267 10.89 -22.52 27.62
C LEU A 267 11.20 -21.22 28.37
N SER A 268 10.37 -20.18 28.22
CA SER A 268 10.57 -18.84 28.84
C SER A 268 10.37 -18.92 30.35
N GLN B 1 -25.93 -17.09 -24.75
CA GLN B 1 -24.70 -16.88 -23.93
C GLN B 1 -24.61 -17.99 -22.87
N GLU B 2 -23.45 -18.64 -22.76
CA GLU B 2 -23.19 -19.76 -21.81
C GLU B 2 -22.36 -19.25 -20.61
N LEU B 3 -22.93 -19.32 -19.41
CA LEU B 3 -22.29 -18.85 -18.14
C LEU B 3 -21.89 -20.04 -17.27
N GLY B 4 -22.67 -21.13 -17.31
CA GLY B 4 -22.39 -22.36 -16.55
C GLY B 4 -22.74 -22.22 -15.07
N ASN B 5 -21.84 -22.65 -14.20
CA ASN B 5 -22.01 -22.67 -12.71
C ASN B 5 -21.57 -21.31 -12.15
N ALA B 6 -22.31 -20.25 -12.48
CA ALA B 6 -22.02 -18.85 -12.10
C ALA B 6 -23.10 -18.31 -11.16
N ASN B 7 -22.75 -17.31 -10.35
CA ASN B 7 -23.66 -16.63 -9.40
C ASN B 7 -24.72 -15.88 -10.22
N PHE B 8 -25.89 -15.65 -9.63
CA PHE B 8 -27.08 -15.07 -10.31
C PHE B 8 -26.80 -13.62 -10.72
N GLU B 9 -25.87 -12.93 -10.05
CA GLU B 9 -25.52 -11.52 -10.36
C GLU B 9 -25.17 -11.43 -11.85
N ASN B 10 -24.48 -12.45 -12.39
CA ASN B 10 -23.98 -12.50 -13.78
C ASN B 10 -25.17 -12.67 -14.75
N PHE B 11 -26.19 -13.44 -14.36
CA PHE B 11 -27.41 -13.71 -15.18
C PHE B 11 -28.23 -12.42 -15.31
N ILE B 12 -28.42 -11.70 -14.20
CA ILE B 12 -29.12 -10.39 -14.21
C ILE B 12 -28.31 -9.42 -15.06
N GLY B 13 -26.99 -9.37 -14.85
CA GLY B 13 -26.08 -8.45 -15.56
C GLY B 13 -26.03 -8.72 -17.06
N ALA B 14 -26.21 -9.98 -17.46
CA ALA B 14 -26.10 -10.45 -18.86
C ALA B 14 -27.43 -10.27 -19.62
N THR B 15 -28.56 -10.26 -18.90
CA THR B 15 -29.93 -10.20 -19.50
C THR B 15 -30.52 -8.78 -19.33
N GLU B 16 -30.94 -8.42 -18.12
CA GLU B 16 -31.60 -7.12 -17.81
C GLU B 16 -30.57 -5.99 -17.72
N GLY B 17 -29.37 -6.28 -17.20
CA GLY B 17 -28.35 -5.26 -16.90
C GLY B 17 -28.70 -4.54 -15.59
N PHE B 18 -27.86 -3.62 -15.13
CA PHE B 18 -28.04 -2.89 -13.86
C PHE B 18 -28.22 -1.39 -14.12
N SER B 19 -29.23 -0.80 -13.48
CA SER B 19 -29.47 0.66 -13.46
C SER B 19 -28.29 1.33 -12.75
N GLU B 20 -28.13 2.64 -12.92
CA GLU B 20 -27.07 3.46 -12.28
C GLU B 20 -27.13 3.24 -10.75
N ILE B 21 -28.32 3.31 -10.17
CA ILE B 21 -28.55 3.17 -8.70
C ILE B 21 -28.05 1.80 -8.23
N ALA B 22 -28.48 0.72 -8.88
CA ALA B 22 -28.14 -0.67 -8.51
C ALA B 22 -26.62 -0.86 -8.57
N TYR B 23 -25.99 -0.43 -9.67
CA TYR B 23 -24.54 -0.60 -9.90
C TYR B 23 -23.74 0.23 -8.89
N GLN B 24 -24.09 1.51 -8.75
CA GLN B 24 -23.37 2.47 -7.87
C GLN B 24 -23.53 2.03 -6.41
N PHE B 25 -24.76 1.71 -5.98
CA PHE B 25 -25.06 1.29 -4.59
C PHE B 25 -24.19 0.09 -4.21
N THR B 26 -24.15 -0.93 -5.06
CA THR B 26 -23.36 -2.16 -4.81
C THR B 26 -21.88 -1.79 -4.65
N SER B 27 -21.40 -0.88 -5.50
N SER B 27 -21.39 -0.88 -5.51
CA SER B 27 -20.00 -0.36 -5.50
CA SER B 27 -20.00 -0.35 -5.50
C SER B 27 -19.73 0.37 -4.18
C SER B 27 -19.73 0.37 -4.18
N HIS B 28 -20.67 1.21 -3.75
CA HIS B 28 -20.56 2.04 -2.51
C HIS B 28 -20.56 1.16 -1.26
N ILE B 29 -21.47 0.19 -1.19
CA ILE B 29 -21.65 -0.66 0.02
C ILE B 29 -20.40 -1.54 0.21
N LEU B 30 -19.82 -2.06 -0.87
CA LEU B 30 -18.59 -2.89 -0.83
C LEU B 30 -17.39 -2.00 -0.42
N THR B 31 -17.38 -0.74 -0.87
CA THR B 31 -16.30 0.23 -0.57
C THR B 31 -16.37 0.59 0.92
N LEU B 32 -17.57 0.90 1.42
CA LEU B 32 -17.81 1.16 2.86
C LEU B 32 -17.32 -0.07 3.64
N GLY B 33 -17.63 -1.26 3.14
CA GLY B 33 -17.24 -2.55 3.74
C GLY B 33 -15.76 -2.59 4.10
N TYR B 34 -14.86 -2.42 3.13
CA TYR B 34 -13.39 -2.55 3.33
C TYR B 34 -12.88 -1.36 4.15
N ALA B 35 -13.50 -0.19 4.02
CA ALA B 35 -13.12 1.04 4.77
C ALA B 35 -13.32 0.78 6.27
N VAL B 36 -14.45 0.16 6.63
CA VAL B 36 -14.82 -0.18 8.05
C VAL B 36 -13.76 -1.12 8.63
N MET B 37 -13.31 -2.11 7.84
CA MET B 37 -12.35 -3.15 8.29
C MET B 37 -10.98 -2.53 8.58
N LEU B 38 -10.51 -1.60 7.74
CA LEU B 38 -9.19 -0.96 7.94
C LEU B 38 -9.27 -0.02 9.14
N ALA B 39 -10.41 0.66 9.33
CA ALA B 39 -10.66 1.55 10.48
C ALA B 39 -10.66 0.71 11.76
N GLY B 40 -11.33 -0.44 11.73
CA GLY B 40 -11.39 -1.40 12.85
C GLY B 40 -10.01 -1.91 13.21
N LEU B 41 -9.20 -2.26 12.21
CA LEU B 41 -7.81 -2.74 12.40
C LEU B 41 -7.06 -1.73 13.28
N LEU B 42 -7.14 -0.45 12.92
CA LEU B 42 -6.45 0.66 13.63
C LEU B 42 -6.97 0.73 15.08
N TYR B 43 -8.28 0.63 15.25
CA TYR B 43 -8.94 0.70 16.59
C TYR B 43 -8.46 -0.43 17.50
N PHE B 44 -8.41 -1.67 17.00
CA PHE B 44 -8.06 -2.87 17.81
C PHE B 44 -6.57 -2.82 18.22
N ILE B 45 -5.70 -2.34 17.33
CA ILE B 45 -4.25 -2.19 17.63
C ILE B 45 -4.05 -1.08 18.67
N LEU B 46 -4.69 0.07 18.48
CA LEU B 46 -4.49 1.28 19.33
C LEU B 46 -5.08 1.10 20.74
N THR B 47 -5.98 0.15 20.97
CA THR B 47 -6.68 -0.06 22.27
C THR B 47 -6.17 -1.34 22.97
N ILE B 48 -5.10 -1.95 22.44
N ILE B 48 -5.11 -1.94 22.45
CA ILE B 48 -4.51 -3.22 22.97
CA ILE B 48 -4.53 -3.22 22.98
C ILE B 48 -4.14 -3.03 24.44
C ILE B 48 -4.14 -3.02 24.45
N LYS B 49 -3.53 -1.88 24.78
CA LYS B 49 -3.01 -1.58 26.15
C LYS B 49 -4.14 -1.11 27.09
N ASN B 50 -5.40 -1.19 26.68
CA ASN B 50 -6.56 -0.75 27.49
C ASN B 50 -7.11 -1.90 28.33
N VAL B 51 -6.57 -3.12 28.17
CA VAL B 51 -7.05 -4.34 28.88
C VAL B 51 -5.83 -5.08 29.47
N ASP B 52 -6.08 -5.91 30.49
CA ASP B 52 -5.05 -6.74 31.16
C ASP B 52 -4.42 -7.67 30.12
N LYS B 53 -3.13 -7.97 30.28
CA LYS B 53 -2.31 -8.81 29.38
C LYS B 53 -3.10 -10.05 28.92
N LYS B 54 -3.82 -10.71 29.84
CA LYS B 54 -4.52 -12.00 29.60
C LYS B 54 -5.65 -11.84 28.56
N PHE B 55 -6.17 -10.63 28.35
CA PHE B 55 -7.32 -10.36 27.45
C PHE B 55 -6.85 -9.81 26.09
N GLN B 56 -5.56 -9.46 25.97
CA GLN B 56 -5.00 -8.77 24.78
C GLN B 56 -5.06 -9.68 23.54
N MET B 57 -5.11 -11.00 23.71
CA MET B 57 -5.19 -11.96 22.57
C MET B 57 -6.49 -11.69 21.79
N SER B 58 -7.53 -11.19 22.46
CA SER B 58 -8.84 -10.84 21.84
C SER B 58 -8.63 -9.72 20.82
N ASN B 59 -7.94 -8.64 21.22
CA ASN B 59 -7.62 -7.49 20.34
C ASN B 59 -6.81 -8.00 19.14
N ILE B 60 -5.83 -8.86 19.39
CA ILE B 60 -4.89 -9.40 18.36
C ILE B 60 -5.69 -10.21 17.32
N LEU B 61 -6.61 -11.06 17.76
CA LEU B 61 -7.42 -11.91 16.86
C LEU B 61 -8.42 -11.04 16.08
N SER B 62 -8.95 -9.98 16.70
CA SER B 62 -9.82 -8.99 16.03
C SER B 62 -9.03 -8.35 14.88
N ALA B 63 -7.79 -7.95 15.16
CA ALA B 63 -6.86 -7.32 14.17
C ALA B 63 -6.65 -8.30 13.01
N VAL B 64 -6.38 -9.57 13.34
CA VAL B 64 -6.15 -10.66 12.33
C VAL B 64 -7.36 -10.74 11.41
N VAL B 65 -8.57 -10.75 11.98
CA VAL B 65 -9.85 -10.85 11.21
C VAL B 65 -9.99 -9.60 10.33
N MET B 66 -9.68 -8.41 10.86
CA MET B 66 -9.79 -7.12 10.13
C MET B 66 -8.93 -7.17 8.86
N VAL B 67 -7.71 -7.71 8.95
CA VAL B 67 -6.76 -7.83 7.80
C VAL B 67 -7.43 -8.69 6.72
N SER B 68 -7.92 -9.88 7.10
CA SER B 68 -8.66 -10.82 6.23
C SER B 68 -9.82 -10.10 5.53
N ALA B 69 -10.70 -9.46 6.31
CA ALA B 69 -11.92 -8.78 5.82
C ALA B 69 -11.55 -7.64 4.87
N PHE B 70 -10.58 -6.81 5.25
CA PHE B 70 -10.13 -5.66 4.42
C PHE B 70 -9.69 -6.14 3.04
N LEU B 71 -8.73 -7.08 3.00
CA LEU B 71 -8.14 -7.60 1.74
C LEU B 71 -9.24 -8.17 0.83
N LEU B 72 -10.15 -8.96 1.40
CA LEU B 72 -11.20 -9.67 0.65
C LEU B 72 -12.20 -8.65 0.09
N LEU B 73 -12.73 -7.77 0.95
CA LEU B 73 -13.76 -6.77 0.55
C LEU B 73 -13.15 -5.80 -0.46
N TYR B 74 -11.86 -5.49 -0.35
CA TYR B 74 -11.16 -4.60 -1.31
C TYR B 74 -11.12 -5.29 -2.68
N ALA B 75 -10.70 -6.56 -2.70
CA ALA B 75 -10.64 -7.40 -3.91
C ALA B 75 -12.04 -7.51 -4.53
N GLN B 76 -13.05 -7.80 -3.70
CA GLN B 76 -14.46 -8.02 -4.14
C GLN B 76 -15.02 -6.70 -4.73
N ALA B 77 -14.69 -5.55 -4.16
CA ALA B 77 -15.10 -4.22 -4.66
C ALA B 77 -14.56 -4.00 -6.08
N GLN B 78 -13.29 -4.35 -6.31
CA GLN B 78 -12.62 -4.22 -7.64
C GLN B 78 -13.26 -5.20 -8.63
N ASN B 79 -13.58 -6.41 -8.17
CA ASN B 79 -14.18 -7.48 -8.99
C ASN B 79 -15.54 -7.01 -9.51
N TRP B 80 -16.32 -6.34 -8.66
CA TRP B 80 -17.67 -5.82 -9.02
C TRP B 80 -17.56 -4.80 -10.17
N THR B 81 -16.69 -3.80 -10.02
CA THR B 81 -16.57 -2.66 -10.97
C THR B 81 -15.98 -3.13 -12.31
N SER B 82 -15.18 -4.19 -12.31
CA SER B 82 -14.49 -4.69 -13.53
C SER B 82 -15.39 -5.65 -14.31
N SER B 83 -16.43 -6.20 -13.69
CA SER B 83 -17.31 -7.25 -14.27
C SER B 83 -18.54 -6.65 -14.97
N PHE B 84 -18.87 -5.40 -14.70
CA PHE B 84 -20.07 -4.74 -15.29
C PHE B 84 -19.65 -3.38 -15.86
N THR B 85 -19.97 -3.17 -17.14
CA THR B 85 -19.60 -1.98 -17.94
C THR B 85 -20.85 -1.30 -18.49
N PHE B 86 -20.84 0.03 -18.50
CA PHE B 86 -21.97 0.89 -18.96
C PHE B 86 -22.16 0.76 -20.47
N ASN B 87 -23.41 0.58 -20.89
CA ASN B 87 -23.86 0.58 -22.30
C ASN B 87 -24.59 1.91 -22.52
N GLU B 88 -23.99 2.81 -23.31
CA GLU B 88 -24.45 4.20 -23.55
C GLU B 88 -25.81 4.24 -24.27
N GLU B 89 -26.11 3.22 -25.07
CA GLU B 89 -27.34 3.13 -25.91
C GLU B 89 -28.59 2.96 -25.04
N VAL B 90 -28.49 2.15 -23.97
CA VAL B 90 -29.64 1.79 -23.09
C VAL B 90 -29.48 2.43 -21.71
N GLY B 91 -28.26 2.83 -21.33
CA GLY B 91 -27.97 3.49 -20.06
C GLY B 91 -28.02 2.53 -18.87
N ARG B 92 -27.50 1.31 -19.06
CA ARG B 92 -27.43 0.26 -18.01
C ARG B 92 -26.06 -0.42 -18.08
N TYR B 93 -25.63 -1.01 -16.97
CA TYR B 93 -24.36 -1.77 -16.86
C TYR B 93 -24.64 -3.23 -17.16
N PHE B 94 -23.91 -3.81 -18.11
CA PHE B 94 -24.06 -5.22 -18.55
C PHE B 94 -22.79 -6.01 -18.24
N LEU B 95 -22.93 -7.32 -18.08
CA LEU B 95 -21.81 -8.25 -17.85
C LEU B 95 -20.72 -7.93 -18.88
N ASP B 96 -19.51 -7.64 -18.41
CA ASP B 96 -18.29 -7.47 -19.24
C ASP B 96 -17.40 -8.67 -18.95
N PRO B 97 -17.43 -9.71 -19.81
CA PRO B 97 -16.71 -10.96 -19.54
C PRO B 97 -15.18 -10.83 -19.41
N SER B 98 -14.60 -9.78 -20.00
CA SER B 98 -13.14 -9.51 -19.96
C SER B 98 -12.69 -9.21 -18.53
N GLY B 99 -13.63 -8.84 -17.66
CA GLY B 99 -13.37 -8.54 -16.24
C GLY B 99 -13.56 -9.77 -15.37
N ASP B 100 -13.87 -10.91 -15.98
CA ASP B 100 -14.22 -12.18 -15.28
C ASP B 100 -15.66 -12.10 -14.82
N LEU B 101 -16.30 -13.25 -14.57
CA LEU B 101 -17.64 -13.34 -13.94
C LEU B 101 -17.49 -12.94 -12.48
N PHE B 102 -18.53 -12.35 -11.88
CA PHE B 102 -18.57 -11.99 -10.45
C PHE B 102 -18.86 -13.28 -9.68
N ASN B 103 -18.19 -13.48 -8.54
CA ASN B 103 -18.39 -14.68 -7.69
C ASN B 103 -18.24 -14.27 -6.22
N ASN B 104 -19.20 -14.67 -5.39
CA ASN B 104 -19.26 -14.40 -3.93
C ASN B 104 -18.30 -15.36 -3.20
N GLY B 105 -17.81 -16.39 -3.89
CA GLY B 105 -16.93 -17.45 -3.36
C GLY B 105 -15.70 -16.90 -2.65
N TYR B 106 -15.20 -15.74 -3.08
CA TYR B 106 -14.04 -15.05 -2.45
C TYR B 106 -14.30 -14.97 -0.93
N ARG B 107 -15.47 -14.47 -0.54
CA ARG B 107 -15.92 -14.33 0.87
C ARG B 107 -15.79 -15.68 1.61
N TYR B 108 -16.36 -16.73 1.03
CA TYR B 108 -16.50 -18.07 1.65
C TYR B 108 -15.13 -18.57 2.12
N LEU B 109 -14.14 -18.60 1.23
CA LEU B 109 -12.79 -19.15 1.53
C LEU B 109 -12.08 -18.30 2.59
N ASN B 110 -12.34 -17.00 2.64
CA ASN B 110 -11.73 -16.09 3.66
C ASN B 110 -12.41 -16.31 5.01
N TRP B 111 -13.61 -16.90 5.04
CA TRP B 111 -14.33 -17.25 6.28
C TRP B 111 -13.56 -18.35 7.02
N LEU B 112 -12.70 -19.10 6.31
CA LEU B 112 -11.80 -20.11 6.90
C LEU B 112 -10.84 -19.44 7.88
N ILE B 113 -10.67 -18.11 7.76
CA ILE B 113 -9.89 -17.30 8.74
C ILE B 113 -10.87 -16.74 9.78
N ASP B 114 -11.86 -15.98 9.30
CA ASP B 114 -12.81 -15.18 10.13
C ASP B 114 -13.51 -16.08 11.16
N VAL B 115 -14.24 -17.10 10.71
CA VAL B 115 -15.11 -17.96 11.56
C VAL B 115 -14.30 -18.60 12.70
N PRO B 116 -13.22 -19.36 12.41
CA PRO B 116 -12.43 -19.98 13.46
C PRO B 116 -11.89 -18.97 14.49
N MET B 117 -11.42 -17.81 14.03
CA MET B 117 -10.81 -16.77 14.90
C MET B 117 -11.88 -16.06 15.73
N LEU B 118 -13.05 -15.77 15.14
CA LEU B 118 -14.17 -15.09 15.83
C LEU B 118 -14.69 -15.97 16.96
N LEU B 119 -14.79 -17.29 16.72
CA LEU B 119 -15.27 -18.28 17.72
C LEU B 119 -14.21 -18.48 18.80
N PHE B 120 -12.93 -18.53 18.40
CA PHE B 120 -11.78 -18.78 19.29
C PHE B 120 -11.59 -17.63 20.30
N GLN B 121 -11.71 -16.39 19.84
CA GLN B 121 -11.30 -15.18 20.60
C GLN B 121 -12.15 -15.01 21.86
N ILE B 122 -13.42 -15.42 21.85
CA ILE B 122 -14.32 -15.25 23.04
C ILE B 122 -13.79 -16.08 24.21
N LEU B 123 -13.09 -17.19 23.91
CA LEU B 123 -12.54 -18.14 24.91
C LEU B 123 -11.36 -17.52 25.67
N PHE B 124 -10.91 -16.33 25.28
CA PHE B 124 -9.78 -15.61 25.92
C PHE B 124 -10.31 -14.54 26.86
N VAL B 125 -11.63 -14.33 26.88
CA VAL B 125 -12.29 -13.28 27.70
C VAL B 125 -13.14 -13.95 28.79
N VAL B 126 -13.94 -14.96 28.41
CA VAL B 126 -14.85 -15.68 29.36
C VAL B 126 -14.10 -16.86 29.99
N SER B 127 -14.56 -17.26 31.18
CA SER B 127 -14.08 -18.46 31.93
C SER B 127 -15.16 -19.53 31.85
N LEU B 128 -14.80 -20.71 31.32
CA LEU B 128 -15.70 -21.88 31.23
C LEU B 128 -15.85 -22.47 32.64
N THR B 129 -16.99 -23.10 32.94
CA THR B 129 -17.30 -23.67 34.27
C THR B 129 -17.38 -25.20 34.19
N THR B 130 -18.02 -25.72 33.15
CA THR B 130 -18.27 -27.17 32.92
C THR B 130 -17.47 -27.67 31.72
N SER B 131 -17.46 -26.89 30.63
CA SER B 131 -16.89 -27.25 29.31
C SER B 131 -15.36 -27.13 29.31
N LYS B 132 -14.68 -27.98 28.54
CA LYS B 132 -13.21 -27.97 28.40
C LYS B 132 -12.83 -27.06 27.22
N PHE B 133 -11.87 -26.15 27.44
CA PHE B 133 -11.39 -25.15 26.46
C PHE B 133 -11.10 -25.81 25.11
N SER B 134 -10.23 -26.83 25.10
CA SER B 134 -9.74 -27.55 23.89
C SER B 134 -10.92 -28.20 23.15
N SER B 135 -11.89 -28.75 23.89
CA SER B 135 -13.07 -29.45 23.33
C SER B 135 -13.95 -28.46 22.57
N VAL B 136 -14.27 -27.32 23.19
CA VAL B 136 -15.11 -26.24 22.59
C VAL B 136 -14.40 -25.71 21.35
N ARG B 137 -13.11 -25.39 21.46
CA ARG B 137 -12.27 -24.88 20.34
C ARG B 137 -12.37 -25.83 19.15
N ASN B 138 -12.13 -27.12 19.37
CA ASN B 138 -12.11 -28.19 18.33
C ASN B 138 -13.48 -28.30 17.65
N GLN B 139 -14.57 -28.23 18.42
CA GLN B 139 -15.95 -28.32 17.89
C GLN B 139 -16.23 -27.11 17.00
N PHE B 140 -15.87 -25.92 17.47
CA PHE B 140 -16.03 -24.64 16.73
C PHE B 140 -15.29 -24.74 15.39
N TRP B 141 -14.03 -25.16 15.43
CA TRP B 141 -13.10 -25.21 14.25
C TRP B 141 -13.56 -26.26 13.24
N PHE B 142 -13.95 -27.46 13.69
CA PHE B 142 -14.40 -28.55 12.79
C PHE B 142 -15.73 -28.14 12.14
N SER B 143 -16.74 -27.80 12.94
CA SER B 143 -18.10 -27.42 12.45
C SER B 143 -18.01 -26.16 11.58
N GLY B 144 -17.16 -25.21 11.97
CA GLY B 144 -16.94 -23.96 11.21
C GLY B 144 -16.46 -24.27 9.80
N ALA B 145 -15.40 -25.09 9.68
CA ALA B 145 -14.77 -25.51 8.41
C ALA B 145 -15.81 -26.21 7.52
N MET B 146 -16.54 -27.18 8.06
CA MET B 146 -17.53 -28.00 7.32
C MET B 146 -18.67 -27.10 6.84
N MET B 147 -19.12 -26.17 7.69
CA MET B 147 -20.21 -25.21 7.38
C MET B 147 -19.81 -24.39 6.13
N ILE B 148 -18.58 -23.87 6.13
CA ILE B 148 -18.04 -22.98 5.06
C ILE B 148 -17.87 -23.78 3.75
N ILE B 149 -17.15 -24.91 3.80
CA ILE B 149 -16.80 -25.72 2.62
C ILE B 149 -18.07 -26.20 1.90
N THR B 150 -19.07 -26.69 2.64
CA THR B 150 -20.34 -27.21 2.06
C THR B 150 -21.10 -26.06 1.41
N GLY B 151 -21.15 -24.89 2.06
CA GLY B 151 -21.80 -23.68 1.53
C GLY B 151 -21.09 -23.18 0.27
N TYR B 152 -19.75 -23.26 0.25
CA TYR B 152 -18.89 -22.82 -0.87
C TYR B 152 -19.25 -23.61 -2.12
N ILE B 153 -19.39 -24.92 -1.98
CA ILE B 153 -19.76 -25.85 -3.08
C ILE B 153 -21.18 -25.50 -3.57
N GLY B 154 -22.10 -25.29 -2.63
CA GLY B 154 -23.52 -25.00 -2.92
C GLY B 154 -23.72 -23.75 -3.78
N GLN B 155 -23.01 -22.66 -3.46
CA GLN B 155 -23.24 -21.32 -4.08
C GLN B 155 -22.88 -21.31 -5.57
N PHE B 156 -22.05 -22.26 -6.03
CA PHE B 156 -21.65 -22.39 -7.45
C PHE B 156 -22.84 -22.85 -8.30
N TYR B 157 -23.88 -23.40 -7.66
CA TYR B 157 -25.04 -24.03 -8.32
C TYR B 157 -26.33 -23.25 -8.06
N GLU B 158 -26.22 -22.04 -7.51
CA GLU B 158 -27.42 -21.24 -7.10
C GLU B 158 -28.32 -20.97 -8.32
N VAL B 159 -27.80 -21.12 -9.55
CA VAL B 159 -28.61 -20.92 -10.79
C VAL B 159 -28.64 -22.22 -11.63
N SER B 160 -27.47 -22.83 -11.85
CA SER B 160 -27.29 -24.00 -12.76
C SER B 160 -27.99 -25.26 -12.21
N ASN B 161 -28.19 -25.37 -10.90
CA ASN B 161 -28.73 -26.60 -10.26
C ASN B 161 -29.29 -26.29 -8.87
N LEU B 162 -30.56 -25.87 -8.82
CA LEU B 162 -31.27 -25.40 -7.60
C LEU B 162 -31.26 -26.50 -6.54
N THR B 163 -31.31 -27.78 -6.95
CA THR B 163 -31.37 -28.96 -6.06
C THR B 163 -30.07 -29.04 -5.24
N ALA B 164 -28.92 -29.12 -5.91
CA ALA B 164 -27.58 -29.18 -5.30
C ALA B 164 -27.42 -27.98 -4.36
N PHE B 165 -27.81 -26.80 -4.83
CA PHE B 165 -27.77 -25.51 -4.08
C PHE B 165 -28.43 -25.69 -2.70
N LEU B 166 -29.64 -26.26 -2.66
CA LEU B 166 -30.45 -26.42 -1.42
C LEU B 166 -29.90 -27.56 -0.55
N VAL B 167 -29.50 -28.68 -1.14
CA VAL B 167 -28.97 -29.86 -0.40
C VAL B 167 -27.70 -29.46 0.36
N TRP B 168 -26.72 -28.88 -0.33
CA TRP B 168 -25.44 -28.39 0.26
C TRP B 168 -25.75 -27.36 1.33
N GLY B 169 -26.72 -26.47 1.07
CA GLY B 169 -27.16 -25.44 2.02
C GLY B 169 -27.70 -26.05 3.29
N ALA B 170 -28.49 -27.12 3.16
CA ALA B 170 -29.13 -27.87 4.27
C ALA B 170 -28.04 -28.53 5.12
N ILE B 171 -27.12 -29.25 4.50
CA ILE B 171 -25.96 -29.91 5.18
C ILE B 171 -25.20 -28.84 5.97
N SER B 172 -24.92 -27.71 5.34
CA SER B 172 -24.19 -26.56 5.93
C SER B 172 -24.93 -26.08 7.18
N SER B 173 -26.25 -25.95 7.10
CA SER B 173 -27.14 -25.47 8.21
C SER B 173 -27.00 -26.36 9.44
N ALA B 174 -26.85 -27.68 9.25
CA ALA B 174 -26.65 -28.66 10.33
C ALA B 174 -25.46 -28.24 11.20
N PHE B 175 -24.32 -27.95 10.57
CA PHE B 175 -23.07 -27.53 11.25
C PHE B 175 -23.28 -26.15 11.92
N PHE B 176 -24.06 -25.28 11.29
CA PHE B 176 -24.40 -23.93 11.82
C PHE B 176 -25.13 -24.09 13.16
N PHE B 177 -26.15 -24.95 13.19
CA PHE B 177 -26.99 -25.21 14.41
C PHE B 177 -26.08 -25.68 15.54
N HIS B 178 -25.12 -26.56 15.24
CA HIS B 178 -24.13 -27.08 16.22
C HIS B 178 -23.35 -25.92 16.82
N ILE B 179 -22.85 -25.01 15.97
CA ILE B 179 -22.06 -23.81 16.40
C ILE B 179 -22.91 -22.96 17.36
N LEU B 180 -24.16 -22.67 16.97
CA LEU B 180 -25.11 -21.86 17.80
C LEU B 180 -25.28 -22.53 19.17
N TRP B 181 -25.41 -23.87 19.18
CA TRP B 181 -25.57 -24.70 20.40
C TRP B 181 -24.37 -24.46 21.33
N VAL B 182 -23.16 -24.73 20.85
CA VAL B 182 -21.89 -24.61 21.63
C VAL B 182 -21.71 -23.16 22.10
N MET B 183 -21.98 -22.17 21.25
CA MET B 183 -21.81 -20.73 21.60
C MET B 183 -22.75 -20.39 22.75
N LYS B 184 -23.99 -20.88 22.71
CA LYS B 184 -25.00 -20.67 23.79
C LYS B 184 -24.43 -21.16 25.13
N LYS B 185 -23.86 -22.37 25.15
CA LYS B 185 -23.20 -22.97 26.35
C LYS B 185 -22.11 -22.02 26.85
N VAL B 186 -21.22 -21.60 25.97
CA VAL B 186 -20.04 -20.72 26.27
C VAL B 186 -20.55 -19.42 26.93
N ILE B 187 -21.61 -18.83 26.38
CA ILE B 187 -22.21 -17.55 26.88
C ILE B 187 -22.74 -17.77 28.31
N ASN B 188 -23.47 -18.87 28.53
CA ASN B 188 -24.09 -19.22 29.84
C ASN B 188 -23.00 -19.43 30.89
N GLU B 189 -22.00 -20.26 30.60
CA GLU B 189 -20.85 -20.52 31.50
C GLU B 189 -20.07 -19.22 31.74
N GLY B 190 -19.99 -18.37 30.71
CA GLY B 190 -19.28 -17.07 30.77
C GLY B 190 -19.94 -16.12 31.74
N LYS B 191 -21.28 -16.14 31.81
CA LYS B 191 -22.10 -15.27 32.69
C LYS B 191 -21.87 -15.64 34.17
N GLU B 192 -21.63 -16.92 34.45
CA GLU B 192 -21.41 -17.45 35.82
C GLU B 192 -20.14 -16.84 36.42
N GLY B 193 -20.27 -16.18 37.58
CA GLY B 193 -19.15 -15.68 38.40
C GLY B 193 -18.58 -14.34 37.93
N ILE B 194 -19.35 -13.53 37.20
CA ILE B 194 -18.91 -12.17 36.76
C ILE B 194 -20.00 -11.16 37.15
N SER B 195 -19.65 -9.86 37.20
CA SER B 195 -20.55 -8.75 37.62
C SER B 195 -21.76 -8.66 36.71
N PRO B 196 -22.89 -8.10 37.20
CA PRO B 196 -24.09 -7.94 36.38
C PRO B 196 -23.82 -7.14 35.09
N ALA B 197 -22.88 -6.19 35.15
CA ALA B 197 -22.45 -5.35 33.99
C ALA B 197 -21.90 -6.27 32.90
N GLY B 198 -21.00 -7.19 33.28
CA GLY B 198 -20.39 -8.18 32.38
C GLY B 198 -21.45 -9.10 31.78
N GLN B 199 -22.44 -9.49 32.59
CA GLN B 199 -23.53 -10.40 32.18
C GLN B 199 -24.40 -9.72 31.13
N LYS B 200 -24.65 -8.41 31.31
CA LYS B 200 -25.46 -7.59 30.38
C LYS B 200 -24.79 -7.61 29.00
N ILE B 201 -23.48 -7.34 28.95
CA ILE B 201 -22.66 -7.30 27.71
C ILE B 201 -22.72 -8.67 27.02
N LEU B 202 -22.53 -9.76 27.76
CA LEU B 202 -22.56 -11.14 27.20
C LEU B 202 -23.94 -11.43 26.60
N SER B 203 -25.01 -10.89 27.20
CA SER B 203 -26.40 -11.04 26.69
C SER B 203 -26.51 -10.36 25.32
N ASN B 204 -25.97 -9.15 25.22
CA ASN B 204 -25.94 -8.33 23.97
C ASN B 204 -25.11 -9.08 22.92
N ILE B 205 -23.96 -9.63 23.31
CA ILE B 205 -23.05 -10.39 22.40
C ILE B 205 -23.83 -11.56 21.78
N TRP B 206 -24.62 -12.26 22.59
CA TRP B 206 -25.40 -13.45 22.14
C TRP B 206 -26.43 -13.03 21.07
N ILE B 207 -27.17 -11.93 21.31
CA ILE B 207 -28.19 -11.40 20.37
C ILE B 207 -27.49 -11.02 19.06
N LEU B 208 -26.45 -10.20 19.14
CA LEU B 208 -25.62 -9.76 17.99
C LEU B 208 -25.15 -10.98 17.20
N PHE B 209 -24.54 -11.96 17.87
CA PHE B 209 -24.01 -13.20 17.26
C PHE B 209 -25.14 -13.89 16.47
N LEU B 210 -26.27 -14.10 17.13
CA LEU B 210 -27.44 -14.85 16.60
C LEU B 210 -27.94 -14.20 15.30
N ILE B 211 -28.27 -12.91 15.35
CA ILE B 211 -28.83 -12.13 14.21
C ILE B 211 -27.79 -12.03 13.08
N SER B 212 -26.59 -11.53 13.40
CA SER B 212 -25.52 -11.24 12.41
C SER B 212 -25.10 -12.50 11.65
N TRP B 213 -24.97 -13.64 12.32
CA TRP B 213 -24.52 -14.92 11.72
C TRP B 213 -25.63 -15.53 10.86
N THR B 214 -26.89 -15.26 11.20
CA THR B 214 -28.08 -15.78 10.48
C THR B 214 -28.21 -15.04 9.14
N LEU B 215 -27.75 -13.80 9.06
CA LEU B 215 -27.81 -12.95 7.84
C LEU B 215 -27.06 -13.64 6.68
N TYR B 216 -26.00 -14.39 6.97
CA TYR B 216 -25.14 -15.05 5.95
C TYR B 216 -25.97 -16.07 5.16
N PRO B 217 -26.64 -17.06 5.80
CA PRO B 217 -27.55 -17.95 5.08
C PRO B 217 -28.67 -17.16 4.38
N GLY B 218 -29.07 -16.01 4.94
CA GLY B 218 -30.06 -15.11 4.32
C GLY B 218 -29.56 -14.63 2.96
N ALA B 219 -28.30 -14.20 2.90
CA ALA B 219 -27.61 -13.72 1.68
C ALA B 219 -27.52 -14.87 0.67
N TYR B 220 -27.25 -16.08 1.15
CA TYR B 220 -27.18 -17.33 0.34
C TYR B 220 -28.49 -17.52 -0.44
N LEU B 221 -29.63 -17.46 0.26
CA LEU B 221 -30.99 -17.73 -0.31
C LEU B 221 -31.58 -16.49 -0.99
N MET B 222 -31.02 -15.31 -0.73
CA MET B 222 -31.59 -13.99 -1.13
C MET B 222 -32.32 -14.04 -2.47
N PRO B 223 -31.70 -14.48 -3.59
CA PRO B 223 -32.36 -14.42 -4.90
C PRO B 223 -33.71 -15.16 -4.98
N TYR B 224 -33.95 -16.11 -4.08
CA TYR B 224 -35.13 -17.01 -4.11
C TYR B 224 -36.05 -16.80 -2.91
N LEU B 225 -35.81 -15.78 -2.07
CA LEU B 225 -36.62 -15.53 -0.84
C LEU B 225 -38.03 -15.05 -1.21
N THR B 226 -38.27 -14.68 -2.47
CA THR B 226 -39.61 -14.32 -3.01
C THR B 226 -39.97 -15.30 -4.13
N GLY B 227 -39.42 -16.51 -4.05
CA GLY B 227 -39.65 -17.63 -4.98
C GLY B 227 -39.06 -17.38 -6.36
N VAL B 228 -39.18 -18.38 -7.23
CA VAL B 228 -38.85 -18.35 -8.69
C VAL B 228 -39.52 -17.12 -9.32
N ASP B 229 -38.77 -16.36 -10.13
CA ASP B 229 -39.27 -15.16 -10.87
C ASP B 229 -39.93 -14.18 -9.89
N GLY B 230 -39.38 -14.02 -8.68
CA GLY B 230 -39.89 -13.11 -7.66
C GLY B 230 -39.25 -11.73 -7.75
N PHE B 231 -39.74 -10.78 -6.96
CA PHE B 231 -39.23 -9.39 -6.84
C PHE B 231 -37.71 -9.39 -6.66
N LEU B 232 -37.18 -10.34 -5.89
CA LEU B 232 -35.74 -10.39 -5.49
C LEU B 232 -34.86 -11.05 -6.57
N TYR B 233 -35.44 -11.78 -7.53
CA TYR B 233 -34.66 -12.37 -8.64
C TYR B 233 -34.50 -11.28 -9.72
N SER B 234 -33.76 -10.23 -9.35
CA SER B 234 -33.57 -8.97 -10.11
C SER B 234 -32.36 -8.22 -9.56
N GLU B 235 -32.14 -6.99 -10.02
CA GLU B 235 -31.04 -6.11 -9.54
C GLU B 235 -31.32 -5.75 -8.07
N ASP B 236 -32.60 -5.77 -7.67
CA ASP B 236 -33.03 -5.47 -6.28
C ASP B 236 -32.45 -6.53 -5.34
N GLY B 237 -32.49 -7.80 -5.75
CA GLY B 237 -31.93 -8.93 -4.97
C GLY B 237 -30.41 -8.85 -4.91
N VAL B 238 -29.79 -8.39 -6.00
CA VAL B 238 -28.31 -8.20 -6.09
C VAL B 238 -27.93 -7.16 -5.02
N MET B 239 -28.63 -6.02 -5.02
CA MET B 239 -28.39 -4.91 -4.05
C MET B 239 -28.57 -5.46 -2.62
N ALA B 240 -29.69 -6.14 -2.37
CA ALA B 240 -30.09 -6.69 -1.05
C ALA B 240 -29.01 -7.64 -0.52
N ARG B 241 -28.53 -8.56 -1.37
CA ARG B 241 -27.52 -9.58 -0.98
C ARG B 241 -26.25 -8.89 -0.47
N GLN B 242 -25.69 -7.94 -1.24
CA GLN B 242 -24.41 -7.26 -0.88
C GLN B 242 -24.62 -6.36 0.33
N LEU B 243 -25.80 -5.73 0.45
CA LEU B 243 -26.16 -4.88 1.63
C LEU B 243 -26.15 -5.77 2.88
N VAL B 244 -26.86 -6.90 2.82
CA VAL B 244 -26.99 -7.87 3.94
C VAL B 244 -25.59 -8.36 4.34
N TYR B 245 -24.74 -8.74 3.37
CA TYR B 245 -23.34 -9.19 3.63
C TYR B 245 -22.60 -8.09 4.41
N THR B 246 -22.73 -6.84 3.98
CA THR B 246 -21.99 -5.70 4.59
C THR B 246 -22.48 -5.49 6.04
N ILE B 247 -23.79 -5.53 6.26
CA ILE B 247 -24.39 -5.39 7.62
C ILE B 247 -23.87 -6.54 8.49
N ALA B 248 -23.84 -7.75 7.95
CA ALA B 248 -23.39 -8.98 8.65
C ALA B 248 -21.89 -8.87 8.98
N ASP B 249 -21.09 -8.43 8.01
CA ASP B 249 -19.61 -8.30 8.16
C ASP B 249 -19.28 -7.31 9.30
N VAL B 250 -19.90 -6.12 9.30
CA VAL B 250 -19.64 -5.05 10.30
C VAL B 250 -20.05 -5.55 11.70
N SER B 251 -21.23 -6.16 11.80
CA SER B 251 -21.85 -6.66 13.06
C SER B 251 -21.03 -7.81 13.64
N SER B 252 -20.77 -8.84 12.82
CA SER B 252 -20.13 -10.11 13.24
C SER B 252 -18.65 -9.94 13.57
N VAL B 254 -16.62 -6.37 13.52
CA VAL B 254 -16.21 -5.13 14.14
C VAL B 254 -16.95 -4.93 15.46
N ILE B 255 -18.29 -4.91 15.42
CA ILE B 255 -19.13 -4.60 16.62
C ILE B 255 -18.92 -5.70 17.67
N TYR B 256 -18.90 -6.96 17.25
CA TYR B 256 -18.61 -8.15 18.10
C TYR B 256 -17.28 -7.93 18.82
N GLY B 257 -16.24 -7.54 18.07
CA GLY B 257 -14.89 -7.28 18.60
C GLY B 257 -14.90 -6.17 19.63
N VAL B 258 -15.63 -5.10 19.37
CA VAL B 258 -15.75 -3.92 20.28
C VAL B 258 -16.40 -4.38 21.59
N LEU B 259 -17.49 -5.13 21.51
CA LEU B 259 -18.24 -5.63 22.71
C LEU B 259 -17.32 -6.53 23.55
N LEU B 260 -16.58 -7.43 22.91
CA LEU B 260 -15.60 -8.31 23.62
C LEU B 260 -14.58 -7.42 24.33
N GLY B 261 -14.11 -6.36 23.67
CA GLY B 261 -13.14 -5.41 24.25
C GLY B 261 -13.70 -4.75 25.50
N ASN B 262 -14.96 -4.30 25.43
CA ASN B 262 -15.70 -3.64 26.54
C ASN B 262 -15.84 -4.63 27.71
N LEU B 263 -16.15 -5.89 27.41
CA LEU B 263 -16.27 -6.98 28.42
C LEU B 263 -14.91 -7.15 29.11
N ALA B 264 -13.85 -7.22 28.33
CA ALA B 264 -12.45 -7.37 28.80
C ALA B 264 -12.12 -6.25 29.78
N ILE B 265 -12.54 -5.01 29.46
CA ILE B 265 -12.28 -3.81 30.30
C ILE B 265 -13.02 -3.98 31.64
N THR B 266 -14.29 -4.38 31.63
CA THR B 266 -15.13 -4.57 32.84
C THR B 266 -14.52 -5.65 33.73
N LEU B 267 -13.89 -6.69 33.16
CA LEU B 267 -13.28 -7.82 33.90
C LEU B 267 -11.84 -7.47 34.34
N SER B 268 -11.23 -6.44 33.76
CA SER B 268 -9.84 -6.01 34.07
C SER B 268 -9.78 -5.36 35.44
N GLN C 1 -27.74 10.92 -25.35
CA GLN C 1 -27.70 9.50 -24.86
C GLN C 1 -28.49 9.39 -23.56
N GLU C 2 -28.61 8.17 -23.03
CA GLU C 2 -29.42 7.83 -21.82
C GLU C 2 -28.50 7.58 -20.63
N LEU C 3 -28.59 8.42 -19.59
CA LEU C 3 -27.76 8.35 -18.35
C LEU C 3 -28.61 7.90 -17.17
N GLY C 4 -29.90 8.25 -17.17
CA GLY C 4 -30.86 7.87 -16.12
C GLY C 4 -30.68 8.69 -14.84
N ASN C 5 -30.64 8.01 -13.70
CA ASN C 5 -30.53 8.62 -12.34
C ASN C 5 -29.06 8.84 -12.01
N ALA C 6 -28.40 9.76 -12.73
CA ALA C 6 -26.96 10.05 -12.61
C ALA C 6 -26.74 11.49 -12.12
N ASN C 7 -25.58 11.75 -11.50
CA ASN C 7 -25.16 13.07 -10.99
C ASN C 7 -24.94 14.00 -12.19
N PHE C 8 -25.08 15.31 -11.99
CA PHE C 8 -25.07 16.34 -13.07
C PHE C 8 -23.68 16.42 -13.71
N GLU C 9 -22.62 16.01 -12.99
CA GLU C 9 -21.23 16.03 -13.53
C GLU C 9 -21.20 15.27 -14.87
N ASN C 10 -21.95 14.18 -14.95
CA ASN C 10 -22.01 13.27 -16.13
C ASN C 10 -22.72 13.97 -17.30
N PHE C 11 -23.76 14.76 -17.01
CA PHE C 11 -24.55 15.50 -18.03
C PHE C 11 -23.70 16.61 -18.65
N ILE C 12 -22.98 17.36 -17.82
CA ILE C 12 -22.02 18.41 -18.30
C ILE C 12 -20.93 17.72 -19.13
N GLY C 13 -20.39 16.61 -18.62
CA GLY C 13 -19.30 15.86 -19.25
C GLY C 13 -19.70 15.25 -20.58
N ALA C 14 -20.98 14.91 -20.72
CA ALA C 14 -21.54 14.23 -21.92
C ALA C 14 -21.96 15.24 -23.00
N THR C 15 -22.29 16.47 -22.61
CA THR C 15 -22.80 17.53 -23.53
C THR C 15 -21.69 18.55 -23.84
N GLU C 16 -21.37 19.42 -22.88
CA GLU C 16 -20.38 20.51 -23.04
C GLU C 16 -18.95 19.97 -22.96
N GLY C 17 -18.70 18.97 -22.11
CA GLY C 17 -17.35 18.48 -21.81
C GLY C 17 -16.65 19.42 -20.85
N PHE C 18 -15.44 19.09 -20.41
CA PHE C 18 -14.67 19.90 -19.43
C PHE C 18 -13.39 20.44 -20.07
N SER C 19 -13.14 21.73 -19.87
CA SER C 19 -11.88 22.42 -20.25
C SER C 19 -10.75 21.81 -19.43
N GLU C 20 -9.49 22.01 -19.85
CA GLU C 20 -8.28 21.53 -19.16
C GLU C 20 -8.31 21.99 -17.69
N ILE C 21 -8.61 23.27 -17.45
CA ILE C 21 -8.62 23.89 -16.09
C ILE C 21 -9.65 23.17 -15.21
N ALA C 22 -10.88 23.01 -15.68
CA ALA C 22 -11.99 22.38 -14.92
C ALA C 22 -11.62 20.94 -14.56
N TYR C 23 -11.14 20.17 -15.54
CA TYR C 23 -10.78 18.74 -15.36
C TYR C 23 -9.59 18.60 -14.40
N GLN C 24 -8.52 19.37 -14.64
CA GLN C 24 -7.27 19.32 -13.84
C GLN C 24 -7.55 19.79 -12.42
N PHE C 25 -8.24 20.92 -12.24
CA PHE C 25 -8.56 21.49 -10.92
C PHE C 25 -9.30 20.45 -10.06
N THR C 26 -10.34 19.82 -10.62
CA THR C 26 -11.16 18.81 -9.91
C THR C 26 -10.24 17.66 -9.48
N SER C 27 -9.33 17.25 -10.36
N SER C 27 -9.33 17.25 -10.36
CA SER C 27 -8.34 16.17 -10.12
CA SER C 27 -8.33 16.16 -10.13
C SER C 27 -7.40 16.57 -8.98
C SER C 27 -7.40 16.57 -8.98
N HIS C 28 -6.92 17.81 -9.01
CA HIS C 28 -5.97 18.37 -8.00
C HIS C 28 -6.62 18.48 -6.61
N ILE C 29 -7.84 18.99 -6.54
CA ILE C 29 -8.55 19.26 -5.25
C ILE C 29 -8.87 17.92 -4.57
N LEU C 30 -9.26 16.90 -5.34
CA LEU C 30 -9.57 15.54 -4.80
C LEU C 30 -8.25 14.88 -4.33
N THR C 31 -7.14 15.14 -5.03
CA THR C 31 -5.81 14.59 -4.70
C THR C 31 -5.32 15.22 -3.40
N LEU C 32 -5.43 16.55 -3.28
CA LEU C 32 -5.10 17.29 -2.03
C LEU C 32 -5.96 16.70 -0.91
N GLY C 33 -7.23 16.43 -1.19
CA GLY C 33 -8.20 15.86 -0.24
C GLY C 33 -7.65 14.64 0.48
N TYR C 34 -7.29 13.58 -0.26
CA TYR C 34 -6.83 12.29 0.32
C TYR C 34 -5.44 12.47 0.96
N ALA C 35 -4.61 13.35 0.41
CA ALA C 35 -3.24 13.63 0.94
C ALA C 35 -3.38 14.20 2.36
N VAL C 36 -4.32 15.12 2.57
CA VAL C 36 -4.57 15.79 3.88
C VAL C 36 -4.99 14.73 4.91
N MET C 37 -5.84 13.78 4.50
CA MET C 37 -6.39 12.74 5.40
C MET C 37 -5.26 11.80 5.86
N LEU C 38 -4.35 11.41 4.97
CA LEU C 38 -3.25 10.49 5.33
C LEU C 38 -2.24 11.22 6.24
N ALA C 39 -2.01 12.52 5.98
CA ALA C 39 -1.14 13.38 6.80
C ALA C 39 -1.75 13.53 8.20
N GLY C 40 -3.06 13.76 8.25
CA GLY C 40 -3.84 13.87 9.52
C GLY C 40 -3.75 12.59 10.32
N LEU C 41 -3.91 11.44 9.67
CA LEU C 41 -3.81 10.11 10.30
C LEU C 41 -2.51 10.02 11.08
N LEU C 42 -1.40 10.40 10.43
CA LEU C 42 -0.03 10.36 11.01
C LEU C 42 0.03 11.29 12.23
N TYR C 43 -0.52 12.50 12.10
CA TYR C 43 -0.52 13.54 13.17
C TYR C 43 -1.27 13.03 14.40
N PHE C 44 -2.46 12.44 14.23
CA PHE C 44 -3.33 11.99 15.35
C PHE C 44 -2.69 10.81 16.09
N ILE C 45 -2.03 9.91 15.37
CA ILE C 45 -1.34 8.73 15.97
C ILE C 45 -0.11 9.22 16.74
N LEU C 46 0.69 10.11 16.15
CA LEU C 46 1.98 10.57 16.72
C LEU C 46 1.79 11.48 17.94
N THR C 47 0.60 12.06 18.13
CA THR C 47 0.32 13.02 19.25
C THR C 47 -0.56 12.38 20.33
N ILE C 48 -0.81 11.08 20.22
N ILE C 48 -0.80 11.07 20.23
CA ILE C 48 -1.68 10.29 21.17
CA ILE C 48 -1.68 10.29 21.16
C ILE C 48 -1.16 10.48 22.60
C ILE C 48 -1.16 10.47 22.60
N LYS C 49 0.16 10.40 22.81
CA LYS C 49 0.80 10.46 24.15
C LYS C 49 0.94 11.91 24.66
N ASN C 50 0.34 12.89 23.98
CA ASN C 50 0.43 14.32 24.36
C ASN C 50 -0.74 14.70 25.28
N VAL C 51 -1.67 13.77 25.53
CA VAL C 51 -2.87 14.03 26.38
C VAL C 51 -3.04 12.89 27.39
N ASP C 52 -3.77 13.17 28.48
CA ASP C 52 -4.05 12.19 29.57
C ASP C 52 -4.80 11.01 28.95
N LYS C 53 -4.57 9.80 29.49
CA LYS C 53 -5.15 8.52 29.03
C LYS C 53 -6.63 8.68 28.69
N LYS C 54 -7.40 9.38 29.53
CA LYS C 54 -8.88 9.49 29.40
C LYS C 54 -9.29 10.24 28.12
N PHE C 55 -8.41 11.04 27.54
CA PHE C 55 -8.69 11.87 26.33
C PHE C 55 -8.19 11.19 25.04
N GLN C 56 -7.41 10.12 25.16
CA GLN C 56 -6.72 9.48 24.00
C GLN C 56 -7.73 8.86 23.02
N MET C 57 -8.93 8.52 23.47
CA MET C 57 -9.99 7.93 22.60
C MET C 57 -10.33 8.95 21.50
N SER C 58 -10.19 10.25 21.77
CA SER C 58 -10.43 11.34 20.79
C SER C 58 -9.46 11.21 19.61
N ASN C 59 -8.16 11.07 19.90
CA ASN C 59 -7.10 10.87 18.89
C ASN C 59 -7.42 9.62 18.07
N ILE C 60 -7.80 8.54 18.74
CA ILE C 60 -8.09 7.21 18.13
C ILE C 60 -9.25 7.34 17.15
N LEU C 61 -10.33 8.03 17.53
CA LEU C 61 -11.53 8.21 16.67
C LEU C 61 -11.20 9.14 15.51
N SER C 62 -10.35 10.15 15.72
CA SER C 62 -9.85 11.04 14.63
C SER C 62 -9.11 10.17 13.60
N ALA C 63 -8.24 9.27 14.07
CA ALA C 63 -7.46 8.34 13.23
C ALA C 63 -8.43 7.47 12.42
N VAL C 64 -9.46 6.92 13.07
CA VAL C 64 -10.51 6.07 12.43
C VAL C 64 -11.15 6.84 11.28
N VAL C 65 -11.52 8.10 11.52
CA VAL C 65 -12.17 8.99 10.51
C VAL C 65 -11.19 9.24 9.35
N MET C 66 -9.91 9.48 9.66
CA MET C 66 -8.86 9.76 8.64
C MET C 66 -8.75 8.57 7.67
N VAL C 67 -8.77 7.33 8.19
CA VAL C 67 -8.69 6.08 7.38
C VAL C 67 -9.87 6.07 6.40
N SER C 68 -11.09 6.27 6.91
CA SER C 68 -12.34 6.36 6.12
C SER C 68 -12.18 7.38 5.00
N ALA C 69 -11.83 8.62 5.36
CA ALA C 69 -11.71 9.78 4.44
C ALA C 69 -10.63 9.50 3.39
N PHE C 70 -9.47 8.99 3.80
CA PHE C 70 -8.34 8.69 2.88
C PHE C 70 -8.82 7.71 1.79
N LEU C 71 -9.34 6.56 2.20
CA LEU C 71 -9.76 5.46 1.29
C LEU C 71 -10.80 5.98 0.29
N LEU C 72 -11.79 6.74 0.78
CA LEU C 72 -12.92 7.24 -0.03
C LEU C 72 -12.40 8.29 -1.03
N LEU C 73 -11.68 9.30 -0.56
CA LEU C 73 -11.19 10.41 -1.41
C LEU C 73 -10.19 9.87 -2.43
N TYR C 74 -9.41 8.84 -2.07
CA TYR C 74 -8.47 8.19 -3.01
C TYR C 74 -9.27 7.52 -4.13
N ALA C 75 -10.28 6.72 -3.76
CA ALA C 75 -11.17 6.02 -4.70
C ALA C 75 -11.88 7.05 -5.59
N GLN C 76 -12.41 8.13 -4.99
CA GLN C 76 -13.17 9.20 -5.70
C GLN C 76 -12.25 9.91 -6.70
N ALA C 77 -10.99 10.17 -6.34
CA ALA C 77 -9.98 10.80 -7.24
C ALA C 77 -9.76 9.92 -8.47
N GLN C 78 -9.64 8.60 -8.30
CA GLN C 78 -9.45 7.64 -9.41
C GLN C 78 -10.72 7.60 -10.27
N ASN C 79 -11.90 7.64 -9.64
CA ASN C 79 -13.22 7.58 -10.32
C ASN C 79 -13.34 8.79 -11.26
N TRP C 80 -12.90 9.97 -10.81
CA TRP C 80 -12.95 11.23 -11.60
C TRP C 80 -12.12 11.08 -12.89
N THR C 81 -10.86 10.66 -12.77
CA THR C 81 -9.89 10.60 -13.89
C THR C 81 -10.28 9.51 -14.90
N SER C 82 -10.96 8.45 -14.45
CA SER C 82 -11.32 7.30 -15.30
C SER C 82 -12.65 7.56 -16.05
N SER C 83 -13.46 8.51 -15.58
CA SER C 83 -14.82 8.78 -16.12
C SER C 83 -14.81 9.85 -17.23
N PHE C 84 -13.75 10.63 -17.36
CA PHE C 84 -13.65 11.72 -18.38
C PHE C 84 -12.32 11.58 -19.12
N THR C 85 -12.40 11.53 -20.45
CA THR C 85 -11.25 11.31 -21.37
C THR C 85 -11.16 12.48 -22.36
N PHE C 86 -9.94 12.89 -22.67
CA PHE C 86 -9.62 14.02 -23.57
C PHE C 86 -10.00 13.68 -25.02
N ASN C 87 -10.67 14.62 -25.67
CA ASN C 87 -11.01 14.60 -27.12
C ASN C 87 -10.07 15.59 -27.81
N GLU C 88 -9.12 15.09 -28.59
CA GLU C 88 -8.03 15.87 -29.25
C GLU C 88 -8.58 16.86 -30.28
N GLU C 89 -9.73 16.54 -30.90
CA GLU C 89 -10.35 17.36 -31.96
C GLU C 89 -10.89 18.69 -31.41
N VAL C 90 -11.49 18.67 -30.21
CA VAL C 90 -12.15 19.87 -29.60
C VAL C 90 -11.34 20.37 -28.40
N GLY C 91 -10.47 19.53 -27.84
CA GLY C 91 -9.59 19.89 -26.70
C GLY C 91 -10.35 20.01 -25.39
N ARG C 92 -11.29 19.09 -25.14
CA ARG C 92 -12.08 19.04 -23.90
C ARG C 92 -12.21 17.57 -23.47
N TYR C 93 -12.45 17.33 -22.18
CA TYR C 93 -12.65 15.98 -21.60
C TYR C 93 -14.16 15.69 -21.60
N PHE C 94 -14.54 14.55 -22.18
CA PHE C 94 -15.95 14.11 -22.31
C PHE C 94 -16.17 12.82 -21.52
N LEU C 95 -17.42 12.59 -21.12
CA LEU C 95 -17.84 11.36 -20.40
C LEU C 95 -17.28 10.16 -21.16
N ASP C 96 -16.51 9.32 -20.47
CA ASP C 96 -16.02 8.02 -20.99
C ASP C 96 -16.75 6.93 -20.21
N PRO C 97 -17.83 6.36 -20.78
CA PRO C 97 -18.69 5.41 -20.06
C PRO C 97 -17.98 4.12 -19.59
N SER C 98 -16.88 3.74 -20.25
CA SER C 98 -16.09 2.53 -19.92
C SER C 98 -15.45 2.67 -18.53
N GLY C 99 -15.34 3.90 -18.04
CA GLY C 99 -14.79 4.19 -16.69
C GLY C 99 -15.88 4.27 -15.65
N ASP C 100 -17.14 3.99 -16.03
CA ASP C 100 -18.34 4.13 -15.18
C ASP C 100 -18.74 5.61 -15.12
N LEU C 101 -20.00 5.89 -14.76
CA LEU C 101 -20.46 7.28 -14.52
C LEU C 101 -19.86 7.73 -13.19
N PHE C 102 -19.61 9.04 -13.03
CA PHE C 102 -19.13 9.63 -11.76
C PHE C 102 -20.33 9.74 -10.82
N ASN C 103 -20.13 9.44 -9.55
CA ASN C 103 -21.20 9.50 -8.52
C ASN C 103 -20.59 9.93 -7.19
N ASN C 104 -21.19 10.94 -6.55
CA ASN C 104 -20.78 11.53 -5.26
C ASN C 104 -21.23 10.61 -4.12
N GLY C 105 -22.08 9.62 -4.42
CA GLY C 105 -22.67 8.66 -3.47
C GLY C 105 -21.63 7.96 -2.61
N TYR C 106 -20.42 7.75 -3.15
CA TYR C 106 -19.28 7.14 -2.41
C TYR C 106 -19.12 7.86 -1.07
N ARG C 107 -19.05 9.20 -1.12
CA ARG C 107 -18.92 10.09 0.07
C ARG C 107 -20.01 9.78 1.10
N TYR C 108 -21.26 9.78 0.64
CA TYR C 108 -22.47 9.66 1.49
C TYR C 108 -22.37 8.41 2.38
N LEU C 109 -22.15 7.23 1.79
CA LEU C 109 -22.12 5.95 2.54
C LEU C 109 -20.95 5.91 3.51
N ASN C 110 -19.83 6.57 3.20
CA ASN C 110 -18.65 6.62 4.11
C ASN C 110 -18.94 7.58 5.27
N TRP C 111 -19.93 8.48 5.12
CA TRP C 111 -20.36 9.40 6.22
C TRP C 111 -20.99 8.59 7.36
N LEU C 112 -21.46 7.37 7.06
CA LEU C 112 -22.00 6.42 8.06
C LEU C 112 -20.89 6.09 9.08
N ILE C 113 -19.63 6.32 8.71
CA ILE C 113 -18.46 6.19 9.63
C ILE C 113 -18.18 7.56 10.24
N ASP C 114 -17.90 8.54 9.38
CA ASP C 114 -17.43 9.90 9.74
C ASP C 114 -18.37 10.58 10.74
N VAL C 115 -19.64 10.76 10.37
CA VAL C 115 -20.64 11.54 11.16
C VAL C 115 -20.78 10.95 12.57
N PRO C 116 -21.12 9.66 12.73
CA PRO C 116 -21.26 9.08 14.07
C PRO C 116 -19.99 9.22 14.93
N MET C 117 -18.81 9.04 14.34
CA MET C 117 -17.50 9.09 15.06
C MET C 117 -17.15 10.53 15.43
N LEU C 118 -17.39 11.48 14.53
CA LEU C 118 -17.08 12.92 14.74
C LEU C 118 -17.96 13.46 15.89
N LEU C 119 -19.23 13.05 15.94
CA LEU C 119 -20.20 13.47 16.99
C LEU C 119 -19.85 12.80 18.31
N PHE C 120 -19.49 11.52 18.26
CA PHE C 120 -19.17 10.67 19.44
C PHE C 120 -17.92 11.17 20.15
N GLN C 121 -16.87 11.53 19.39
CA GLN C 121 -15.52 11.77 19.95
C GLN C 121 -15.51 12.99 20.90
N ILE C 122 -16.37 13.99 20.68
CA ILE C 122 -16.38 15.20 21.55
C ILE C 122 -16.80 14.81 22.97
N LEU C 123 -17.59 13.74 23.11
CA LEU C 123 -18.12 13.23 24.40
C LEU C 123 -17.00 12.59 25.23
N PHE C 124 -15.78 12.48 24.70
CA PHE C 124 -14.62 11.90 25.41
C PHE C 124 -13.70 13.00 25.92
N VAL C 125 -14.01 14.25 25.57
CA VAL C 125 -13.19 15.45 25.94
C VAL C 125 -13.98 16.32 26.92
N VAL C 126 -15.24 16.63 26.58
CA VAL C 126 -16.14 17.50 27.41
C VAL C 126 -16.91 16.61 28.39
N SER C 127 -17.34 17.20 29.50
CA SER C 127 -18.18 16.56 30.54
C SER C 127 -19.58 17.15 30.43
N LEU C 128 -20.59 16.30 30.20
CA LEU C 128 -22.02 16.70 30.21
C LEU C 128 -22.40 17.01 31.67
N THR C 129 -23.44 17.81 31.87
CA THR C 129 -24.00 18.14 33.21
C THR C 129 -25.38 17.47 33.33
N THR C 130 -26.41 18.06 32.73
CA THR C 130 -27.83 17.63 32.88
C THR C 130 -28.20 16.52 31.88
N SER C 131 -27.55 16.47 30.72
CA SER C 131 -27.82 15.44 29.67
C SER C 131 -27.08 14.13 30.01
N LYS C 132 -27.67 12.99 29.63
CA LYS C 132 -27.06 11.65 29.79
C LYS C 132 -26.20 11.34 28.56
N PHE C 133 -24.99 10.83 28.78
CA PHE C 133 -24.01 10.44 27.73
C PHE C 133 -24.68 9.55 26.68
N SER C 134 -25.29 8.44 27.11
CA SER C 134 -25.94 7.42 26.26
C SER C 134 -27.08 8.04 25.43
N SER C 135 -27.84 8.96 26.02
CA SER C 135 -28.99 9.65 25.38
C SER C 135 -28.50 10.53 24.21
N VAL C 136 -27.48 11.36 24.46
CA VAL C 136 -26.87 12.28 23.46
C VAL C 136 -26.30 11.43 22.32
N ARG C 137 -25.52 10.41 22.65
CA ARG C 137 -24.88 9.47 21.69
C ARG C 137 -25.94 8.90 20.75
N ASN C 138 -27.03 8.34 21.32
CA ASN C 138 -28.13 7.67 20.58
C ASN C 138 -28.83 8.65 19.64
N GLN C 139 -29.04 9.89 20.08
CA GLN C 139 -29.70 10.95 19.27
C GLN C 139 -28.81 11.30 18.08
N PHE C 140 -27.51 11.51 18.34
CA PHE C 140 -26.49 11.81 17.31
C PHE C 140 -26.48 10.72 16.25
N TRP C 141 -26.41 9.45 16.69
CA TRP C 141 -26.26 8.25 15.83
C TRP C 141 -27.52 8.01 14.99
N PHE C 142 -28.72 8.12 15.59
CA PHE C 142 -30.00 7.91 14.88
C PHE C 142 -30.19 9.02 13.83
N SER C 143 -30.12 10.29 14.26
CA SER C 143 -30.33 11.46 13.38
C SER C 143 -29.24 11.51 12.31
N GLY C 144 -28.00 11.18 12.67
CA GLY C 144 -26.86 11.13 11.74
C GLY C 144 -27.14 10.16 10.59
N ALA C 145 -27.53 8.93 10.93
CA ALA C 145 -27.84 7.84 9.98
C ALA C 145 -28.97 8.27 9.04
N MET C 146 -30.08 8.77 9.59
CA MET C 146 -31.28 9.18 8.82
C MET C 146 -30.93 10.36 7.89
N MET C 147 -30.11 11.30 8.36
CA MET C 147 -29.68 12.48 7.58
C MET C 147 -28.95 12.01 6.32
N ILE C 148 -28.01 11.06 6.51
CA ILE C 148 -27.13 10.52 5.44
C ILE C 148 -27.96 9.71 4.43
N ILE C 149 -28.73 8.74 4.91
CA ILE C 149 -29.51 7.79 4.07
C ILE C 149 -30.50 8.56 3.19
N THR C 150 -31.23 9.54 3.75
CA THR C 150 -32.25 10.34 3.01
C THR C 150 -31.55 11.19 1.94
N GLY C 151 -30.41 11.79 2.27
CA GLY C 151 -29.59 12.60 1.33
C GLY C 151 -29.04 11.74 0.22
N TYR C 152 -28.61 10.51 0.56
CA TYR C 152 -28.01 9.52 -0.38
C TYR C 152 -29.03 9.21 -1.48
N ILE C 153 -30.27 8.95 -1.08
CA ILE C 153 -31.41 8.65 -2.00
C ILE C 153 -31.66 9.86 -2.89
N GLY C 154 -31.70 11.05 -2.30
CA GLY C 154 -31.99 12.32 -2.99
C GLY C 154 -31.03 12.63 -4.13
N GLN C 155 -29.72 12.46 -3.90
CA GLN C 155 -28.64 12.90 -4.85
C GLN C 155 -28.70 12.10 -6.16
N PHE C 156 -29.30 10.91 -6.17
CA PHE C 156 -29.46 10.07 -7.38
C PHE C 156 -30.45 10.72 -8.36
N TYR C 157 -31.25 11.67 -7.88
CA TYR C 157 -32.36 12.30 -8.66
C TYR C 157 -32.07 13.78 -8.91
N GLU C 158 -30.85 14.25 -8.65
CA GLU C 158 -30.50 15.68 -8.74
C GLU C 158 -30.73 16.20 -10.17
N VAL C 159 -30.82 15.30 -11.17
CA VAL C 159 -31.10 15.69 -12.59
C VAL C 159 -32.40 15.03 -13.07
N SER C 160 -32.58 13.73 -12.84
CA SER C 160 -33.70 12.91 -13.37
C SER C 160 -35.05 13.31 -12.75
N ASN C 161 -35.06 13.88 -11.54
CA ASN C 161 -36.32 14.18 -10.81
C ASN C 161 -36.06 15.22 -9.72
N LEU C 162 -36.14 16.51 -10.08
CA LEU C 162 -35.83 17.67 -9.21
C LEU C 162 -36.71 17.65 -7.95
N THR C 163 -37.95 17.16 -8.07
CA THR C 163 -38.95 17.11 -6.97
C THR C 163 -38.44 16.17 -5.86
N ALA C 164 -38.18 14.90 -6.21
CA ALA C 164 -37.64 13.88 -5.29
C ALA C 164 -36.36 14.41 -4.63
N PHE C 165 -35.47 15.00 -5.44
CA PHE C 165 -34.18 15.59 -5.01
C PHE C 165 -34.42 16.56 -3.84
N LEU C 166 -35.38 17.48 -3.98
CA LEU C 166 -35.69 18.55 -2.99
C LEU C 166 -36.40 17.97 -1.75
N VAL C 167 -37.36 17.06 -1.95
CA VAL C 167 -38.16 16.45 -0.86
C VAL C 167 -37.22 15.68 0.08
N TRP C 168 -36.43 14.76 -0.46
CA TRP C 168 -35.44 13.95 0.31
C TRP C 168 -34.46 14.89 1.01
N GLY C 169 -34.02 15.94 0.32
CA GLY C 169 -33.11 16.96 0.87
C GLY C 169 -33.72 17.65 2.07
N ALA C 170 -35.02 17.98 1.98
CA ALA C 170 -35.81 18.67 3.02
C ALA C 170 -35.91 17.75 4.26
N ILE C 171 -36.32 16.50 4.06
CA ILE C 171 -36.41 15.48 5.14
C ILE C 171 -35.05 15.37 5.83
N SER C 172 -33.97 15.29 5.05
CA SER C 172 -32.57 15.19 5.52
C SER C 172 -32.25 16.39 6.43
N SER C 173 -32.62 17.60 5.99
CA SER C 173 -32.39 18.89 6.70
C SER C 173 -33.01 18.87 8.10
N ALA C 174 -34.17 18.23 8.25
CA ALA C 174 -34.89 18.08 9.54
C ALA C 174 -33.95 17.42 10.55
N PHE C 175 -33.33 16.29 10.17
CA PHE C 175 -32.41 15.52 11.03
C PHE C 175 -31.14 16.33 11.30
N PHE C 176 -30.69 17.12 10.32
CA PHE C 176 -29.51 18.02 10.44
C PHE C 176 -29.76 19.03 11.56
N PHE C 177 -30.93 19.68 11.55
CA PHE C 177 -31.33 20.71 12.56
C PHE C 177 -31.32 20.08 13.96
N HIS C 178 -31.81 18.84 14.08
CA HIS C 178 -31.81 18.09 15.37
C HIS C 178 -30.37 17.92 15.87
N ILE C 179 -29.45 17.53 14.98
CA ILE C 179 -28.00 17.35 15.32
C ILE C 179 -27.45 18.67 15.83
N LEU C 180 -27.69 19.77 15.11
CA LEU C 180 -27.21 21.13 15.49
C LEU C 180 -27.73 21.48 16.88
N TRP C 181 -29.00 21.15 17.16
CA TRP C 181 -29.68 21.38 18.47
C TRP C 181 -28.89 20.66 19.58
N VAL C 182 -28.74 19.34 19.46
CA VAL C 182 -28.05 18.48 20.46
C VAL C 182 -26.59 18.96 20.63
N MET C 183 -25.90 19.27 19.53
CA MET C 183 -24.47 19.69 19.59
C MET C 183 -24.37 20.99 20.38
N LYS C 184 -25.31 21.93 20.18
CA LYS C 184 -25.37 23.21 20.92
C LYS C 184 -25.44 22.92 22.43
N LYS C 185 -26.33 22.01 22.85
CA LYS C 185 -26.48 21.58 24.27
C LYS C 185 -25.14 21.05 24.78
N VAL C 186 -24.51 20.14 24.04
CA VAL C 186 -23.22 19.48 24.39
C VAL C 186 -22.14 20.56 24.62
N ILE C 187 -22.08 21.55 23.74
CA ILE C 187 -21.08 22.67 23.81
C ILE C 187 -21.32 23.48 25.09
N ASN C 188 -22.57 23.81 25.38
CA ASN C 188 -22.99 24.61 26.57
C ASN C 188 -22.63 23.86 27.86
N GLU C 189 -23.06 22.60 27.99
CA GLU C 189 -22.76 21.73 29.15
C GLU C 189 -21.24 21.53 29.25
N GLY C 190 -20.55 21.45 28.09
CA GLY C 190 -19.09 21.27 28.01
C GLY C 190 -18.34 22.45 28.60
N LYS C 191 -18.85 23.67 28.39
CA LYS C 191 -18.24 24.94 28.86
C LYS C 191 -18.32 25.02 30.39
N GLU C 192 -19.35 24.45 31.00
CA GLU C 192 -19.55 24.43 32.47
C GLU C 192 -18.42 23.63 33.14
N GLY C 193 -17.71 24.27 34.08
CA GLY C 193 -16.71 23.63 34.95
C GLY C 193 -15.34 23.47 34.31
N ILE C 194 -15.00 24.26 33.29
CA ILE C 194 -13.65 24.24 32.66
C ILE C 194 -13.11 25.68 32.57
N SER C 195 -11.80 25.84 32.43
CA SER C 195 -11.09 27.15 32.40
C SER C 195 -11.59 28.00 31.24
N PRO C 196 -11.47 29.34 31.33
CA PRO C 196 -11.87 30.23 30.24
C PRO C 196 -11.16 29.89 28.92
N ALA C 197 -9.92 29.38 28.98
CA ALA C 197 -9.13 28.96 27.80
C ALA C 197 -9.87 27.83 27.09
N GLY C 198 -10.32 26.83 27.84
CA GLY C 198 -11.09 25.68 27.33
C GLY C 198 -12.40 26.15 26.72
N GLN C 199 -13.06 27.12 27.34
CA GLN C 199 -14.37 27.68 26.90
C GLN C 199 -14.18 28.41 25.56
N LYS C 200 -13.06 29.12 25.40
CA LYS C 200 -12.73 29.86 24.16
C LYS C 200 -12.64 28.85 23.00
N ILE C 201 -11.91 27.76 23.21
CA ILE C 201 -11.69 26.68 22.20
C ILE C 201 -13.04 26.06 21.81
N LEU C 202 -13.88 25.73 22.80
CA LEU C 202 -15.22 25.14 22.58
C LEU C 202 -16.08 26.09 21.74
N SER C 203 -15.94 27.40 21.95
CA SER C 203 -16.68 28.45 21.19
C SER C 203 -16.26 28.37 19.72
N ASN C 204 -14.95 28.28 19.48
CA ASN C 204 -14.34 28.17 18.13
C ASN C 204 -14.82 26.85 17.47
N ILE C 205 -14.82 25.76 18.23
CA ILE C 205 -15.27 24.42 17.75
C ILE C 205 -16.71 24.52 17.24
N TRP C 206 -17.58 25.24 17.96
CA TRP C 206 -19.01 25.40 17.62
C TRP C 206 -19.15 26.15 16.28
N ILE C 207 -18.38 27.23 16.09
CA ILE C 207 -18.39 28.04 14.84
C ILE C 207 -17.92 27.15 13.68
N LEU C 208 -16.77 26.48 13.84
CA LEU C 208 -16.19 25.55 12.84
C LEU C 208 -17.24 24.50 12.47
N PHE C 209 -17.83 23.84 13.47
CA PHE C 209 -18.86 22.78 13.29
C PHE C 209 -20.00 23.33 12.43
N LEU C 210 -20.53 24.49 12.82
CA LEU C 210 -21.72 25.13 12.19
C LEU C 210 -21.45 25.40 10.71
N ILE C 211 -20.38 26.12 10.40
CA ILE C 211 -20.02 26.52 9.00
C ILE C 211 -19.67 25.28 8.17
N SER C 212 -18.75 24.45 8.65
CA SER C 212 -18.20 23.28 7.91
C SER C 212 -19.30 22.26 7.57
N TRP C 213 -20.21 21.99 8.49
CA TRP C 213 -21.30 20.99 8.31
C TRP C 213 -22.37 21.53 7.36
N THR C 214 -22.52 22.86 7.31
CA THR C 214 -23.53 23.54 6.45
C THR C 214 -23.06 23.48 4.99
N LEU C 215 -21.74 23.43 4.75
CA LEU C 215 -21.14 23.37 3.39
C LEU C 215 -21.63 22.13 2.63
N TYR C 216 -21.90 21.04 3.33
CA TYR C 216 -22.34 19.75 2.74
C TYR C 216 -23.66 19.92 2.00
N PRO C 217 -24.74 20.42 2.67
CA PRO C 217 -25.99 20.72 1.96
C PRO C 217 -25.76 21.75 0.84
N GLY C 218 -24.78 22.65 1.02
CA GLY C 218 -24.38 23.61 -0.02
C GLY C 218 -23.93 22.90 -1.28
N ALA C 219 -23.07 21.88 -1.13
CA ALA C 219 -22.53 21.02 -2.21
C ALA C 219 -23.68 20.25 -2.88
N TYR C 220 -24.65 19.79 -2.10
CA TYR C 220 -25.87 19.07 -2.56
C TYR C 220 -26.63 19.94 -3.58
N LEU C 221 -26.90 21.20 -3.22
CA LEU C 221 -27.72 22.14 -4.03
C LEU C 221 -26.89 22.84 -5.11
N MET C 222 -25.56 22.80 -5.00
CA MET C 222 -24.59 23.60 -5.82
C MET C 222 -25.10 23.83 -7.24
N PRO C 223 -25.42 22.77 -8.03
CA PRO C 223 -25.77 22.97 -9.44
C PRO C 223 -26.96 23.91 -9.69
N TYR C 224 -27.81 24.11 -8.69
CA TYR C 224 -29.09 24.86 -8.82
C TYR C 224 -29.08 26.15 -7.98
N LEU C 225 -27.97 26.52 -7.36
CA LEU C 225 -27.89 27.71 -6.46
C LEU C 225 -28.03 29.00 -7.27
N THR C 226 -27.94 28.95 -8.60
CA THR C 226 -28.16 30.10 -9.51
C THR C 226 -29.33 29.78 -10.43
N GLY C 227 -30.25 28.92 -9.96
CA GLY C 227 -31.46 28.49 -10.68
C GLY C 227 -31.14 27.54 -11.82
N VAL C 228 -32.17 26.97 -12.45
CA VAL C 228 -32.04 26.08 -13.65
C VAL C 228 -31.37 26.90 -14.76
N ASP C 229 -30.44 26.30 -15.51
CA ASP C 229 -29.69 26.96 -16.60
C ASP C 229 -29.00 28.22 -16.08
N GLY C 230 -28.50 28.18 -14.84
CA GLY C 230 -27.71 29.27 -14.23
C GLY C 230 -26.22 29.08 -14.48
N PHE C 231 -25.41 30.06 -14.06
CA PHE C 231 -23.93 30.08 -14.18
C PHE C 231 -23.34 28.79 -13.59
N LEU C 232 -23.94 28.24 -12.52
CA LEU C 232 -23.39 27.07 -11.77
C LEU C 232 -23.80 25.74 -12.40
N TYR C 233 -24.79 25.72 -13.29
CA TYR C 233 -25.18 24.47 -14.02
C TYR C 233 -24.24 24.35 -15.22
N SER C 234 -22.96 24.13 -14.94
CA SER C 234 -21.83 24.12 -15.89
C SER C 234 -20.62 23.45 -15.23
N GLU C 235 -19.47 23.49 -15.91
CA GLU C 235 -18.19 22.93 -15.36
C GLU C 235 -17.79 23.76 -14.14
N ASP C 236 -18.22 25.03 -14.08
CA ASP C 236 -17.94 25.96 -12.96
C ASP C 236 -18.58 25.39 -11.68
N GLY C 237 -19.82 24.91 -11.78
CA GLY C 237 -20.56 24.28 -10.67
C GLY C 237 -19.91 22.98 -10.25
N VAL C 238 -19.39 22.21 -11.22
CA VAL C 238 -18.66 20.93 -10.97
C VAL C 238 -17.43 21.25 -10.11
N MET C 239 -16.64 22.24 -10.53
CA MET C 239 -15.43 22.69 -9.80
C MET C 239 -15.81 23.14 -8.39
N ALA C 240 -16.84 23.99 -8.28
CA ALA C 240 -17.33 24.59 -7.02
C ALA C 240 -17.76 23.50 -6.04
N ARG C 241 -18.51 22.51 -6.51
CA ARG C 241 -19.03 21.40 -5.68
C ARG C 241 -17.86 20.65 -5.02
N GLN C 242 -16.88 20.21 -5.80
CA GLN C 242 -15.74 19.39 -5.30
C GLN C 242 -14.84 20.25 -4.40
N LEU C 243 -14.69 21.54 -4.74
CA LEU C 243 -13.90 22.50 -3.91
C LEU C 243 -14.56 22.59 -2.53
N VAL C 244 -15.86 22.85 -2.51
CA VAL C 244 -16.67 23.02 -1.26
C VAL C 244 -16.56 21.74 -0.43
N TYR C 245 -16.73 20.56 -1.04
CA TYR C 245 -16.59 19.25 -0.35
C TYR C 245 -15.22 19.16 0.34
N THR C 246 -14.16 19.52 -0.38
CA THR C 246 -12.76 19.42 0.12
C THR C 246 -12.58 20.37 1.32
N ILE C 247 -13.07 21.60 1.21
CA ILE C 247 -12.98 22.61 2.31
C ILE C 247 -13.74 22.06 3.52
N ALA C 248 -14.92 21.50 3.30
CA ALA C 248 -15.79 20.92 4.35
C ALA C 248 -15.10 19.72 5.00
N ASP C 249 -14.52 18.83 4.20
CA ASP C 249 -13.83 17.59 4.67
C ASP C 249 -12.67 17.96 5.59
N VAL C 250 -11.81 18.88 5.17
CA VAL C 250 -10.59 19.28 5.94
C VAL C 250 -11.03 19.96 7.25
N SER C 251 -12.01 20.86 7.18
CA SER C 251 -12.54 21.64 8.33
C SER C 251 -13.22 20.72 9.34
N SER C 252 -14.17 19.91 8.87
CA SER C 252 -15.06 19.07 9.71
C SER C 252 -14.32 17.89 10.34
N VAL C 254 -10.29 17.18 9.99
CA VAL C 254 -8.92 17.41 10.39
C VAL C 254 -8.83 18.56 11.40
N ILE C 255 -9.31 19.75 11.03
CA ILE C 255 -9.19 20.98 11.88
C ILE C 255 -9.99 20.76 13.18
N TYR C 256 -11.20 20.21 13.07
CA TYR C 256 -12.07 19.82 14.22
C TYR C 256 -11.27 18.93 15.18
N GLY C 257 -10.62 17.90 14.63
CA GLY C 257 -9.81 16.94 15.40
C GLY C 257 -8.65 17.62 16.11
N VAL C 258 -7.98 18.56 15.43
CA VAL C 258 -6.82 19.30 16.00
C VAL C 258 -7.31 20.16 17.17
N LEU C 259 -8.42 20.88 17.00
CA LEU C 259 -9.03 21.74 18.06
C LEU C 259 -9.40 20.89 19.28
N LEU C 260 -10.03 19.73 19.07
CA LEU C 260 -10.38 18.80 20.18
C LEU C 260 -9.09 18.38 20.90
N GLY C 261 -8.03 18.12 20.14
CA GLY C 261 -6.71 17.74 20.68
C GLY C 261 -6.15 18.83 21.57
N ASN C 262 -6.23 20.08 21.10
CA ASN C 262 -5.77 21.30 21.82
C ASN C 262 -6.59 21.47 23.10
N LEU C 263 -7.90 21.25 23.03
CA LEU C 263 -8.82 21.31 24.20
C LEU C 263 -8.38 20.25 25.21
N ALA C 264 -8.13 19.02 24.75
CA ALA C 264 -7.69 17.87 25.58
C ALA C 264 -6.41 18.23 26.33
N ILE C 265 -5.46 18.90 25.64
CA ILE C 265 -4.16 19.34 26.23
C ILE C 265 -4.43 20.36 27.34
N THR C 266 -5.30 21.35 27.08
CA THR C 266 -5.69 22.42 28.04
C THR C 266 -6.30 21.81 29.31
N LEU C 267 -7.08 20.73 29.16
CA LEU C 267 -7.79 20.05 30.28
C LEU C 267 -6.86 19.05 30.98
N SER C 268 -5.76 18.64 30.33
CA SER C 268 -4.79 17.66 30.87
C SER C 268 -3.97 18.32 31.99
N GLN D 1 -3.65 20.51 -33.58
CA GLN D 1 -4.30 19.91 -32.38
C GLN D 1 -4.62 21.03 -31.37
N GLU D 2 -5.77 20.94 -30.69
CA GLU D 2 -6.27 21.96 -29.72
C GLU D 2 -6.05 21.46 -28.29
N LEU D 3 -5.18 22.15 -27.54
CA LEU D 3 -4.77 21.77 -26.16
C LEU D 3 -5.34 22.75 -25.13
N GLY D 4 -5.48 24.01 -25.52
CA GLY D 4 -6.05 25.08 -24.66
C GLY D 4 -5.08 25.57 -23.63
N ASN D 5 -5.52 25.68 -22.38
CA ASN D 5 -4.72 26.21 -21.24
C ASN D 5 -3.95 25.05 -20.60
N ALA D 6 -2.98 24.51 -21.34
CA ALA D 6 -2.17 23.33 -20.96
C ALA D 6 -0.70 23.74 -20.76
N ASN D 7 0.03 22.98 -19.96
CA ASN D 7 1.48 23.18 -19.67
C ASN D 7 2.25 22.90 -20.96
N PHE D 8 3.44 23.50 -21.10
CA PHE D 8 4.25 23.47 -22.33
C PHE D 8 4.75 22.04 -22.60
N GLU D 9 4.84 21.19 -21.57
CA GLU D 9 5.29 19.78 -21.73
C GLU D 9 4.45 19.11 -22.81
N ASN D 10 3.14 19.43 -22.84
CA ASN D 10 2.14 18.82 -23.76
C ASN D 10 2.38 19.32 -25.19
N PHE D 11 2.77 20.58 -25.36
CA PHE D 11 3.05 21.20 -26.69
C PHE D 11 4.30 20.56 -27.31
N ILE D 12 5.36 20.39 -26.52
CA ILE D 12 6.60 19.71 -26.96
C ILE D 12 6.26 18.26 -27.31
N GLY D 13 5.50 17.60 -26.43
CA GLY D 13 5.11 16.19 -26.56
C GLY D 13 4.24 15.95 -27.79
N ALA D 14 3.43 16.95 -28.17
CA ALA D 14 2.45 16.86 -29.27
C ALA D 14 3.09 17.21 -30.62
N THR D 15 4.17 18.00 -30.63
CA THR D 15 4.84 18.49 -31.87
C THR D 15 6.14 17.72 -32.11
N GLU D 16 7.19 17.99 -31.33
CA GLU D 16 8.54 17.38 -31.49
C GLU D 16 8.57 15.96 -30.92
N GLY D 17 7.85 15.72 -29.83
CA GLY D 17 7.92 14.45 -29.09
C GLY D 17 9.16 14.42 -28.23
N PHE D 18 9.36 13.36 -27.44
CA PHE D 18 10.50 13.23 -26.51
C PHE D 18 11.39 12.05 -26.92
N SER D 19 12.71 12.29 -26.93
CA SER D 19 13.74 11.25 -27.11
C SER D 19 13.67 10.30 -25.92
N GLU D 20 14.25 9.11 -26.04
CA GLU D 20 14.36 8.08 -24.97
C GLU D 20 14.97 8.72 -23.71
N ILE D 21 16.06 9.47 -23.86
CA ILE D 21 16.81 10.10 -22.72
C ILE D 21 15.88 11.07 -21.99
N ALA D 22 15.23 12.00 -22.71
CA ALA D 22 14.34 13.03 -22.13
C ALA D 22 13.19 12.37 -21.38
N TYR D 23 12.53 11.38 -22.00
CA TYR D 23 11.36 10.67 -21.41
C TYR D 23 11.79 9.87 -20.17
N GLN D 24 12.85 9.06 -20.32
CA GLN D 24 13.35 8.18 -19.24
C GLN D 24 13.86 9.03 -18.07
N PHE D 25 14.67 10.05 -18.35
CA PHE D 25 15.25 10.93 -17.31
C PHE D 25 14.13 11.53 -16.45
N THR D 26 13.11 12.10 -17.08
CA THR D 26 11.96 12.73 -16.38
C THR D 26 11.30 11.69 -15.48
N SER D 27 11.13 10.47 -16.00
N SER D 27 11.12 10.46 -16.00
CA SER D 27 10.52 9.31 -15.28
CA SER D 27 10.51 9.30 -15.27
C SER D 27 11.38 8.94 -14.06
C SER D 27 11.38 8.94 -14.06
N HIS D 28 12.71 8.90 -14.25
CA HIS D 28 13.69 8.53 -13.19
C HIS D 28 13.74 9.58 -12.08
N ILE D 29 13.79 10.86 -12.45
CA ILE D 29 13.95 11.98 -11.47
C ILE D 29 12.69 12.08 -10.61
N LEU D 30 11.51 11.86 -11.19
CA LEU D 30 10.22 11.88 -10.45
C LEU D 30 10.14 10.67 -9.52
N THR D 31 10.68 9.52 -9.96
CA THR D 31 10.70 8.25 -9.18
C THR D 31 11.63 8.43 -7.98
N LEU D 32 12.83 8.96 -8.20
CA LEU D 32 13.79 9.31 -7.12
C LEU D 32 13.07 10.24 -6.13
N GLY D 33 12.34 11.22 -6.66
CA GLY D 33 11.57 12.21 -5.89
C GLY D 33 10.74 11.57 -4.79
N TYR D 34 9.81 10.67 -5.17
CA TYR D 34 8.86 10.06 -4.20
C TYR D 34 9.59 9.05 -3.30
N ALA D 35 10.65 8.40 -3.80
CA ALA D 35 11.47 7.42 -3.03
C ALA D 35 12.13 8.15 -1.85
N VAL D 36 12.66 9.35 -2.11
CA VAL D 36 13.35 10.19 -1.09
C VAL D 36 12.35 10.56 0.01
N MET D 37 11.11 10.90 -0.36
CA MET D 37 10.06 11.35 0.60
C MET D 37 9.66 10.20 1.52
N LEU D 38 9.51 8.98 1.00
CA LEU D 38 9.11 7.81 1.83
C LEU D 38 10.27 7.43 2.76
N ALA D 39 11.51 7.54 2.28
CA ALA D 39 12.74 7.29 3.08
C ALA D 39 12.83 8.32 4.21
N GLY D 40 12.57 9.59 3.89
CA GLY D 40 12.56 10.72 4.84
C GLY D 40 11.51 10.49 5.92
N LEU D 41 10.31 10.07 5.52
CA LEU D 41 9.19 9.78 6.46
C LEU D 41 9.69 8.83 7.55
N LEU D 42 10.34 7.74 7.13
CA LEU D 42 10.86 6.69 8.04
C LEU D 42 11.92 7.31 8.97
N TYR D 43 12.82 8.12 8.42
CA TYR D 43 13.91 8.78 9.18
C TYR D 43 13.33 9.69 10.28
N PHE D 44 12.34 10.52 9.95
CA PHE D 44 11.75 11.51 10.89
C PHE D 44 11.00 10.81 12.02
N ILE D 45 10.30 9.72 11.71
CA ILE D 45 9.55 8.92 12.72
C ILE D 45 10.54 8.21 13.65
N LEU D 46 11.57 7.58 13.09
CA LEU D 46 12.55 6.74 13.85
C LEU D 46 13.46 7.59 14.74
N THR D 47 13.59 8.90 14.49
CA THR D 47 14.51 9.80 15.25
C THR D 47 13.75 10.74 16.18
N ILE D 48 12.43 10.53 16.33
N ILE D 48 12.43 10.53 16.33
CA ILE D 48 11.52 11.38 17.16
CA ILE D 48 11.54 11.39 17.16
C ILE D 48 12.06 11.45 18.59
C ILE D 48 12.06 11.46 18.60
N LYS D 49 12.50 10.33 19.16
CA LYS D 49 12.95 10.23 20.57
C LYS D 49 14.41 10.67 20.74
N ASN D 50 15.01 11.29 19.73
CA ASN D 50 16.41 11.78 19.78
C ASN D 50 16.45 13.23 20.26
N VAL D 51 15.29 13.86 20.47
CA VAL D 51 15.19 15.29 20.88
C VAL D 51 14.21 15.39 22.06
N ASP D 52 14.33 16.47 22.84
CA ASP D 52 13.44 16.77 24.00
C ASP D 52 12.00 16.88 23.50
N LYS D 53 11.04 16.49 24.34
CA LYS D 53 9.58 16.47 24.05
C LYS D 53 9.16 17.75 23.32
N LYS D 54 9.65 18.92 23.76
CA LYS D 54 9.20 20.24 23.25
C LYS D 54 9.57 20.43 21.77
N PHE D 55 10.55 19.70 21.25
CA PHE D 55 11.06 19.83 19.86
C PHE D 55 10.48 18.75 18.94
N GLN D 56 9.77 17.77 19.50
CA GLN D 56 9.28 16.58 18.75
C GLN D 56 8.24 16.98 17.70
N MET D 57 7.54 18.11 17.89
CA MET D 57 6.52 18.59 16.93
C MET D 57 7.20 18.87 15.58
N SER D 58 8.49 19.21 15.57
CA SER D 58 9.30 19.46 14.35
C SER D 58 9.38 18.17 13.52
N ASN D 59 9.76 17.06 14.15
CA ASN D 59 9.84 15.72 13.51
C ASN D 59 8.46 15.36 12.93
N ILE D 60 7.41 15.59 13.72
CA ILE D 60 6.01 15.23 13.37
C ILE D 60 5.57 16.00 12.12
N LEU D 61 5.85 17.31 12.06
CA LEU D 61 5.47 18.17 10.91
C LEU D 61 6.31 17.80 9.68
N SER D 62 7.58 17.41 9.87
CA SER D 62 8.45 16.89 8.78
C SER D 62 7.79 15.63 8.19
N ALA D 63 7.33 14.73 9.06
CA ALA D 63 6.65 13.47 8.68
C ALA D 63 5.39 13.81 7.87
N VAL D 64 4.60 14.77 8.35
CA VAL D 64 3.35 15.23 7.69
C VAL D 64 3.69 15.67 6.26
N VAL D 65 4.72 16.49 6.10
CA VAL D 65 5.17 17.02 4.79
C VAL D 65 5.60 15.85 3.89
N MET D 66 6.35 14.89 4.44
CA MET D 66 6.85 13.70 3.69
C MET D 66 5.66 12.93 3.07
N VAL D 67 4.58 12.73 3.83
CA VAL D 67 3.35 12.02 3.38
C VAL D 67 2.79 12.75 2.16
N SER D 68 2.58 14.07 2.28
CA SER D 68 2.11 14.97 1.21
C SER D 68 2.99 14.80 -0.04
N ALA D 69 4.31 14.97 0.12
CA ALA D 69 5.30 14.95 -0.97
C ALA D 69 5.30 13.57 -1.65
N PHE D 70 5.32 12.49 -0.86
CA PHE D 70 5.33 11.11 -1.39
C PHE D 70 4.12 10.88 -2.30
N LEU D 71 2.92 11.12 -1.78
CA LEU D 71 1.63 10.88 -2.50
C LEU D 71 1.62 11.67 -3.81
N LEU D 72 2.02 12.94 -3.77
CA LEU D 72 1.96 13.86 -4.93
C LEU D 72 2.99 13.43 -5.99
N LEU D 73 4.24 13.23 -5.59
CA LEU D 73 5.34 12.86 -6.52
C LEU D 73 5.05 11.47 -7.11
N TYR D 74 4.44 10.57 -6.34
CA TYR D 74 4.07 9.22 -6.83
C TYR D 74 3.00 9.37 -7.92
N ALA D 75 1.96 10.17 -7.66
CA ALA D 75 0.87 10.48 -8.60
C ALA D 75 1.45 11.14 -9.85
N GLN D 76 2.33 12.12 -9.67
CA GLN D 76 2.94 12.92 -10.78
C GLN D 76 3.81 12.00 -11.65
N ALA D 77 4.54 11.05 -11.04
CA ALA D 77 5.38 10.06 -11.77
C ALA D 77 4.48 9.20 -12.69
N GLN D 78 3.34 8.73 -12.19
CA GLN D 78 2.37 7.90 -12.96
C GLN D 78 1.75 8.77 -14.07
N ASN D 79 1.45 10.03 -13.78
CA ASN D 79 0.82 10.99 -14.74
C ASN D 79 1.76 11.16 -15.94
N TRP D 80 3.06 11.28 -15.69
CA TRP D 80 4.09 11.48 -16.73
C TRP D 80 4.10 10.29 -17.70
N THR D 81 4.21 9.06 -17.18
CA THR D 81 4.38 7.82 -17.98
C THR D 81 3.10 7.52 -18.77
N SER D 82 1.93 7.94 -18.27
CA SER D 82 0.62 7.63 -18.91
C SER D 82 0.29 8.65 -20.01
N SER D 83 0.92 9.82 -19.99
CA SER D 83 0.61 10.96 -20.90
C SER D 83 1.45 10.93 -22.18
N PHE D 84 2.55 10.18 -22.21
CA PHE D 84 3.47 10.12 -23.37
C PHE D 84 3.76 8.65 -23.70
N THR D 85 3.52 8.30 -24.97
CA THR D 85 3.62 6.91 -25.50
C THR D 85 4.59 6.88 -26.67
N PHE D 86 5.37 5.80 -26.76
CA PHE D 86 6.43 5.60 -27.78
C PHE D 86 5.79 5.36 -29.15
N ASN D 87 6.32 6.05 -30.16
CA ASN D 87 5.97 5.88 -31.59
C ASN D 87 7.15 5.13 -32.24
N GLU D 88 6.95 3.87 -32.62
CA GLU D 88 8.00 2.94 -33.13
C GLU D 88 8.55 3.42 -34.48
N GLU D 89 7.74 4.14 -35.27
CA GLU D 89 8.11 4.62 -36.63
C GLU D 89 9.21 5.69 -36.57
N VAL D 90 9.15 6.59 -35.58
CA VAL D 90 10.08 7.75 -35.45
C VAL D 90 11.02 7.55 -34.24
N GLY D 91 10.64 6.70 -33.30
CA GLY D 91 11.43 6.39 -32.09
C GLY D 91 11.42 7.54 -31.08
N ARG D 92 10.26 8.16 -30.88
CA ARG D 92 10.08 9.26 -29.89
C ARG D 92 8.74 9.04 -29.17
N TYR D 93 8.61 9.60 -27.97
CA TYR D 93 7.37 9.55 -27.16
C TYR D 93 6.55 10.80 -27.48
N PHE D 94 5.28 10.61 -27.85
CA PHE D 94 4.34 11.71 -28.20
C PHE D 94 3.16 11.74 -27.23
N LEU D 95 2.54 12.91 -27.10
CA LEU D 95 1.35 13.12 -26.24
C LEU D 95 0.34 12.00 -26.55
N ASP D 96 -0.06 11.26 -25.52
CA ASP D 96 -1.13 10.24 -25.58
C ASP D 96 -2.31 10.79 -24.81
N PRO D 97 -3.32 11.37 -25.50
CA PRO D 97 -4.42 12.07 -24.84
C PRO D 97 -5.26 11.20 -23.89
N SER D 98 -5.29 9.88 -24.13
CA SER D 98 -6.06 8.90 -23.32
C SER D 98 -5.51 8.85 -21.89
N GLY D 99 -4.28 9.32 -21.68
CA GLY D 99 -3.64 9.36 -20.35
C GLY D 99 -3.87 10.69 -19.65
N ASP D 100 -4.62 11.59 -20.30
CA ASP D 100 -4.85 12.99 -19.84
C ASP D 100 -3.62 13.82 -20.23
N LEU D 101 -3.76 15.15 -20.29
CA LEU D 101 -2.62 16.08 -20.48
C LEU D 101 -1.82 16.10 -19.17
N PHE D 102 -0.51 16.34 -19.26
CA PHE D 102 0.37 16.47 -18.07
C PHE D 102 0.15 17.89 -17.50
N ASN D 103 0.10 18.01 -16.18
CA ASN D 103 -0.09 19.32 -15.50
C ASN D 103 0.72 19.33 -14.20
N ASN D 104 1.49 20.39 -13.99
CA ASN D 104 2.36 20.60 -12.80
C ASN D 104 1.50 21.08 -11.63
N GLY D 105 0.24 21.45 -11.91
CA GLY D 105 -0.74 22.00 -10.93
C GLY D 105 -0.91 21.10 -9.71
N TYR D 106 -0.73 19.79 -9.86
CA TYR D 106 -0.79 18.80 -8.75
C TYR D 106 0.11 19.30 -7.61
N ARG D 107 1.37 19.63 -7.94
CA ARG D 107 2.38 20.16 -6.99
C ARG D 107 1.83 21.37 -6.22
N TYR D 108 1.33 22.36 -6.96
CA TYR D 108 0.89 23.68 -6.44
C TYR D 108 -0.10 23.48 -5.28
N LEU D 109 -1.18 22.73 -5.51
CA LEU D 109 -2.25 22.56 -4.49
C LEU D 109 -1.73 21.79 -3.27
N ASN D 110 -0.76 20.88 -3.45
CA ASN D 110 -0.17 20.12 -2.32
C ASN D 110 0.77 21.04 -1.53
N TRP D 111 1.23 22.16 -2.12
CA TRP D 111 2.06 23.17 -1.42
C TRP D 111 1.21 23.85 -0.32
N LEU D 112 -0.12 23.80 -0.44
CA LEU D 112 -1.06 24.31 0.58
C LEU D 112 -0.86 23.54 1.88
N ILE D 113 -0.26 22.35 1.81
CA ILE D 113 0.16 21.54 3.00
C ILE D 113 1.59 21.91 3.34
N ASP D 114 2.51 21.69 2.39
CA ASP D 114 3.98 21.80 2.55
C ASP D 114 4.37 23.17 3.10
N VAL D 115 4.04 24.24 2.39
CA VAL D 115 4.50 25.63 2.68
C VAL D 115 4.10 26.04 4.10
N PRO D 116 2.81 26.00 4.47
CA PRO D 116 2.39 26.36 5.82
C PRO D 116 3.10 25.57 6.92
N MET D 117 3.27 24.26 6.71
CA MET D 117 3.88 23.32 7.71
C MET D 117 5.39 23.58 7.81
N LEU D 118 6.07 23.80 6.68
CA LEU D 118 7.54 24.03 6.62
C LEU D 118 7.88 25.32 7.36
N LEU D 119 7.06 26.35 7.18
CA LEU D 119 7.25 27.69 7.81
C LEU D 119 6.93 27.60 9.30
N PHE D 120 5.86 26.88 9.64
CA PHE D 120 5.34 26.73 11.02
C PHE D 120 6.34 25.97 11.90
N GLN D 121 6.94 24.89 11.38
CA GLN D 121 7.72 23.92 12.19
C GLN D 121 8.95 24.58 12.81
N ILE D 122 9.57 25.57 12.16
CA ILE D 122 10.81 26.23 12.70
C ILE D 122 10.46 26.95 14.01
N LEU D 123 9.22 27.39 14.16
CA LEU D 123 8.72 28.15 15.34
C LEU D 123 8.62 27.24 16.57
N PHE D 124 8.86 25.94 16.43
CA PHE D 124 8.82 24.94 17.53
C PHE D 124 10.24 24.63 18.02
N VAL D 125 11.25 25.16 17.32
CA VAL D 125 12.68 24.90 17.62
C VAL D 125 13.33 26.19 18.12
N VAL D 126 13.13 27.30 17.41
CA VAL D 126 13.72 28.64 17.76
C VAL D 126 12.77 29.38 18.71
N SER D 127 13.32 30.31 19.48
CA SER D 127 12.57 31.22 20.39
C SER D 127 12.60 32.63 19.79
N LEU D 128 11.43 33.21 19.54
CA LEU D 128 11.30 34.60 19.03
C LEU D 128 11.62 35.56 20.19
N THR D 129 12.13 36.76 19.87
CA THR D 129 12.47 37.81 20.87
C THR D 129 11.51 39.00 20.68
N THR D 130 11.70 39.78 19.61
CA THR D 130 10.93 41.04 19.33
C THR D 130 9.65 40.77 18.53
N SER D 131 9.49 39.59 17.90
CA SER D 131 8.29 39.23 17.10
C SER D 131 7.35 38.34 17.91
N LYS D 132 6.04 38.43 17.66
CA LYS D 132 4.98 37.62 18.33
C LYS D 132 4.73 36.35 17.52
N PHE D 133 4.70 35.19 18.18
CA PHE D 133 4.52 33.84 17.59
C PHE D 133 3.31 33.83 16.64
N SER D 134 2.13 34.21 17.14
CA SER D 134 0.84 34.18 16.42
C SER D 134 0.90 35.09 15.18
N SER D 135 1.55 36.24 15.31
CA SER D 135 1.70 37.27 14.23
C SER D 135 2.53 36.69 13.07
N VAL D 136 3.70 36.11 13.38
CA VAL D 136 4.62 35.49 12.39
C VAL D 136 3.89 34.34 11.69
N ARG D 137 3.26 33.45 12.46
CA ARG D 137 2.50 32.28 11.95
C ARG D 137 1.47 32.76 10.92
N ASN D 138 0.65 33.74 11.30
CA ASN D 138 -0.46 34.30 10.48
C ASN D 138 0.08 34.90 9.18
N GLN D 139 1.20 35.62 9.25
CA GLN D 139 1.84 36.26 8.06
C GLN D 139 2.32 35.16 7.12
N PHE D 140 3.02 34.13 7.65
CA PHE D 140 3.52 32.97 6.89
C PHE D 140 2.35 32.29 6.15
N TRP D 141 1.27 32.00 6.87
CA TRP D 141 0.10 31.24 6.38
C TRP D 141 -0.67 32.03 5.33
N PHE D 142 -0.93 33.32 5.56
CA PHE D 142 -1.66 34.19 4.60
C PHE D 142 -0.83 34.36 3.33
N SER D 143 0.42 34.83 3.45
CA SER D 143 1.32 35.09 2.30
C SER D 143 1.61 33.77 1.55
N GLY D 144 1.78 32.67 2.29
CA GLY D 144 2.01 31.34 1.70
C GLY D 144 0.87 30.94 0.79
N ALA D 145 -0.37 31.03 1.29
CA ALA D 145 -1.61 30.67 0.57
C ALA D 145 -1.75 31.52 -0.69
N MET D 146 -1.59 32.84 -0.58
CA MET D 146 -1.75 33.80 -1.70
C MET D 146 -0.67 33.54 -2.76
N MET D 147 0.57 33.27 -2.33
CA MET D 147 1.71 32.96 -3.22
C MET D 147 1.35 31.75 -4.11
N ILE D 148 0.85 30.69 -3.48
CA ILE D 148 0.52 29.39 -4.13
C ILE D 148 -0.65 29.57 -5.10
N ILE D 149 -1.77 30.11 -4.61
CA ILE D 149 -3.04 30.25 -5.38
C ILE D 149 -2.80 31.09 -6.64
N THR D 150 -2.09 32.21 -6.53
CA THR D 150 -1.82 33.14 -7.67
C THR D 150 -0.93 32.44 -8.69
N GLY D 151 0.09 31.71 -8.23
CA GLY D 151 1.00 30.93 -9.08
C GLY D 151 0.26 29.80 -9.79
N TYR D 152 -0.67 29.15 -9.08
CA TYR D 152 -1.49 28.02 -9.58
C TYR D 152 -2.29 28.49 -10.81
N ILE D 153 -2.93 29.65 -10.69
CA ILE D 153 -3.74 30.28 -11.77
C ILE D 153 -2.81 30.59 -12.95
N GLY D 154 -1.66 31.19 -12.66
CA GLY D 154 -0.67 31.63 -13.68
C GLY D 154 -0.19 30.50 -14.58
N GLN D 155 0.15 29.34 -14.00
CA GLN D 155 0.83 28.22 -14.71
C GLN D 155 -0.08 27.60 -15.78
N PHE D 156 -1.40 27.78 -15.68
CA PHE D 156 -2.39 27.28 -16.67
C PHE D 156 -2.26 28.05 -17.99
N TYR D 157 -1.61 29.22 -17.96
CA TYR D 157 -1.53 30.15 -19.11
C TYR D 157 -0.09 30.28 -19.62
N GLU D 158 0.82 29.41 -19.17
CA GLU D 158 2.26 29.50 -19.50
C GLU D 158 2.46 29.41 -21.01
N VAL D 159 1.47 28.93 -21.78
CA VAL D 159 1.56 28.84 -23.27
C VAL D 159 0.41 29.64 -23.90
N SER D 160 -0.83 29.46 -23.43
CA SER D 160 -2.05 30.05 -24.02
C SER D 160 -2.11 31.57 -23.88
N ASN D 161 -1.42 32.15 -22.87
CA ASN D 161 -1.51 33.60 -22.57
C ASN D 161 -0.33 34.04 -21.70
N LEU D 162 0.79 34.38 -22.34
CA LEU D 162 2.08 34.75 -21.70
C LEU D 162 1.90 35.93 -20.75
N THR D 163 0.98 36.85 -21.06
CA THR D 163 0.72 38.08 -20.26
C THR D 163 0.16 37.69 -18.89
N ALA D 164 -0.95 36.95 -18.85
CA ALA D 164 -1.58 36.44 -17.61
C ALA D 164 -0.53 35.68 -16.80
N PHE D 165 0.22 34.80 -17.47
CA PHE D 165 1.30 33.96 -16.88
C PHE D 165 2.26 34.84 -16.06
N LEU D 166 2.73 35.95 -16.65
CA LEU D 166 3.74 36.86 -16.03
C LEU D 166 3.10 37.72 -14.93
N VAL D 167 1.88 38.24 -15.16
CA VAL D 167 1.17 39.11 -14.18
C VAL D 167 0.94 38.33 -12.88
N TRP D 168 0.30 37.16 -12.98
CA TRP D 168 0.01 36.28 -11.81
C TRP D 168 1.33 35.90 -11.13
N GLY D 169 2.37 35.61 -11.93
CA GLY D 169 3.72 35.27 -11.42
C GLY D 169 4.30 36.41 -10.60
N ALA D 170 4.13 37.65 -11.08
CA ALA D 170 4.62 38.89 -10.45
C ALA D 170 3.91 39.10 -9.11
N ILE D 171 2.57 39.02 -9.11
CA ILE D 171 1.73 39.14 -7.88
C ILE D 171 2.22 38.11 -6.85
N SER D 172 2.41 36.87 -7.29
CA SER D 172 2.89 35.72 -6.47
C SER D 172 4.24 36.08 -5.82
N SER D 173 5.15 36.66 -6.61
CA SER D 173 6.53 37.04 -6.19
C SER D 173 6.48 38.03 -5.03
N ALA D 174 5.52 38.96 -5.04
CA ALA D 174 5.30 39.96 -3.97
C ALA D 174 5.16 39.23 -2.62
N PHE D 175 4.29 38.23 -2.56
CA PHE D 175 4.01 37.43 -1.34
C PHE D 175 5.25 36.62 -0.96
N PHE D 176 6.01 36.15 -1.95
CA PHE D 176 7.27 35.38 -1.75
C PHE D 176 8.28 36.26 -1.00
N PHE D 177 8.47 37.50 -1.46
CA PHE D 177 9.43 38.47 -0.87
C PHE D 177 9.06 38.72 0.60
N HIS D 178 7.76 38.83 0.89
CA HIS D 178 7.24 39.03 2.27
C HIS D 178 7.65 37.83 3.14
N ILE D 179 7.48 36.60 2.64
CA ILE D 179 7.85 35.35 3.37
C ILE D 179 9.35 35.39 3.68
N LEU D 180 10.19 35.70 2.68
CA LEU D 180 11.66 35.80 2.83
C LEU D 180 12.00 36.79 3.94
N TRP D 181 11.29 37.93 3.95
CA TRP D 181 11.45 39.01 4.97
C TRP D 181 11.22 38.44 6.36
N VAL D 182 10.03 37.87 6.60
CA VAL D 182 9.59 37.32 7.92
C VAL D 182 10.56 36.20 8.34
N MET D 183 10.95 35.31 7.43
CA MET D 183 11.84 34.16 7.74
C MET D 183 13.19 34.70 8.20
N LYS D 184 13.70 35.75 7.55
CA LYS D 184 14.98 36.41 7.91
C LYS D 184 14.91 36.86 9.38
N LYS D 185 13.83 37.55 9.77
CA LYS D 185 13.57 38.00 11.15
C LYS D 185 13.64 36.80 12.11
N VAL D 186 12.89 35.74 11.80
CA VAL D 186 12.78 34.49 12.63
C VAL D 186 14.18 33.90 12.85
N ILE D 187 15.00 33.84 11.80
CA ILE D 187 16.38 33.27 11.85
C ILE D 187 17.24 34.11 12.81
N ASN D 188 17.19 35.44 12.66
CA ASN D 188 17.97 36.42 13.47
C ASN D 188 17.58 36.29 14.95
N GLU D 189 16.29 36.36 15.26
CA GLU D 189 15.76 36.24 16.65
C GLU D 189 16.09 34.84 17.18
N GLY D 190 16.08 33.83 16.32
CA GLY D 190 16.39 32.43 16.69
C GLY D 190 17.84 32.28 17.15
N LYS D 191 18.75 33.02 16.51
CA LYS D 191 20.20 33.02 16.81
C LYS D 191 20.46 33.60 18.21
N GLU D 192 19.64 34.56 18.65
CA GLU D 192 19.79 35.25 19.96
C GLU D 192 19.58 34.25 21.10
N GLY D 193 20.58 34.12 21.98
CA GLY D 193 20.51 33.35 23.24
C GLY D 193 20.74 31.86 23.07
N ILE D 194 21.39 31.41 21.99
CA ILE D 194 21.74 29.98 21.78
C ILE D 194 23.25 29.89 21.48
N SER D 195 23.83 28.70 21.64
CA SER D 195 25.28 28.43 21.44
C SER D 195 25.69 28.76 20.02
N PRO D 196 26.97 29.13 19.78
CA PRO D 196 27.47 29.41 18.44
C PRO D 196 27.25 28.24 17.47
N ALA D 197 27.26 26.99 17.96
CA ALA D 197 26.98 25.77 17.17
C ALA D 197 25.56 25.87 16.58
N GLY D 198 24.59 26.21 17.42
CA GLY D 198 23.17 26.41 16.99
C GLY D 198 23.05 27.54 15.99
N GLN D 199 23.82 28.62 16.19
CA GLN D 199 23.78 29.83 15.31
C GLN D 199 24.33 29.45 13.93
N LYS D 200 25.37 28.62 13.89
CA LYS D 200 26.01 28.11 12.64
C LYS D 200 24.94 27.37 11.81
N ILE D 201 24.20 26.45 12.46
CA ILE D 201 23.14 25.62 11.81
C ILE D 201 22.05 26.55 11.25
N LEU D 202 21.59 27.52 12.04
CA LEU D 202 20.54 28.48 11.62
C LEU D 202 21.02 29.27 10.39
N SER D 203 22.31 29.58 10.31
CA SER D 203 22.93 30.30 9.16
C SER D 203 22.81 29.43 7.91
N ASN D 204 23.13 28.14 8.05
CA ASN D 204 23.05 27.12 6.96
C ASN D 204 21.59 26.98 6.53
N ILE D 205 20.66 26.90 7.50
CA ILE D 205 19.19 26.77 7.24
C ILE D 205 18.75 27.95 6.35
N TRP D 206 19.20 29.16 6.67
CA TRP D 206 18.81 30.39 5.93
C TRP D 206 19.28 30.31 4.46
N ILE D 207 20.52 29.90 4.23
CA ILE D 207 21.10 29.75 2.86
C ILE D 207 20.29 28.72 2.09
N LEU D 208 20.11 27.52 2.68
CA LEU D 208 19.32 26.40 2.11
C LEU D 208 17.92 26.91 1.74
N PHE D 209 17.24 27.57 2.68
CA PHE D 209 15.86 28.10 2.50
C PHE D 209 15.84 29.03 1.28
N LEU D 210 16.78 29.98 1.25
CA LEU D 210 16.85 31.04 0.22
C LEU D 210 16.99 30.42 -1.17
N ILE D 211 18.01 29.57 -1.37
CA ILE D 211 18.32 28.94 -2.69
C ILE D 211 17.19 27.99 -3.09
N SER D 212 16.82 27.05 -2.22
CA SER D 212 15.84 25.96 -2.50
C SER D 212 14.46 26.55 -2.85
N TRP D 213 14.01 27.58 -2.15
CA TRP D 213 12.66 28.20 -2.35
C TRP D 213 12.65 29.03 -3.63
N THR D 214 13.81 29.57 -4.03
CA THR D 214 13.96 30.40 -5.25
C THR D 214 13.87 29.52 -6.50
N LEU D 215 14.27 28.24 -6.37
CA LEU D 215 14.26 27.26 -7.49
C LEU D 215 12.83 27.10 -8.04
N TYR D 216 11.81 27.21 -7.19
CA TYR D 216 10.38 27.02 -7.58
C TYR D 216 9.97 28.05 -8.62
N PRO D 217 10.14 29.38 -8.38
CA PRO D 217 9.88 30.37 -9.42
C PRO D 217 10.76 30.13 -10.65
N GLY D 218 11.96 29.58 -10.46
CA GLY D 218 12.87 29.21 -11.56
C GLY D 218 12.22 28.18 -12.47
N ALA D 219 11.61 27.16 -11.88
CA ALA D 219 10.89 26.06 -12.57
C ALA D 219 9.68 26.65 -13.32
N TYR D 220 9.00 27.62 -12.71
CA TYR D 220 7.83 28.35 -13.27
C TYR D 220 8.23 28.97 -14.62
N LEU D 221 9.34 29.72 -14.65
CA LEU D 221 9.81 30.49 -15.82
C LEU D 221 10.62 29.62 -16.79
N MET D 222 11.08 28.45 -16.34
CA MET D 222 12.06 27.58 -17.05
C MET D 222 11.90 27.65 -18.58
N PRO D 223 10.71 27.37 -19.16
CA PRO D 223 10.59 27.28 -20.61
C PRO D 223 10.98 28.57 -21.37
N TYR D 224 10.98 29.72 -20.68
CA TYR D 224 11.20 31.05 -21.30
C TYR D 224 12.49 31.71 -20.80
N LEU D 225 13.31 31.03 -20.01
CA LEU D 225 14.56 31.60 -19.44
C LEU D 225 15.60 31.87 -20.54
N THR D 226 15.39 31.33 -21.75
CA THR D 226 16.26 31.57 -22.93
C THR D 226 15.42 32.22 -24.03
N GLY D 227 14.35 32.93 -23.66
CA GLY D 227 13.46 33.62 -24.60
C GLY D 227 12.44 32.67 -25.24
N VAL D 228 11.50 33.24 -25.99
CA VAL D 228 10.25 32.58 -26.52
C VAL D 228 10.54 31.37 -27.43
N ASP D 229 11.60 31.39 -28.25
CA ASP D 229 11.99 30.25 -29.13
C ASP D 229 13.43 29.85 -28.82
N GLY D 230 13.73 29.68 -27.53
CA GLY D 230 15.10 29.42 -27.04
C GLY D 230 15.41 27.95 -26.85
N PHE D 231 16.65 27.66 -26.48
CA PHE D 231 17.19 26.30 -26.19
C PHE D 231 16.28 25.56 -25.22
N LEU D 232 15.70 26.27 -24.24
CA LEU D 232 14.91 25.66 -23.13
C LEU D 232 13.46 25.43 -23.54
N TYR D 233 12.97 26.03 -24.62
CA TYR D 233 11.59 25.77 -25.12
C TYR D 233 11.66 24.51 -26.00
N SER D 234 11.97 23.38 -25.35
CA SER D 234 12.25 22.06 -25.95
C SER D 234 12.14 20.97 -24.89
N GLU D 235 12.52 19.74 -25.22
CA GLU D 235 12.54 18.59 -24.28
C GLU D 235 13.61 18.87 -23.21
N ASP D 236 14.62 19.66 -23.55
CA ASP D 236 15.73 20.05 -22.63
C ASP D 236 15.14 20.86 -21.46
N GLY D 237 14.23 21.78 -21.76
CA GLY D 237 13.52 22.60 -20.76
C GLY D 237 12.60 21.74 -19.91
N VAL D 238 11.97 20.73 -20.52
CA VAL D 238 11.08 19.78 -19.80
C VAL D 238 11.92 19.04 -18.76
N MET D 239 13.07 18.49 -19.18
CA MET D 239 14.01 17.79 -18.29
C MET D 239 14.45 18.73 -17.16
N ALA D 240 14.89 19.93 -17.52
CA ALA D 240 15.44 20.95 -16.58
C ALA D 240 14.40 21.30 -15.51
N ARG D 241 13.15 21.53 -15.93
CA ARG D 241 12.04 21.92 -15.02
C ARG D 241 11.86 20.84 -13.92
N GLN D 242 11.70 19.58 -14.32
CA GLN D 242 11.43 18.46 -13.37
C GLN D 242 12.67 18.20 -12.50
N LEU D 243 13.88 18.36 -13.07
CA LEU D 243 15.15 18.21 -12.32
C LEU D 243 15.18 19.27 -11.20
N VAL D 244 14.96 20.52 -11.56
CA VAL D 244 14.98 21.69 -10.62
C VAL D 244 13.93 21.45 -9.52
N TYR D 245 12.71 21.05 -9.86
CA TYR D 245 11.63 20.73 -8.89
C TYR D 245 12.14 19.68 -7.89
N THR D 246 12.77 18.62 -8.37
CA THR D 246 13.23 17.49 -7.53
C THR D 246 14.33 17.99 -6.58
N ILE D 247 15.29 18.76 -7.08
CA ILE D 247 16.39 19.34 -6.26
C ILE D 247 15.76 20.23 -5.18
N ALA D 248 14.78 21.05 -5.56
CA ALA D 248 14.08 22.00 -4.65
C ALA D 248 13.29 21.21 -3.60
N ASP D 249 12.57 20.17 -4.02
CA ASP D 249 11.73 19.33 -3.12
C ASP D 249 12.60 18.68 -2.03
N VAL D 250 13.71 18.04 -2.41
CA VAL D 250 14.62 17.32 -1.48
C VAL D 250 15.25 18.32 -0.51
N SER D 251 15.71 19.45 -1.02
CA SER D 251 16.41 20.53 -0.26
C SER D 251 15.44 21.19 0.73
N SER D 252 14.30 21.65 0.24
CA SER D 252 13.31 22.47 1.00
C SER D 252 12.58 21.64 2.06
N VAL D 254 13.32 17.71 2.90
CA VAL D 254 14.07 16.67 3.58
C VAL D 254 15.28 17.26 4.29
N ILE D 255 16.18 17.92 3.55
CA ILE D 255 17.46 18.47 4.10
C ILE D 255 17.14 19.52 5.16
N TYR D 256 16.17 20.41 4.87
CA TYR D 256 15.66 21.44 5.82
C TYR D 256 15.24 20.77 7.12
N GLY D 257 14.45 19.70 7.02
CA GLY D 257 13.95 18.92 8.18
C GLY D 257 15.09 18.31 8.97
N VAL D 258 16.11 17.77 8.30
CA VAL D 258 17.30 17.15 8.94
C VAL D 258 18.04 18.23 9.75
N LEU D 259 18.30 19.40 9.14
CA LEU D 259 19.00 20.53 9.79
C LEU D 259 18.22 20.99 11.03
N LEU D 260 16.91 21.14 10.93
CA LEU D 260 16.04 21.52 12.09
C LEU D 260 16.20 20.47 13.19
N GLY D 261 16.25 19.19 12.82
CA GLY D 261 16.42 18.08 13.78
C GLY D 261 17.75 18.19 14.50
N ASN D 262 18.82 18.49 13.76
CA ASN D 262 20.20 18.66 14.28
C ASN D 262 20.22 19.87 15.24
N LEU D 263 19.52 20.96 14.89
CA LEU D 263 19.41 22.16 15.75
C LEU D 263 18.73 21.76 17.06
N ALA D 264 17.61 21.02 16.96
CA ALA D 264 16.81 20.54 18.10
C ALA D 264 17.71 19.73 19.04
N ILE D 265 18.58 18.89 18.48
CA ILE D 265 19.53 18.04 19.26
C ILE D 265 20.50 18.94 20.04
N THR D 266 21.09 19.94 19.38
CA THR D 266 22.08 20.87 19.98
C THR D 266 21.42 21.65 21.13
N LEU D 267 20.13 21.99 21.01
CA LEU D 267 19.37 22.75 22.04
C LEU D 267 18.86 21.82 23.15
N SER D 268 18.91 20.51 22.94
CA SER D 268 18.38 19.47 23.85
C SER D 268 19.37 19.17 24.99
N LYS D 269 18.85 18.67 26.11
CA LYS D 269 19.63 18.31 27.33
C LYS D 269 19.37 16.84 27.69
N GLN E 1 12.89 -0.57 -37.33
CA GLN E 1 12.42 0.01 -36.03
C GLN E 1 13.50 0.96 -35.51
N GLU E 2 13.10 2.16 -35.06
CA GLU E 2 14.02 3.19 -34.49
C GLU E 2 13.88 3.22 -32.96
N LEU E 3 14.95 2.88 -32.25
CA LEU E 3 14.97 2.80 -30.75
C LEU E 3 15.80 3.95 -30.17
N GLY E 4 16.87 4.35 -30.86
CA GLY E 4 17.74 5.47 -30.46
C GLY E 4 18.70 5.07 -29.34
N ASN E 5 18.80 5.91 -28.30
CA ASN E 5 19.71 5.74 -27.14
C ASN E 5 19.02 4.88 -26.08
N ALA E 6 18.76 3.61 -26.40
CA ALA E 6 18.04 2.64 -25.56
C ALA E 6 18.96 1.51 -25.10
N ASN E 7 18.62 0.88 -23.99
CA ASN E 7 19.39 -0.27 -23.41
C ASN E 7 19.25 -1.46 -24.36
N PHE E 8 20.23 -2.38 -24.33
CA PHE E 8 20.34 -3.50 -25.28
C PHE E 8 19.17 -4.49 -25.09
N GLU E 9 18.55 -4.52 -23.90
CA GLU E 9 17.40 -5.41 -23.62
C GLU E 9 16.32 -5.20 -24.69
N ASN E 10 16.13 -3.94 -25.11
CA ASN E 10 15.09 -3.53 -26.09
C ASN E 10 15.43 -4.04 -27.49
N PHE E 11 16.72 -4.04 -27.84
CA PHE E 11 17.24 -4.51 -29.16
C PHE E 11 17.02 -6.02 -29.28
N ILE E 12 17.36 -6.77 -28.24
CA ILE E 12 17.14 -8.25 -28.20
C ILE E 12 15.62 -8.50 -28.28
N GLY E 13 14.85 -7.76 -27.49
CA GLY E 13 13.38 -7.89 -27.41
C GLY E 13 12.70 -7.56 -28.73
N ALA E 14 13.28 -6.65 -29.50
CA ALA E 14 12.70 -6.14 -30.78
C ALA E 14 13.10 -7.03 -31.96
N THR E 15 14.23 -7.75 -31.88
CA THR E 15 14.78 -8.59 -32.99
C THR E 15 14.50 -10.08 -32.72
N GLU E 16 15.22 -10.70 -31.78
CA GLU E 16 15.12 -12.15 -31.45
C GLU E 16 13.88 -12.42 -30.60
N GLY E 17 13.52 -11.52 -29.69
CA GLY E 17 12.47 -11.74 -28.69
C GLY E 17 13.02 -12.59 -27.55
N PHE E 18 12.22 -12.85 -26.52
CA PHE E 18 12.62 -13.63 -25.33
C PHE E 18 11.82 -14.92 -25.22
N SER E 19 12.52 -16.03 -24.97
CA SER E 19 11.92 -17.34 -24.65
C SER E 19 11.18 -17.21 -23.31
N GLU E 20 10.28 -18.15 -23.01
CA GLU E 20 9.50 -18.21 -21.74
C GLU E 20 10.46 -18.17 -20.55
N ILE E 21 11.53 -18.98 -20.59
CA ILE E 21 12.54 -19.09 -19.50
C ILE E 21 13.20 -17.71 -19.25
N ALA E 22 13.71 -17.08 -20.30
CA ALA E 22 14.41 -15.77 -20.21
C ALA E 22 13.47 -14.71 -19.64
N TYR E 23 12.25 -14.61 -20.16
CA TYR E 23 11.24 -13.60 -19.74
C TYR E 23 10.82 -13.85 -18.28
N GLN E 24 10.45 -15.09 -17.97
CA GLN E 24 9.95 -15.49 -16.62
C GLN E 24 11.08 -15.31 -15.59
N PHE E 25 12.28 -15.80 -15.88
CA PHE E 25 13.44 -15.72 -14.96
C PHE E 25 13.70 -14.26 -14.57
N THR E 26 13.76 -13.37 -15.56
CA THR E 26 14.01 -11.92 -15.34
C THR E 26 12.92 -11.38 -14.42
N SER E 27 11.67 -11.76 -14.66
N SER E 27 11.66 -11.76 -14.67
CA SER E 27 10.47 -11.35 -13.87
CA SER E 27 10.46 -11.37 -13.87
C SER E 27 10.60 -11.86 -12.43
C SER E 27 10.60 -11.86 -12.43
N HIS E 28 11.02 -13.12 -12.26
CA HIS E 28 11.17 -13.79 -10.94
C HIS E 28 12.31 -13.16 -10.13
N ILE E 29 13.45 -12.91 -10.75
CA ILE E 29 14.67 -12.40 -10.05
C ILE E 29 14.40 -10.97 -9.57
N LEU E 30 13.71 -10.16 -10.37
CA LEU E 30 13.35 -8.75 -9.99
C LEU E 30 12.30 -8.78 -8.87
N THR E 31 11.39 -9.76 -8.89
CA THR E 31 10.33 -9.93 -7.86
C THR E 31 10.99 -10.32 -6.53
N LEU E 32 11.90 -11.30 -6.56
CA LEU E 32 12.71 -11.70 -5.38
C LEU E 32 13.43 -10.47 -4.85
N GLY E 33 13.99 -9.67 -5.76
CA GLY E 33 14.72 -8.42 -5.44
C GLY E 33 13.95 -7.53 -4.47
N TYR E 34 12.74 -7.10 -4.83
CA TYR E 34 11.95 -6.15 -4.01
C TYR E 34 11.41 -6.85 -2.75
N ALA E 35 11.14 -8.15 -2.83
CA ALA E 35 10.65 -8.96 -1.68
C ALA E 35 11.72 -8.94 -0.58
N VAL E 36 12.98 -9.12 -0.96
CA VAL E 36 14.15 -9.14 -0.02
C VAL E 36 14.26 -7.78 0.68
N MET E 37 14.06 -6.69 -0.05
CA MET E 37 14.21 -5.31 0.48
C MET E 37 13.13 -5.02 1.52
N LEU E 38 11.89 -5.46 1.28
CA LEU E 38 10.76 -5.21 2.23
C LEU E 38 10.96 -6.08 3.48
N ALA E 39 11.47 -7.30 3.31
CA ALA E 39 11.78 -8.23 4.42
C ALA E 39 12.91 -7.64 5.26
N GLY E 40 13.94 -7.10 4.60
CA GLY E 40 15.09 -6.43 5.24
C GLY E 40 14.64 -5.23 6.05
N LEU E 41 13.76 -4.41 5.48
CA LEU E 41 13.20 -3.21 6.14
C LEU E 41 12.64 -3.62 7.50
N LEU E 42 11.83 -4.69 7.52
CA LEU E 42 11.16 -5.21 8.75
C LEU E 42 12.24 -5.64 9.75
N TYR E 43 13.26 -6.36 9.27
CA TYR E 43 14.36 -6.89 10.11
C TYR E 43 15.12 -5.74 10.79
N PHE E 44 15.46 -4.69 10.05
CA PHE E 44 16.29 -3.56 10.57
C PHE E 44 15.50 -2.75 11.60
N ILE E 45 14.20 -2.57 11.38
CA ILE E 45 13.30 -1.84 12.33
C ILE E 45 13.14 -2.67 13.62
N LEU E 46 12.88 -3.97 13.48
CA LEU E 46 12.56 -4.87 14.63
C LEU E 46 13.79 -5.15 15.50
N THR E 47 15.01 -4.92 15.01
CA THR E 47 16.27 -5.22 15.74
C THR E 47 16.97 -3.94 16.21
N ILE E 48 16.30 -2.79 16.08
N ILE E 48 16.32 -2.79 16.07
CA ILE E 48 16.86 -1.45 16.45
CA ILE E 48 16.91 -1.47 16.46
C ILE E 48 17.30 -1.47 17.92
C ILE E 48 17.34 -1.51 17.94
N LYS E 49 16.49 -2.04 18.82
CA LYS E 49 16.76 -2.05 20.28
C LYS E 49 17.70 -3.18 20.68
N ASN E 50 18.38 -3.82 19.73
CA ASN E 50 19.35 -4.92 20.02
C ASN E 50 20.76 -4.34 20.16
N VAL E 51 20.94 -3.05 19.92
CA VAL E 51 22.27 -2.38 19.97
C VAL E 51 22.17 -1.11 20.82
N ASP E 52 23.31 -0.64 21.35
CA ASP E 52 23.42 0.61 22.14
C ASP E 52 22.91 1.78 21.29
N LYS E 53 22.30 2.77 21.93
CA LYS E 53 21.71 3.99 21.30
C LYS E 53 22.64 4.54 20.21
N LYS E 54 23.95 4.58 20.48
CA LYS E 54 24.97 5.22 19.62
C LYS E 54 25.10 4.50 18.26
N PHE E 55 24.70 3.23 18.18
CA PHE E 55 24.83 2.39 16.95
C PHE E 55 23.50 2.30 16.18
N GLN E 56 22.40 2.80 16.76
CA GLN E 56 21.03 2.64 16.20
C GLN E 56 20.89 3.40 14.87
N MET E 57 21.70 4.43 14.63
CA MET E 57 21.65 5.21 13.37
C MET E 57 21.98 4.28 12.19
N SER E 58 22.75 3.21 12.43
CA SER E 58 23.12 2.20 11.40
C SER E 58 21.86 1.48 10.93
N ASN E 59 21.04 0.99 11.87
CA ASN E 59 19.75 0.32 11.59
C ASN E 59 18.85 1.26 10.79
N ILE E 60 18.79 2.52 11.22
CA ILE E 60 17.91 3.57 10.63
C ILE E 60 18.31 3.81 9.17
N LEU E 61 19.62 3.94 8.89
CA LEU E 61 20.12 4.18 7.51
C LEU E 61 19.92 2.93 6.65
N SER E 62 20.04 1.73 7.23
CA SER E 62 19.75 0.45 6.53
C SER E 62 18.28 0.47 6.10
N ALA E 63 17.39 0.87 7.01
CA ALA E 63 15.92 0.95 6.77
C ALA E 63 15.67 1.92 5.63
N VAL E 64 16.32 3.09 5.67
CA VAL E 64 16.20 4.15 4.63
C VAL E 64 16.56 3.55 3.27
N VAL E 65 17.67 2.82 3.20
CA VAL E 65 18.17 2.17 1.94
C VAL E 65 17.13 1.14 1.48
N MET E 66 16.58 0.33 2.40
CA MET E 66 15.58 -0.73 2.08
C MET E 66 14.36 -0.10 1.39
N VAL E 67 13.87 1.05 1.88
CA VAL E 67 12.70 1.78 1.30
C VAL E 67 13.02 2.14 -0.15
N SER E 68 14.18 2.78 -0.38
CA SER E 68 14.70 3.15 -1.71
C SER E 68 14.70 1.92 -2.63
N ALA E 69 15.38 0.85 -2.20
CA ALA E 69 15.57 -0.39 -2.98
C ALA E 69 14.21 -1.04 -3.30
N PHE E 70 13.33 -1.15 -2.30
CA PHE E 70 11.98 -1.76 -2.47
C PHE E 70 11.22 -1.03 -3.58
N LEU E 71 11.06 0.28 -3.43
CA LEU E 71 10.28 1.13 -4.37
C LEU E 71 10.82 0.98 -5.80
N LEU E 72 12.14 1.05 -5.96
CA LEU E 72 12.81 1.01 -7.29
C LEU E 72 12.65 -0.37 -7.92
N LEU E 73 13.00 -1.42 -7.18
CA LEU E 73 12.94 -2.82 -7.69
C LEU E 73 11.50 -3.19 -8.01
N TYR E 74 10.53 -2.68 -7.23
CA TYR E 74 9.08 -2.93 -7.48
C TYR E 74 8.71 -2.28 -8.82
N ALA E 75 9.07 -1.02 -9.00
CA ALA E 75 8.84 -0.23 -10.23
C ALA E 75 9.51 -0.93 -11.42
N GLN E 76 10.77 -1.34 -11.26
CA GLN E 76 11.58 -1.98 -12.33
C GLN E 76 10.95 -3.33 -12.73
N ALA E 77 10.44 -4.10 -11.76
CA ALA E 77 9.74 -5.39 -12.01
C ALA E 77 8.50 -5.14 -12.90
N GLN E 78 7.71 -4.11 -12.61
CA GLN E 78 6.49 -3.75 -13.38
C GLN E 78 6.90 -3.28 -14.78
N ASN E 79 7.99 -2.50 -14.87
CA ASN E 79 8.50 -1.95 -16.16
C ASN E 79 8.87 -3.11 -17.08
N TRP E 80 9.49 -4.17 -16.54
CA TRP E 80 9.91 -5.36 -17.31
C TRP E 80 8.68 -6.06 -17.94
N THR E 81 7.66 -6.36 -17.14
CA THR E 81 6.47 -7.15 -17.57
C THR E 81 5.63 -6.34 -18.57
N SER E 82 5.66 -5.01 -18.49
CA SER E 82 4.82 -4.13 -19.34
C SER E 82 5.51 -3.85 -20.69
N SER E 83 6.82 -4.06 -20.79
CA SER E 83 7.65 -3.71 -21.97
C SER E 83 7.78 -4.88 -22.96
N PHE E 84 7.48 -6.11 -22.53
CA PHE E 84 7.59 -7.32 -23.39
C PHE E 84 6.30 -8.12 -23.30
N THR E 85 5.72 -8.41 -24.47
CA THR E 85 4.41 -9.09 -24.63
C THR E 85 4.59 -10.35 -25.48
N PHE E 86 3.86 -11.42 -25.13
CA PHE E 86 3.94 -12.75 -25.79
C PHE E 86 3.32 -12.66 -27.18
N ASN E 87 4.03 -13.25 -28.16
CA ASN E 87 3.58 -13.43 -29.56
C ASN E 87 3.24 -14.92 -29.71
N GLU E 88 1.95 -15.24 -29.83
CA GLU E 88 1.42 -16.63 -29.83
C GLU E 88 1.85 -17.40 -31.09
N GLU E 89 2.17 -16.69 -32.18
CA GLU E 89 2.57 -17.30 -33.47
C GLU E 89 3.95 -17.97 -33.37
N VAL E 90 4.92 -17.34 -32.67
CA VAL E 90 6.32 -17.88 -32.57
C VAL E 90 6.61 -18.34 -31.14
N GLY E 91 5.79 -17.94 -30.16
CA GLY E 91 5.93 -18.35 -28.75
C GLY E 91 7.11 -17.67 -28.06
N ARG E 92 7.30 -16.37 -28.30
CA ARG E 92 8.36 -15.56 -27.66
C ARG E 92 7.78 -14.19 -27.28
N TYR E 93 8.40 -13.51 -26.32
CA TYR E 93 8.01 -12.16 -25.85
C TYR E 93 8.82 -11.13 -26.65
N PHE E 94 8.14 -10.17 -27.27
CA PHE E 94 8.75 -9.11 -28.11
C PHE E 94 8.48 -7.75 -27.47
N LEU E 95 9.35 -6.79 -27.77
CA LEU E 95 9.22 -5.39 -27.32
C LEU E 95 7.79 -4.93 -27.60
N ASP E 96 7.09 -4.47 -26.56
CA ASP E 96 5.74 -3.85 -26.66
C ASP E 96 5.91 -2.37 -26.36
N PRO E 97 6.01 -1.50 -27.40
CA PRO E 97 6.31 -0.09 -27.22
C PRO E 97 5.32 0.70 -26.35
N SER E 98 4.06 0.25 -26.27
CA SER E 98 2.97 0.89 -25.49
C SER E 98 3.31 0.83 -23.99
N GLY E 99 4.21 -0.06 -23.59
CA GLY E 99 4.65 -0.22 -22.19
C GLY E 99 5.90 0.60 -21.91
N ASP E 100 6.38 1.36 -22.89
CA ASP E 100 7.64 2.14 -22.84
C ASP E 100 8.82 1.19 -23.08
N LEU E 101 9.98 1.72 -23.46
CA LEU E 101 11.22 0.92 -23.57
C LEU E 101 11.70 0.61 -22.15
N PHE E 102 12.39 -0.51 -21.95
CA PHE E 102 12.99 -0.89 -20.66
C PHE E 102 14.28 -0.08 -20.51
N ASN E 103 14.56 0.42 -19.30
CA ASN E 103 15.78 1.21 -19.03
C ASN E 103 16.25 0.90 -17.59
N ASN E 104 17.53 0.59 -17.43
CA ASN E 104 18.19 0.27 -16.14
C ASN E 104 18.47 1.56 -15.36
N GLY E 105 18.31 2.72 -16.02
CA GLY E 105 18.57 4.05 -15.47
C GLY E 105 17.84 4.30 -14.16
N TYR E 106 16.66 3.70 -13.96
CA TYR E 106 15.88 3.79 -12.70
C TYR E 106 16.80 3.49 -11.52
N ARG E 107 17.52 2.38 -11.58
CA ARG E 107 18.51 1.92 -10.56
C ARG E 107 19.51 3.04 -10.25
N TYR E 108 20.15 3.57 -11.30
CA TYR E 108 21.26 4.54 -11.21
C TYR E 108 20.87 5.72 -10.32
N LEU E 109 19.76 6.39 -10.63
CA LEU E 109 19.32 7.61 -9.90
C LEU E 109 18.96 7.28 -8.45
N ASN E 110 18.47 6.07 -8.17
CA ASN E 110 18.14 5.65 -6.78
C ASN E 110 19.43 5.34 -6.02
N TRP E 111 20.55 5.11 -6.71
CA TRP E 111 21.88 4.91 -6.09
C TRP E 111 22.33 6.23 -5.42
N LEU E 112 21.78 7.37 -5.87
CA LEU E 112 22.01 8.71 -5.26
C LEU E 112 21.55 8.68 -3.79
N ILE E 113 20.68 7.73 -3.44
CA ILE E 113 20.25 7.49 -2.02
C ILE E 113 21.16 6.41 -1.43
N ASP E 114 21.17 5.22 -2.06
CA ASP E 114 21.82 3.98 -1.57
C ASP E 114 23.31 4.22 -1.27
N VAL E 115 24.10 4.64 -2.26
CA VAL E 115 25.58 4.77 -2.18
C VAL E 115 25.97 5.69 -1.03
N PRO E 116 25.49 6.96 -1.00
CA PRO E 116 25.86 7.87 0.08
C PRO E 116 25.52 7.33 1.48
N MET E 117 24.35 6.69 1.62
CA MET E 117 23.84 6.17 2.92
C MET E 117 24.64 4.92 3.34
N LEU E 118 24.93 4.02 2.40
CA LEU E 118 25.69 2.76 2.66
C LEU E 118 27.10 3.11 3.14
N LEU E 119 27.74 4.11 2.53
CA LEU E 119 29.10 4.57 2.87
C LEU E 119 29.09 5.30 4.21
N PHE E 120 28.06 6.13 4.43
CA PHE E 120 27.91 6.98 5.63
C PHE E 120 27.71 6.13 6.88
N GLN E 121 26.87 5.08 6.79
CA GLN E 121 26.38 4.33 7.97
C GLN E 121 27.52 3.61 8.70
N ILE E 122 28.59 3.19 8.00
CA ILE E 122 29.73 2.46 8.65
C ILE E 122 30.42 3.40 9.65
N LEU E 123 30.38 4.72 9.40
CA LEU E 123 31.03 5.77 10.23
C LEU E 123 30.31 5.92 11.58
N PHE E 124 29.19 5.23 11.79
CA PHE E 124 28.39 5.29 13.04
C PHE E 124 28.68 4.06 13.91
N VAL E 125 29.46 3.11 13.37
CA VAL E 125 29.78 1.83 14.06
C VAL E 125 31.27 1.80 14.40
N VAL E 126 32.14 2.17 13.45
CA VAL E 126 33.62 2.16 13.64
C VAL E 126 34.06 3.52 14.15
N SER E 127 35.20 3.54 14.85
CA SER E 127 35.88 4.76 15.35
C SER E 127 37.12 5.01 14.49
N LEU E 128 37.19 6.19 13.87
CA LEU E 128 38.37 6.62 13.06
C LEU E 128 39.49 6.98 14.03
N THR E 129 40.74 6.83 13.60
CA THR E 129 41.95 7.16 14.40
C THR E 129 42.60 8.40 13.79
N THR E 130 43.25 8.25 12.63
CA THR E 130 43.99 9.33 11.91
C THR E 130 43.03 10.23 11.12
N SER E 131 42.02 9.65 10.46
CA SER E 131 41.11 10.33 9.51
C SER E 131 40.03 11.14 10.25
N LYS E 132 39.60 12.26 9.64
CA LYS E 132 38.52 13.13 10.13
C LYS E 132 37.19 12.62 9.56
N PHE E 133 36.17 12.48 10.43
CA PHE E 133 34.81 11.99 10.10
C PHE E 133 34.26 12.77 8.89
N SER E 134 34.21 14.09 9.00
CA SER E 134 33.65 15.03 7.99
C SER E 134 34.38 14.88 6.65
N SER E 135 35.71 14.70 6.69
CA SER E 135 36.57 14.58 5.49
C SER E 135 36.22 13.30 4.72
N VAL E 136 36.16 12.16 5.42
CA VAL E 136 35.82 10.83 4.84
C VAL E 136 34.41 10.90 4.24
N ARG E 137 33.45 11.41 5.01
CA ARG E 137 32.03 11.56 4.58
C ARG E 137 31.97 12.33 3.26
N ASN E 138 32.63 13.49 3.19
CA ASN E 138 32.62 14.42 2.02
C ASN E 138 33.23 13.72 0.79
N GLN E 139 34.31 12.95 0.97
CA GLN E 139 34.98 12.23 -0.13
C GLN E 139 34.04 11.14 -0.66
N PHE E 140 33.44 10.37 0.24
CA PHE E 140 32.46 9.30 -0.10
C PHE E 140 31.31 9.89 -0.93
N TRP E 141 30.73 10.98 -0.45
CA TRP E 141 29.52 11.64 -1.05
C TRP E 141 29.85 12.26 -2.41
N PHE E 142 30.97 12.97 -2.53
CA PHE E 142 31.39 13.60 -3.81
C PHE E 142 31.70 12.52 -4.85
N SER E 143 32.60 11.59 -4.52
CA SER E 143 33.04 10.51 -5.44
C SER E 143 31.85 9.59 -5.78
N GLY E 144 31.00 9.31 -4.80
CA GLY E 144 29.78 8.51 -4.99
C GLY E 144 28.87 9.12 -6.05
N ALA E 145 28.56 10.41 -5.90
CA ALA E 145 27.68 11.18 -6.80
C ALA E 145 28.25 11.17 -8.22
N MET E 146 29.54 11.51 -8.37
CA MET E 146 30.23 11.60 -9.70
C MET E 146 30.25 10.22 -10.36
N MET E 147 30.50 9.15 -9.58
CA MET E 147 30.54 7.76 -10.08
C MET E 147 29.19 7.42 -10.72
N ILE E 148 28.10 7.72 -10.01
CA ILE E 148 26.70 7.38 -10.41
C ILE E 148 26.31 8.19 -11.66
N ILE E 149 26.46 9.51 -11.60
CA ILE E 149 26.02 10.47 -12.67
C ILE E 149 26.73 10.13 -13.99
N THR E 150 28.04 9.89 -13.97
CA THR E 150 28.86 9.59 -15.19
C THR E 150 28.40 8.23 -15.76
N GLY E 151 28.18 7.23 -14.90
CA GLY E 151 27.68 5.91 -15.31
C GLY E 151 26.28 6.00 -15.90
N TYR E 152 25.43 6.85 -15.33
CA TYR E 152 24.02 7.08 -15.75
C TYR E 152 24.00 7.56 -17.21
N ILE E 153 24.86 8.53 -17.52
CA ILE E 153 25.02 9.12 -18.88
C ILE E 153 25.49 8.02 -19.83
N GLY E 154 26.50 7.24 -19.40
CA GLY E 154 27.15 6.19 -20.22
C GLY E 154 26.18 5.12 -20.69
N GLN E 155 25.30 4.64 -19.80
CA GLN E 155 24.42 3.45 -20.05
C GLN E 155 23.39 3.74 -21.14
N PHE E 156 23.09 5.02 -21.41
CA PHE E 156 22.14 5.44 -22.47
C PHE E 156 22.73 5.16 -23.86
N TYR E 157 24.04 4.94 -23.94
CA TYR E 157 24.80 4.79 -25.21
C TYR E 157 25.37 3.39 -25.36
N GLU E 158 24.94 2.44 -24.51
CA GLU E 158 25.51 1.07 -24.47
C GLU E 158 25.31 0.38 -25.84
N VAL E 159 24.41 0.88 -26.68
CA VAL E 159 24.17 0.32 -28.04
C VAL E 159 24.43 1.38 -29.11
N SER E 160 23.87 2.59 -28.94
CA SER E 160 23.89 3.68 -29.94
C SER E 160 25.29 4.25 -30.16
N ASN E 161 26.20 4.13 -29.18
CA ASN E 161 27.55 4.77 -29.26
C ASN E 161 28.50 4.11 -28.25
N LEU E 162 29.14 3.02 -28.65
CA LEU E 162 30.03 2.17 -27.81
C LEU E 162 31.17 3.00 -27.21
N THR E 163 31.66 4.00 -27.96
CA THR E 163 32.80 4.89 -27.55
C THR E 163 32.41 5.68 -26.30
N ALA E 164 31.32 6.47 -26.38
CA ALA E 164 30.79 7.27 -25.25
C ALA E 164 30.55 6.35 -24.05
N PHE E 165 29.93 5.19 -24.29
CA PHE E 165 29.62 4.14 -23.28
C PHE E 165 30.89 3.81 -22.47
N LEU E 166 32.00 3.55 -23.14
CA LEU E 166 33.29 3.13 -22.51
C LEU E 166 33.98 4.32 -21.83
N VAL E 167 33.99 5.50 -22.47
CA VAL E 167 34.65 6.72 -21.92
C VAL E 167 34.00 7.10 -20.59
N TRP E 168 32.68 7.26 -20.57
CA TRP E 168 31.90 7.61 -19.35
C TRP E 168 32.11 6.53 -18.29
N GLY E 169 32.14 5.26 -18.71
CA GLY E 169 32.40 4.12 -17.81
C GLY E 169 33.76 4.23 -17.16
N ALA E 170 34.78 4.62 -17.94
CA ALA E 170 36.19 4.78 -17.50
C ALA E 170 36.28 5.91 -16.46
N ILE E 171 35.71 7.07 -16.78
CA ILE E 171 35.67 8.26 -15.86
C ILE E 171 35.03 7.81 -14.54
N SER E 172 33.90 7.10 -14.62
CA SER E 172 33.13 6.58 -13.47
C SER E 172 34.04 5.68 -12.61
N SER E 173 34.82 4.80 -13.25
CA SER E 173 35.73 3.83 -12.60
C SER E 173 36.77 4.56 -11.74
N ALA E 174 37.26 5.71 -12.20
CA ALA E 174 38.23 6.56 -11.47
C ALA E 174 37.67 6.88 -10.08
N PHE E 175 36.43 7.36 -10.01
CA PHE E 175 35.73 7.73 -8.75
C PHE E 175 35.50 6.47 -7.89
N PHE E 176 35.22 5.33 -8.54
CA PHE E 176 35.02 4.02 -7.86
C PHE E 176 36.30 3.64 -7.11
N PHE E 177 37.46 3.72 -7.77
CA PHE E 177 38.78 3.35 -7.20
C PHE E 177 39.06 4.24 -5.97
N HIS E 178 38.70 5.53 -6.05
CA HIS E 178 38.86 6.50 -4.93
C HIS E 178 38.04 6.01 -3.72
N ILE E 179 36.78 5.61 -3.96
CA ILE E 179 35.87 5.11 -2.89
C ILE E 179 36.50 3.87 -2.23
N LEU E 180 36.97 2.91 -3.04
CA LEU E 180 37.62 1.66 -2.55
C LEU E 180 38.79 2.05 -1.65
N TRP E 181 39.58 3.03 -2.06
CA TRP E 181 40.77 3.54 -1.33
C TRP E 181 40.34 4.02 0.06
N VAL E 182 39.42 4.99 0.12
CA VAL E 182 38.91 5.61 1.37
C VAL E 182 38.29 4.52 2.27
N MET E 183 37.49 3.62 1.71
CA MET E 183 36.81 2.55 2.49
C MET E 183 37.88 1.65 3.14
N LYS E 184 38.95 1.33 2.42
CA LYS E 184 40.07 0.49 2.93
C LYS E 184 40.65 1.16 4.18
N LYS E 185 40.93 2.47 4.12
CA LYS E 185 41.44 3.27 5.26
C LYS E 185 40.49 3.13 6.45
N VAL E 186 39.19 3.37 6.21
CA VAL E 186 38.12 3.34 7.25
C VAL E 186 38.12 1.96 7.93
N ILE E 187 38.22 0.88 7.15
CA ILE E 187 38.21 -0.52 7.67
C ILE E 187 39.42 -0.73 8.59
N ASN E 188 40.61 -0.29 8.15
CA ASN E 188 41.89 -0.44 8.88
C ASN E 188 41.82 0.33 10.22
N GLU E 189 41.43 1.61 10.17
CA GLU E 189 41.28 2.46 11.38
C GLU E 189 40.18 1.87 12.29
N GLY E 190 39.14 1.29 11.68
CA GLY E 190 38.02 0.66 12.41
C GLY E 190 38.48 -0.55 13.22
N LYS E 191 39.43 -1.33 12.67
CA LYS E 191 40.01 -2.54 13.31
C LYS E 191 40.82 -2.17 14.55
N GLU E 192 41.44 -0.98 14.56
CA GLU E 192 42.28 -0.49 15.68
C GLU E 192 41.40 -0.29 16.94
N GLY E 193 41.77 -0.95 18.04
CA GLY E 193 41.17 -0.76 19.37
C GLY E 193 39.87 -1.50 19.59
N ILE E 194 39.60 -2.59 18.85
CA ILE E 194 38.38 -3.44 19.05
C ILE E 194 38.82 -4.91 19.14
N SER E 195 37.96 -5.77 19.69
CA SER E 195 38.23 -7.22 19.91
C SER E 195 38.51 -7.93 18.59
N PRO E 196 39.26 -9.04 18.63
CA PRO E 196 39.53 -9.84 17.43
C PRO E 196 38.25 -10.27 16.69
N ALA E 197 37.16 -10.52 17.43
CA ALA E 197 35.83 -10.88 16.88
C ALA E 197 35.34 -9.75 15.98
N GLY E 198 35.40 -8.51 16.47
CA GLY E 198 35.02 -7.30 15.71
C GLY E 198 35.88 -7.13 14.47
N GLN E 199 37.18 -7.41 14.60
CA GLN E 199 38.16 -7.28 13.50
C GLN E 199 37.83 -8.29 12.40
N LYS E 200 37.44 -9.52 12.79
CA LYS E 200 37.05 -10.61 11.86
C LYS E 200 35.86 -10.12 11.02
N ILE E 201 34.83 -9.56 11.65
CA ILE E 201 33.59 -9.07 10.99
C ILE E 201 33.96 -7.95 10.00
N LEU E 202 34.78 -6.99 10.41
CA LEU E 202 35.23 -5.88 9.53
C LEU E 202 35.98 -6.43 8.31
N SER E 203 36.73 -7.52 8.48
CA SER E 203 37.48 -8.19 7.38
C SER E 203 36.46 -8.75 6.37
N ASN E 204 35.42 -9.41 6.88
CA ASN E 204 34.31 -9.99 6.07
C ASN E 204 33.57 -8.86 5.34
N ILE E 205 33.30 -7.76 6.04
CA ILE E 205 32.60 -6.56 5.46
C ILE E 205 33.41 -6.07 4.26
N TRP E 206 34.73 -5.99 4.38
CA TRP E 206 35.64 -5.48 3.32
C TRP E 206 35.55 -6.37 2.08
N ILE E 207 35.60 -7.70 2.26
CA ILE E 207 35.50 -8.69 1.16
C ILE E 207 34.14 -8.53 0.46
N LEU E 208 33.05 -8.56 1.24
CA LEU E 208 31.67 -8.38 0.77
C LEU E 208 31.57 -7.07 -0.04
N PHE E 209 32.03 -5.96 0.53
CA PHE E 209 32.01 -4.62 -0.11
C PHE E 209 32.71 -4.69 -1.47
N LEU E 210 33.93 -5.24 -1.48
CA LEU E 210 34.81 -5.29 -2.68
C LEU E 210 34.11 -6.05 -3.82
N ILE E 211 33.70 -7.29 -3.56
CA ILE E 211 33.05 -8.19 -4.57
C ILE E 211 31.70 -7.59 -5.01
N SER E 212 30.81 -7.28 -4.06
CA SER E 212 29.42 -6.85 -4.33
C SER E 212 29.40 -5.54 -5.14
N TRP E 213 30.28 -4.58 -4.83
CA TRP E 213 30.32 -3.26 -5.51
C TRP E 213 30.93 -3.39 -6.90
N THR E 214 31.80 -4.38 -7.11
CA THR E 214 32.48 -4.64 -8.40
C THR E 214 31.48 -5.24 -9.38
N LEU E 215 30.47 -5.96 -8.88
CA LEU E 215 29.40 -6.60 -9.71
C LEU E 215 28.64 -5.55 -10.54
N TYR E 216 28.48 -4.33 -10.01
CA TYR E 216 27.72 -3.23 -10.69
C TYR E 216 28.39 -2.86 -12.01
N PRO E 217 29.69 -2.52 -12.05
CA PRO E 217 30.38 -2.30 -13.33
C PRO E 217 30.33 -3.58 -14.20
N GLY E 218 30.29 -4.76 -13.58
CA GLY E 218 30.14 -6.03 -14.29
C GLY E 218 28.84 -6.06 -15.08
N ALA E 219 27.74 -5.65 -14.42
CA ALA E 219 26.37 -5.55 -15.01
C ALA E 219 26.38 -4.53 -16.15
N TYR E 220 27.11 -3.42 -15.97
CA TYR E 220 27.29 -2.33 -16.98
C TYR E 220 27.84 -2.92 -18.28
N LEU E 221 28.93 -3.69 -18.20
CA LEU E 221 29.67 -4.24 -19.37
C LEU E 221 29.05 -5.55 -19.87
N MET E 222 28.18 -6.18 -19.06
CA MET E 222 27.64 -7.55 -19.28
C MET E 222 27.46 -7.87 -20.77
N PRO E 223 26.69 -7.08 -21.55
CA PRO E 223 26.40 -7.45 -22.95
C PRO E 223 27.62 -7.64 -23.84
N TYR E 224 28.77 -7.07 -23.46
CA TYR E 224 30.01 -7.04 -24.28
C TYR E 224 31.16 -7.82 -23.64
N LEU E 225 30.92 -8.54 -22.54
CA LEU E 225 31.99 -9.27 -21.81
C LEU E 225 32.50 -10.46 -22.64
N THR E 226 31.78 -10.84 -23.70
CA THR E 226 32.18 -11.91 -24.66
C THR E 226 32.34 -11.27 -26.05
N GLY E 227 32.66 -9.98 -26.08
CA GLY E 227 32.88 -9.19 -27.31
C GLY E 227 31.58 -8.92 -28.06
N VAL E 228 31.66 -8.09 -29.10
CA VAL E 228 30.53 -7.77 -30.03
C VAL E 228 30.04 -9.08 -30.65
N ASP E 229 28.72 -9.27 -30.73
CA ASP E 229 28.07 -10.49 -31.29
C ASP E 229 28.59 -11.73 -30.57
N GLY E 230 28.81 -11.64 -29.25
CA GLY E 230 29.22 -12.78 -28.40
C GLY E 230 28.03 -13.49 -27.79
N PHE E 231 28.28 -14.58 -27.06
CA PHE E 231 27.27 -15.41 -26.36
C PHE E 231 26.35 -14.52 -25.51
N LEU E 232 26.89 -13.48 -24.87
CA LEU E 232 26.18 -12.63 -23.88
C LEU E 232 25.36 -11.52 -24.57
N TYR E 233 25.61 -11.22 -25.84
CA TYR E 233 24.79 -10.23 -26.59
C TYR E 233 23.55 -10.96 -27.12
N SER E 234 22.70 -11.38 -26.17
CA SER E 234 21.51 -12.23 -26.38
C SER E 234 20.60 -12.14 -25.15
N GLU E 235 19.56 -12.97 -25.08
CA GLU E 235 18.63 -13.04 -23.92
C GLU E 235 19.41 -13.59 -22.71
N ASP E 236 20.47 -14.35 -22.97
CA ASP E 236 21.37 -14.93 -21.92
C ASP E 236 22.03 -13.78 -21.16
N GLY E 237 22.50 -12.76 -21.88
CA GLY E 237 23.13 -11.56 -21.29
C GLY E 237 22.11 -10.75 -20.51
N VAL E 238 20.88 -10.69 -21.01
CA VAL E 238 19.75 -9.97 -20.35
C VAL E 238 19.52 -10.63 -18.98
N MET E 239 19.40 -11.96 -18.96
CA MET E 239 19.18 -12.75 -17.74
C MET E 239 20.35 -12.50 -16.77
N ALA E 240 21.58 -12.61 -17.28
CA ALA E 240 22.84 -12.50 -16.51
C ALA E 240 22.92 -11.13 -15.84
N ARG E 241 22.62 -10.07 -16.58
CA ARG E 241 22.68 -8.66 -16.10
C ARG E 241 21.77 -8.49 -14.87
N GLN E 242 20.50 -8.87 -14.98
CA GLN E 242 19.48 -8.69 -13.91
C GLN E 242 19.81 -9.62 -12.73
N LEU E 243 20.33 -10.82 -13.00
CA LEU E 243 20.76 -11.77 -11.95
C LEU E 243 21.89 -11.12 -11.14
N VAL E 244 22.91 -10.63 -11.82
CA VAL E 244 24.11 -9.99 -11.20
C VAL E 244 23.65 -8.79 -10.37
N TYR E 245 22.78 -7.93 -10.90
CA TYR E 245 22.21 -6.76 -10.17
C TYR E 245 21.57 -7.23 -8.87
N THR E 246 20.75 -8.29 -8.92
CA THR E 246 20.01 -8.80 -7.75
C THR E 246 20.99 -9.33 -6.70
N ILE E 247 22.00 -10.09 -7.13
CA ILE E 247 23.05 -10.63 -6.22
C ILE E 247 23.78 -9.45 -5.57
N ALA E 248 24.12 -8.43 -6.35
CA ALA E 248 24.84 -7.22 -5.89
C ALA E 248 23.97 -6.44 -4.91
N ASP E 249 22.69 -6.24 -5.23
CA ASP E 249 21.72 -5.47 -4.40
C ASP E 249 21.58 -6.13 -3.02
N VAL E 250 21.36 -7.44 -2.97
CA VAL E 250 21.14 -8.21 -1.70
C VAL E 250 22.41 -8.14 -0.84
N SER E 251 23.58 -8.36 -1.47
CA SER E 251 24.91 -8.40 -0.81
C SER E 251 25.27 -7.00 -0.27
N SER E 252 25.22 -5.98 -1.13
CA SER E 252 25.68 -4.60 -0.85
C SER E 252 24.76 -3.88 0.14
N VAL E 254 21.53 -5.54 2.03
CA VAL E 254 20.93 -6.32 3.09
C VAL E 254 22.03 -7.00 3.92
N ILE E 255 22.87 -7.81 3.29
CA ILE E 255 23.91 -8.62 4.00
C ILE E 255 24.91 -7.66 4.67
N TYR E 256 25.33 -6.62 3.96
CA TYR E 256 26.20 -5.53 4.49
C TYR E 256 25.58 -4.96 5.78
N GLY E 257 24.29 -4.61 5.73
CA GLY E 257 23.54 -4.07 6.87
C GLY E 257 23.51 -5.04 8.06
N VAL E 258 23.31 -6.32 7.78
CA VAL E 258 23.28 -7.40 8.82
C VAL E 258 24.65 -7.47 9.51
N LEU E 259 25.73 -7.51 8.72
CA LEU E 259 27.13 -7.59 9.24
C LEU E 259 27.43 -6.37 10.12
N LEU E 260 27.05 -5.17 9.68
CA LEU E 260 27.25 -3.92 10.48
C LEU E 260 26.50 -4.06 11.79
N GLY E 261 25.28 -4.61 11.75
CA GLY E 261 24.46 -4.85 12.96
C GLY E 261 25.15 -5.79 13.92
N ASN E 262 25.72 -6.88 13.40
CA ASN E 262 26.45 -7.92 14.18
C ASN E 262 27.69 -7.27 14.82
N LEU E 263 28.39 -6.41 14.07
CA LEU E 263 29.57 -5.66 14.58
C LEU E 263 29.12 -4.76 15.75
N ALA E 264 28.01 -4.03 15.56
CA ALA E 264 27.42 -3.12 16.55
C ALA E 264 27.12 -3.90 17.84
N ILE E 265 26.59 -5.11 17.72
CA ILE E 265 26.26 -5.99 18.88
C ILE E 265 27.55 -6.36 19.63
N THR E 266 28.59 -6.77 18.88
CA THR E 266 29.93 -7.16 19.42
C THR E 266 30.54 -5.98 20.19
N LEU E 267 30.33 -4.75 19.73
CA LEU E 267 30.91 -3.52 20.34
C LEU E 267 30.01 -3.02 21.49
N SER E 268 28.75 -3.45 21.56
CA SER E 268 27.76 -3.00 22.57
C SER E 268 28.11 -3.59 23.95
#